data_3GK1
# 
_entry.id   3GK1 
# 
_audit_conform.dict_name       mmcif_pdbx.dic 
_audit_conform.dict_version    5.378 
_audit_conform.dict_location   http://mmcif.pdb.org/dictionaries/ascii/mmcif_pdbx.dic 
# 
loop_
_database_2.database_id 
_database_2.database_code 
_database_2.pdbx_database_accession 
_database_2.pdbx_DOI 
PDB   3GK1         pdb_00003gk1 10.2210/pdb3gk1/pdb 
RCSB  RCSB051957   ?            ?                   
WWPDB D_1000051957 ?            ?                   
# 
loop_
_pdbx_database_related.db_name 
_pdbx_database_related.db_id 
_pdbx_database_related.details 
_pdbx_database_related.content_type 
PDB 1MHO 'THE 2.0 A STRUCTURE OF HOLO S100B FROM BOVINE BRAIN'                                                           
unspecified 
PDB 3CR2 'X-ray structure of bovine Zn(2+),Ca(2+)-S100B'                                                                 
unspecified 
PDB 3CR4 'X-ray structure of bovine Pnt,Ca(2+)-S100B'                                                                    
unspecified 
PDB 3CR5 'X-ray structure of bovine Pnt-Zn(2+),Ca(2+)-S100B'                                                             
unspecified 
PDB 1DT7 'SOLUTION STRUCTURE OF THE C-TERMINAL NEGATIVE REGULATORY DOMAIN OF P53 IN A COMPLEX WITH CA2+-BOUND S100B(BB)' 
unspecified 
PDB 3GK2 .                                                                                                               
unspecified 
PDB 3GK4 .                                                                                                               
unspecified 
# 
_pdbx_database_status.entry_id                        3GK1 
_pdbx_database_status.deposit_site                    RCSB 
_pdbx_database_status.process_site                    RCSB 
_pdbx_database_status.recvd_initial_deposition_date   2009-03-09 
_pdbx_database_status.status_code                     REL 
_pdbx_database_status.status_code_sf                  REL 
_pdbx_database_status.status_code_mr                  ? 
_pdbx_database_status.SG_entry                        ? 
_pdbx_database_status.pdb_format_compatible           Y 
_pdbx_database_status.status_code_cs                  ? 
_pdbx_database_status.methods_development_category    ? 
_pdbx_database_status.status_code_nmr_data            ? 
# 
loop_
_audit_author.name 
_audit_author.pdbx_ordinal 
_audit_author.identifier_ORCID 
'Charpentier, T.H.' 1 ? 
'Weber, D.J.'       2 ? 
'Toth, E.A.'        3 ? 
# 
_citation.id                        primary 
_citation.title                     
;Small molecules bound to unique sites in the target protein binding cleft of calcium-bound S100B as characterized by nuclear magnetic resonance and X-ray crystallography.
;
_citation.journal_abbrev            Biochemistry 
_citation.journal_volume            48 
_citation.page_first                6202 
_citation.page_last                 6212 
_citation.year                      2009 
_citation.journal_id_ASTM           BICHAW 
_citation.country                   US 
_citation.journal_id_ISSN           0006-2960 
_citation.journal_id_CSD            0033 
_citation.book_publisher            ? 
_citation.pdbx_database_id_PubMed   19469484 
_citation.pdbx_database_id_DOI      10.1021/bi9005754 
# 
loop_
_citation_author.citation_id 
_citation_author.name 
_citation_author.ordinal 
_citation_author.identifier_ORCID 
primary 'Charpentier, T.H.' 1  ? 
primary 'Wilder, P.T.'      2  ? 
primary 'Liriano, M.A.'     3  ? 
primary 'Varney, K.M.'      4  ? 
primary 'Zhong, S.'         5  ? 
primary 'Coop, A.'          6  ? 
primary 'Pozharski, E.'     7  ? 
primary 'MacKerell, A.D.'   8  ? 
primary 'Toth, E.A.'        9  ? 
primary 'Weber, D.J.'       10 ? 
# 
_cell.length_a           34.666 
_cell.length_b           90.778 
_cell.length_c           58.994 
_cell.angle_alpha        90.000 
_cell.angle_beta         90.000 
_cell.angle_gamma        90.000 
_cell.entry_id           3GK1 
_cell.pdbx_unique_axis   ? 
_cell.Z_PDB              8 
_cell.length_a_esd       ? 
_cell.length_b_esd       ? 
_cell.length_c_esd       ? 
_cell.angle_alpha_esd    ? 
_cell.angle_beta_esd     ? 
_cell.angle_gamma_esd    ? 
# 
_symmetry.space_group_name_H-M             'C 2 2 21' 
_symmetry.entry_id                         3GK1 
_symmetry.Int_Tables_number                20 
_symmetry.pdbx_full_space_group_name_H-M   ? 
_symmetry.cell_setting                     ? 
_symmetry.space_group_name_Hall            ? 
# 
loop_
_entity.id 
_entity.type 
_entity.src_method 
_entity.pdbx_description 
_entity.formula_weight 
_entity.pdbx_number_of_molecules 
_entity.pdbx_ec 
_entity.pdbx_mutation 
_entity.pdbx_fragment 
_entity.details 
1 polymer     man 'Protein S100-B'                                                          10681.974 1  ? ? ? ? 
2 non-polymer syn 'CALCIUM ION'                                                             40.078    2  ? ? ? ? 
3 non-polymer syn '2-[(5-hex-1-yn-1-ylfuran-2-yl)carbonyl]-N-methylhydrazinecarbothioamide' 279.358   1  ? ? ? ? 
4 non-polymer syn 'CACODYLATE ION'                                                          136.989   1  ? ? ? ? 
5 water       nat water                                                                     18.015    37 ? ? ? ? 
# 
_entity_name_com.entity_id   1 
_entity_name_com.name        'S100 calcium-binding protein B, S-100 protein subunit beta, S-100 protein beta chain' 
# 
_entity_poly.entity_id                      1 
_entity_poly.type                           'polypeptide(L)' 
_entity_poly.nstd_linkage                   no 
_entity_poly.nstd_monomer                   no 
_entity_poly.pdbx_seq_one_letter_code       
;MSELEKAVVALIDVFHQYSGREGDKHKLKKSELKELINNELSHFLEEIKEQEVVDKVMETLDSDGDGECDFQEFMAFVAM
ITTACHEFFEHE
;
_entity_poly.pdbx_seq_one_letter_code_can   
;MSELEKAVVALIDVFHQYSGREGDKHKLKKSELKELINNELSHFLEEIKEQEVVDKVMETLDSDGDGECDFQEFMAFVAM
ITTACHEFFEHE
;
_entity_poly.pdbx_strand_id                 A 
_entity_poly.pdbx_target_identifier         ? 
# 
loop_
_entity_poly_seq.entity_id 
_entity_poly_seq.num 
_entity_poly_seq.mon_id 
_entity_poly_seq.hetero 
1 1  MET n 
1 2  SER n 
1 3  GLU n 
1 4  LEU n 
1 5  GLU n 
1 6  LYS n 
1 7  ALA n 
1 8  VAL n 
1 9  VAL n 
1 10 ALA n 
1 11 LEU n 
1 12 ILE n 
1 13 ASP n 
1 14 VAL n 
1 15 PHE n 
1 16 HIS n 
1 17 GLN n 
1 18 TYR n 
1 19 SER n 
1 20 GLY n 
1 21 ARG n 
1 22 GLU n 
1 23 GLY n 
1 24 ASP n 
1 25 LYS n 
1 26 HIS n 
1 27 LYS n 
1 28 LEU n 
1 29 LYS n 
1 30 LYS n 
1 31 SER n 
1 32 GLU n 
1 33 LEU n 
1 34 LYS n 
1 35 GLU n 
1 36 LEU n 
1 37 ILE n 
1 38 ASN n 
1 39 ASN n 
1 40 GLU n 
1 41 LEU n 
1 42 SER n 
1 43 HIS n 
1 44 PHE n 
1 45 LEU n 
1 46 GLU n 
1 47 GLU n 
1 48 ILE n 
1 49 LYS n 
1 50 GLU n 
1 51 GLN n 
1 52 GLU n 
1 53 VAL n 
1 54 VAL n 
1 55 ASP n 
1 56 LYS n 
1 57 VAL n 
1 58 MET n 
1 59 GLU n 
1 60 THR n 
1 61 LEU n 
1 62 ASP n 
1 63 SER n 
1 64 ASP n 
1 65 GLY n 
1 66 ASP n 
1 67 GLY n 
1 68 GLU n 
1 69 CYS n 
1 70 ASP n 
1 71 PHE n 
1 72 GLN n 
1 73 GLU n 
1 74 PHE n 
1 75 MET n 
1 76 ALA n 
1 77 PHE n 
1 78 VAL n 
1 79 ALA n 
1 80 MET n 
1 81 ILE n 
1 82 THR n 
1 83 THR n 
1 84 ALA n 
1 85 CYS n 
1 86 HIS n 
1 87 GLU n 
1 88 PHE n 
1 89 PHE n 
1 90 GLU n 
1 91 HIS n 
1 92 GLU n 
# 
_entity_src_gen.entity_id                          1 
_entity_src_gen.pdbx_src_id                        1 
_entity_src_gen.pdbx_alt_source_flag               sample 
_entity_src_gen.pdbx_seq_type                      ? 
_entity_src_gen.pdbx_beg_seq_num                   ? 
_entity_src_gen.pdbx_end_seq_num                   ? 
_entity_src_gen.gene_src_common_name               'bovine,cow,domestic cattle,domestic cow' 
_entity_src_gen.gene_src_genus                     ? 
_entity_src_gen.pdbx_gene_src_gene                 S100B 
_entity_src_gen.gene_src_species                   ? 
_entity_src_gen.gene_src_strain                    ? 
_entity_src_gen.gene_src_tissue                    ? 
_entity_src_gen.gene_src_tissue_fraction           ? 
_entity_src_gen.gene_src_details                   ? 
_entity_src_gen.pdbx_gene_src_fragment             ? 
_entity_src_gen.pdbx_gene_src_scientific_name      'Bos taurus' 
_entity_src_gen.pdbx_gene_src_ncbi_taxonomy_id     9913 
_entity_src_gen.pdbx_gene_src_variant              ? 
_entity_src_gen.pdbx_gene_src_cell_line            ? 
_entity_src_gen.pdbx_gene_src_atcc                 ? 
_entity_src_gen.pdbx_gene_src_organ                ? 
_entity_src_gen.pdbx_gene_src_organelle            ? 
_entity_src_gen.pdbx_gene_src_cell                 ? 
_entity_src_gen.pdbx_gene_src_cellular_location    ? 
_entity_src_gen.host_org_common_name               ? 
_entity_src_gen.pdbx_host_org_scientific_name      'Escherichia coli' 
_entity_src_gen.pdbx_host_org_ncbi_taxonomy_id     562 
_entity_src_gen.host_org_genus                     ? 
_entity_src_gen.pdbx_host_org_gene                 ? 
_entity_src_gen.pdbx_host_org_organ                ? 
_entity_src_gen.host_org_species                   ? 
_entity_src_gen.pdbx_host_org_tissue               ? 
_entity_src_gen.pdbx_host_org_tissue_fraction      ? 
_entity_src_gen.pdbx_host_org_strain               'BL21(DE3)' 
_entity_src_gen.pdbx_host_org_variant              ? 
_entity_src_gen.pdbx_host_org_cell_line            ? 
_entity_src_gen.pdbx_host_org_atcc                 ? 
_entity_src_gen.pdbx_host_org_culture_collection   ? 
_entity_src_gen.pdbx_host_org_cell                 ? 
_entity_src_gen.pdbx_host_org_organelle            ? 
_entity_src_gen.pdbx_host_org_cellular_location    ? 
_entity_src_gen.pdbx_host_org_vector_type          plasmid 
_entity_src_gen.pdbx_host_org_vector               ? 
_entity_src_gen.host_org_details                   ? 
_entity_src_gen.expression_system_id               ? 
_entity_src_gen.plasmid_name                       pET11b 
_entity_src_gen.plasmid_details                    ? 
_entity_src_gen.pdbx_description                   ? 
# 
_struct_ref.id                         1 
_struct_ref.db_name                    UNP 
_struct_ref.db_code                    S100B_BOVIN 
_struct_ref.pdbx_db_accession          P02638 
_struct_ref.entity_id                  1 
_struct_ref.pdbx_seq_one_letter_code   
;MSELEKAVVALIDVFHQYSGREGDKHKLKKSELKELINNELSHFLEEIKEQEVVDKVMETLDSDGDGECDFQEFMAFVAM
ITTACHEFFEHE
;
_struct_ref.pdbx_align_begin           1 
_struct_ref.pdbx_db_isoform            ? 
# 
_struct_ref_seq.align_id                      1 
_struct_ref_seq.ref_id                        1 
_struct_ref_seq.pdbx_PDB_id_code              3GK1 
_struct_ref_seq.pdbx_strand_id                A 
_struct_ref_seq.seq_align_beg                 1 
_struct_ref_seq.pdbx_seq_align_beg_ins_code   ? 
_struct_ref_seq.seq_align_end                 92 
_struct_ref_seq.pdbx_seq_align_end_ins_code   ? 
_struct_ref_seq.pdbx_db_accession             P02638 
_struct_ref_seq.db_align_beg                  1 
_struct_ref_seq.pdbx_db_align_beg_ins_code    ? 
_struct_ref_seq.db_align_end                  92 
_struct_ref_seq.pdbx_db_align_end_ins_code    ? 
_struct_ref_seq.pdbx_auth_seq_align_beg       0 
_struct_ref_seq.pdbx_auth_seq_align_end       91 
# 
loop_
_chem_comp.id 
_chem_comp.type 
_chem_comp.mon_nstd_flag 
_chem_comp.name 
_chem_comp.pdbx_synonyms 
_chem_comp.formula 
_chem_comp.formula_weight 
32A non-polymer         . '2-[(5-hex-1-yn-1-ylfuran-2-yl)carbonyl]-N-methylhydrazinecarbothioamide' ?                
'C13 H17 N3 O2 S' 279.358 
ALA 'L-peptide linking' y ALANINE                                                                   ?                'C3 H7 N O2' 
89.093  
ARG 'L-peptide linking' y ARGININE                                                                  ?                
'C6 H15 N4 O2 1'  175.209 
ASN 'L-peptide linking' y ASPARAGINE                                                                ?                'C4 H8 N2 O3' 
132.118 
ASP 'L-peptide linking' y 'ASPARTIC ACID'                                                           ?                'C4 H7 N O4' 
133.103 
CA  non-polymer         . 'CALCIUM ION'                                                             ?                'Ca 2' 40.078 
CAC non-polymer         . 'CACODYLATE ION'                                                          dimethylarsinate 
'C2 H6 As O2 -1'  136.989 
CYS 'L-peptide linking' y CYSTEINE                                                                  ?                
'C3 H7 N O2 S'    121.158 
GLN 'L-peptide linking' y GLUTAMINE                                                                 ?                
'C5 H10 N2 O3'    146.144 
GLU 'L-peptide linking' y 'GLUTAMIC ACID'                                                           ?                'C5 H9 N O4' 
147.129 
GLY 'peptide linking'   y GLYCINE                                                                   ?                'C2 H5 N O2' 
75.067  
HIS 'L-peptide linking' y HISTIDINE                                                                 ?                
'C6 H10 N3 O2 1'  156.162 
HOH non-polymer         . WATER                                                                     ?                'H2 O' 18.015 
ILE 'L-peptide linking' y ISOLEUCINE                                                                ?                'C6 H13 N O2' 
131.173 
LEU 'L-peptide linking' y LEUCINE                                                                   ?                'C6 H13 N O2' 
131.173 
LYS 'L-peptide linking' y LYSINE                                                                    ?                
'C6 H15 N2 O2 1'  147.195 
MET 'L-peptide linking' y METHIONINE                                                                ?                
'C5 H11 N O2 S'   149.211 
PHE 'L-peptide linking' y PHENYLALANINE                                                             ?                'C9 H11 N O2' 
165.189 
SER 'L-peptide linking' y SERINE                                                                    ?                'C3 H7 N O3' 
105.093 
THR 'L-peptide linking' y THREONINE                                                                 ?                'C4 H9 N O3' 
119.119 
TYR 'L-peptide linking' y TYROSINE                                                                  ?                'C9 H11 N O3' 
181.189 
VAL 'L-peptide linking' y VALINE                                                                    ?                'C5 H11 N O2' 
117.146 
# 
_exptl.crystals_number   1 
_exptl.entry_id          3GK1 
_exptl.method            'X-RAY DIFFRACTION' 
# 
_exptl_crystal.id                    1 
_exptl_crystal.density_Matthews      2.17 
_exptl_crystal.density_meas          ? 
_exptl_crystal.density_percent_sol   43.38 
_exptl_crystal.description           ? 
_exptl_crystal.F_000                 ? 
_exptl_crystal.preparation           ? 
# 
_exptl_crystal_grow.crystal_id      1 
_exptl_crystal_grow.method          'VAPOR DIFFUSION, SITTING DROP' 
_exptl_crystal_grow.pH              6.5 
_exptl_crystal_grow.temp            295 
_exptl_crystal_grow.pdbx_details    
'28% PEG3350, 7.5mM CaCl2, 100mM Cacodylate buffer, pH 6.5, VAPOR DIFFUSION, SITTING DROP, temperature 295K' 
_exptl_crystal_grow.temp_details    ? 
_exptl_crystal_grow.pdbx_pH_range   ? 
# 
_diffrn.id                     1 
_diffrn.ambient_temp           100 
_diffrn.ambient_temp_details   ? 
_diffrn.crystal_id             1 
# 
_diffrn_detector.diffrn_id              1 
_diffrn_detector.detector               CCD 
_diffrn_detector.type                   'ADSC QUANTUM 315r' 
_diffrn_detector.pdbx_collection_date   2007-07-18 
_diffrn_detector.details                ? 
# 
_diffrn_radiation.diffrn_id                        1 
_diffrn_radiation.pdbx_diffrn_protocol             'SINGLE WAVELENGTH' 
_diffrn_radiation.monochromator                    ? 
_diffrn_radiation.wavelength_id                    1 
_diffrn_radiation.pdbx_monochromatic_or_laue_m_l   M 
_diffrn_radiation.pdbx_scattering_type             x-ray 
# 
_diffrn_radiation_wavelength.id           1 
_diffrn_radiation_wavelength.wavelength   0.97 
_diffrn_radiation_wavelength.wt           1.0 
# 
_diffrn_source.diffrn_id                   1 
_diffrn_source.source                      SYNCHROTRON 
_diffrn_source.type                        'SSRL BEAMLINE BL7-1' 
_diffrn_source.pdbx_wavelength_list        0.97 
_diffrn_source.pdbx_wavelength             ? 
_diffrn_source.pdbx_synchrotron_site       SSRL 
_diffrn_source.pdbx_synchrotron_beamline   BL7-1 
# 
_reflns.entry_id                     3GK1 
_reflns.d_resolution_high            2.100 
_reflns.d_resolution_low             45.410 
_reflns.number_obs                   5585 
_reflns.pdbx_Rmerge_I_obs            0.042 
_reflns.pdbx_netI_over_sigmaI        37.481 
_reflns.pdbx_chi_squared             1.093 
_reflns.pdbx_redundancy              6.400 
_reflns.percent_possible_obs         97.900 
_reflns.observed_criterion_sigma_F   ? 
_reflns.observed_criterion_sigma_I   ? 
_reflns.number_all                   ? 
_reflns.pdbx_Rsym_value              ? 
_reflns.B_iso_Wilson_estimate        ? 
_reflns.R_free_details               ? 
_reflns.limit_h_max                  ? 
_reflns.limit_h_min                  ? 
_reflns.limit_k_max                  ? 
_reflns.limit_k_min                  ? 
_reflns.limit_l_max                  ? 
_reflns.limit_l_min                  ? 
_reflns.observed_criterion_F_max     ? 
_reflns.observed_criterion_F_min     ? 
_reflns.pdbx_scaling_rejects         ? 
_reflns.pdbx_ordinal                 1 
_reflns.pdbx_diffrn_id               1 
# 
loop_
_reflns_shell.d_res_high 
_reflns_shell.d_res_low 
_reflns_shell.number_measured_obs 
_reflns_shell.number_measured_all 
_reflns_shell.number_unique_obs 
_reflns_shell.Rmerge_I_obs 
_reflns_shell.meanI_over_sigI_obs 
_reflns_shell.pdbx_Rsym_value 
_reflns_shell.pdbx_chi_squared 
_reflns_shell.pdbx_redundancy 
_reflns_shell.percent_possible_obs 
_reflns_shell.number_unique_all 
_reflns_shell.percent_possible_all 
_reflns_shell.pdbx_ordinal 
_reflns_shell.pdbx_diffrn_id 
2.10 2.18  ? ? ? 0.277 ? ? 0.984 3.80 ? 525 93.80  1  1 
2.18 2.26  ? ? ? 0.199 ? ? 0.908 5.30 ? 538 98.70  2  1 
2.26 2.37  ? ? ? 0.163 ? ? 0.999 6.30 ? 558 100.00 3  1 
2.37 2.49  ? ? ? 0.106 ? ? 1.026 6.80 ? 561 100.00 4  1 
2.49 2.65  ? ? ? 0.080 ? ? 1.010 7.10 ? 564 100.00 5  1 
2.65 2.85  ? ? ? 0.059 ? ? 1.235 7.10 ? 569 100.00 6  1 
2.85 3.14  ? ? ? 0.051 ? ? 1.263 7.10 ? 564 100.00 7  1 
3.14 3.59  ? ? ? 0.048 ? ? 1.094 7.00 ? 567 99.80  8  1 
3.59 4.52  ? ? ? 0.037 ? ? 1.222 6.70 ? 587 99.70  9  1 
4.52 45.00 ? ? ? 0.028 ? ? 1.044 6.20 ? 552 88.50  10 1 
# 
_refine.entry_id                                 3GK1 
_refine.ls_d_res_high                            2.100 
_refine.ls_d_res_low                             45.410 
_refine.pdbx_ls_sigma_F                          0.00 
_refine.ls_percent_reflns_obs                    97.690 
_refine.ls_number_reflns_obs                     5572 
_refine.pdbx_ls_cross_valid_method               THROUGHOUT 
_refine.pdbx_R_Free_selection_details            RANDOM 
_refine.details                                  'HYDROGENS HAVE BEEN ADDED IN THE RIDING POSITIONS' 
_refine.ls_R_factor_obs                          0.208 
_refine.ls_R_factor_R_work                       0.206 
_refine.ls_wR_factor_R_work                      0.249 
_refine.ls_R_factor_R_free                       0.257 
_refine.ls_wR_factor_R_free                      0.290 
_refine.ls_percent_reflns_R_free                 4.500 
_refine.ls_number_reflns_R_free                  251 
_refine.ls_number_reflns_R_work                  5321 
_refine.B_iso_mean                               46.161 
_refine.aniso_B[1][1]                            0.250 
_refine.aniso_B[2][2]                            -0.420 
_refine.aniso_B[3][3]                            0.170 
_refine.aniso_B[1][2]                            0.000 
_refine.aniso_B[1][3]                            0.000 
_refine.aniso_B[2][3]                            0.000 
_refine.correlation_coeff_Fo_to_Fc               0.952 
_refine.correlation_coeff_Fo_to_Fc_free          0.919 
_refine.overall_SU_R_Cruickshank_DPI             0.295 
_refine.overall_SU_R_free                        0.231 
_refine.pdbx_overall_ESU_R                       0.261 
_refine.pdbx_overall_ESU_R_Free                  0.211 
_refine.overall_SU_ML                            0.170 
_refine.overall_SU_B                             14.437 
_refine.solvent_model_details                    MASK 
_refine.pdbx_solvent_vdw_probe_radii             1.200 
_refine.pdbx_solvent_ion_probe_radii             0.800 
_refine.pdbx_solvent_shrinkage_radii             0.800 
_refine.pdbx_method_to_determine_struct          'MOLECULAR REPLACEMENT' 
_refine.pdbx_stereochemistry_target_values       'MAXIMUM LIKELIHOOD' 
_refine.overall_FOM_work_R_set                   0.797 
_refine.B_iso_max                                77.86 
_refine.B_iso_min                                35.78 
_refine.occupancy_max                            1.00 
_refine.occupancy_min                            0.30 
_refine.pdbx_starting_model                      'PDB ENTRY 1MHO' 
_refine.pdbx_refine_id                           'X-RAY DIFFRACTION' 
_refine.ls_R_factor_all                          ? 
_refine.ls_number_reflns_all                     ? 
_refine.pdbx_ls_sigma_I                          ? 
_refine.ls_redundancy_reflns_obs                 ? 
_refine.pdbx_data_cutoff_high_absF               ? 
_refine.pdbx_data_cutoff_low_absF                ? 
_refine.ls_number_parameters                     ? 
_refine.ls_number_restraints                     ? 
_refine.ls_R_factor_R_free_error                 ? 
_refine.ls_R_factor_R_free_error_details         ? 
_refine.pdbx_isotropic_thermal_model             ? 
_refine.pdbx_stereochem_target_val_spec_case     ? 
_refine.solvent_model_param_bsol                 ? 
_refine.solvent_model_param_ksol                 ? 
_refine.pdbx_data_cutoff_high_rms_absF           ? 
_refine.pdbx_overall_phase_error                 ? 
_refine.overall_FOM_free_R_set                   ? 
_refine.pdbx_TLS_residual_ADP_flag               'LIKELY RESIDUAL' 
_refine.pdbx_diffrn_id                           1 
_refine.pdbx_overall_SU_R_free_Cruickshank_DPI   ? 
_refine.pdbx_overall_SU_R_Blow_DPI               ? 
_refine.pdbx_overall_SU_R_free_Blow_DPI          ? 
# 
_refine_hist.pdbx_refine_id                   'X-RAY DIFFRACTION' 
_refine_hist.cycle_id                         LAST 
_refine_hist.pdbx_number_atoms_protein        710 
_refine_hist.pdbx_number_atoms_nucleic_acid   0 
_refine_hist.pdbx_number_atoms_ligand         26 
_refine_hist.number_atoms_solvent             37 
_refine_hist.number_atoms_total               773 
_refine_hist.d_res_high                       2.100 
_refine_hist.d_res_low                        45.410 
# 
loop_
_refine_ls_restr.type 
_refine_ls_restr.number 
_refine_ls_restr.dev_ideal 
_refine_ls_restr.dev_ideal_target 
_refine_ls_restr.weight 
_refine_ls_restr.pdbx_refine_id 
_refine_ls_restr.pdbx_restraint_function 
r_bond_refined_d         744 0.014  0.022  ? 'X-RAY DIFFRACTION' ? 
r_angle_refined_deg      994 1.828  1.982  ? 'X-RAY DIFFRACTION' ? 
r_dihedral_angle_1_deg   87  5.209  5.000  ? 'X-RAY DIFFRACTION' ? 
r_dihedral_angle_2_deg   39  37.588 26.410 ? 'X-RAY DIFFRACTION' ? 
r_dihedral_angle_3_deg   140 15.668 15.000 ? 'X-RAY DIFFRACTION' ? 
r_dihedral_angle_4_deg   1   19.951 15.000 ? 'X-RAY DIFFRACTION' ? 
r_chiral_restr           107 0.122  0.200  ? 'X-RAY DIFFRACTION' ? 
r_gen_planes_refined     553 0.006  0.020  ? 'X-RAY DIFFRACTION' ? 
r_nbd_refined            292 0.216  0.200  ? 'X-RAY DIFFRACTION' ? 
r_nbtor_refined          510 0.299  0.200  ? 'X-RAY DIFFRACTION' ? 
r_xyhbond_nbd_refined    32  0.181  0.200  ? 'X-RAY DIFFRACTION' ? 
r_metal_ion_refined      7   0.186  0.200  ? 'X-RAY DIFFRACTION' ? 
r_symmetry_vdw_refined   45  0.309  0.200  ? 'X-RAY DIFFRACTION' ? 
r_symmetry_hbond_refined 8   0.172  0.200  ? 'X-RAY DIFFRACTION' ? 
r_mcbond_it              451 0.762  1.500  ? 'X-RAY DIFFRACTION' ? 
r_mcangle_it             698 1.090  2.000  ? 'X-RAY DIFFRACTION' ? 
r_scbond_it              322 2.377  3.000  ? 'X-RAY DIFFRACTION' ? 
r_scangle_it             296 3.729  4.500  ? 'X-RAY DIFFRACTION' ? 
# 
_refine_ls_shell.d_res_high                       2.102 
_refine_ls_shell.d_res_low                        2.157 
_refine_ls_shell.pdbx_total_number_of_bins_used   20 
_refine_ls_shell.percent_reflns_obs               88.810 
_refine_ls_shell.number_reflns_R_work             358 
_refine_ls_shell.R_factor_all                     ? 
_refine_ls_shell.R_factor_R_work                  0.277 
_refine_ls_shell.R_factor_R_free                  0.291 
_refine_ls_shell.percent_reflns_R_free            ? 
_refine_ls_shell.number_reflns_R_free             15 
_refine_ls_shell.R_factor_R_free_error            ? 
_refine_ls_shell.number_reflns_all                373 
_refine_ls_shell.number_reflns_obs                ? 
_refine_ls_shell.pdbx_refine_id                   'X-RAY DIFFRACTION' 
_refine_ls_shell.redundancy_reflns_obs            ? 
# 
_struct.entry_id                  3GK1 
_struct.title                     'X-ray structure of bovine SBi132,Ca(2+)-S100B' 
_struct.pdbx_model_details        ? 
_struct.pdbx_CASP_flag            ? 
_struct.pdbx_model_type_details   ? 
# 
_struct_keywords.entry_id        3GK1 
_struct_keywords.text            'EF hand, Alpha helical, Metal-binding, Nucleus, METAL BINDING PROTEIN' 
_struct_keywords.pdbx_keywords   'METAL BINDING PROTEIN' 
# 
loop_
_struct_asym.id 
_struct_asym.pdbx_blank_PDB_chainid_flag 
_struct_asym.pdbx_modified 
_struct_asym.entity_id 
_struct_asym.details 
A N N 1 ? 
B N N 2 ? 
C N N 2 ? 
D N N 3 ? 
E N N 4 ? 
F N N 5 ? 
# 
loop_
_struct_conf.conf_type_id 
_struct_conf.id 
_struct_conf.pdbx_PDB_helix_id 
_struct_conf.beg_label_comp_id 
_struct_conf.beg_label_asym_id 
_struct_conf.beg_label_seq_id 
_struct_conf.pdbx_beg_PDB_ins_code 
_struct_conf.end_label_comp_id 
_struct_conf.end_label_asym_id 
_struct_conf.end_label_seq_id 
_struct_conf.pdbx_end_PDB_ins_code 
_struct_conf.beg_auth_comp_id 
_struct_conf.beg_auth_asym_id 
_struct_conf.beg_auth_seq_id 
_struct_conf.end_auth_comp_id 
_struct_conf.end_auth_asym_id 
_struct_conf.end_auth_seq_id 
_struct_conf.pdbx_PDB_helix_class 
_struct_conf.details 
_struct_conf.pdbx_PDB_helix_length 
HELX_P HELX_P1 1 SER A 2  ? GLY A 20 ? SER A 1  GLY A 19 1 ? 19 
HELX_P HELX_P2 2 LYS A 29 ? LEU A 41 ? LYS A 28 LEU A 40 1 ? 13 
HELX_P HELX_P3 3 GLU A 50 ? ASP A 62 ? GLU A 49 ASP A 61 1 ? 13 
HELX_P HELX_P4 4 ASP A 70 ? PHE A 89 ? ASP A 69 PHE A 88 1 ? 20 
# 
_struct_conf_type.id          HELX_P 
_struct_conf_type.criteria    ? 
_struct_conf_type.reference   ? 
# 
loop_
_struct_conn.id 
_struct_conn.conn_type_id 
_struct_conn.pdbx_leaving_atom_flag 
_struct_conn.pdbx_PDB_id 
_struct_conn.ptnr1_label_asym_id 
_struct_conn.ptnr1_label_comp_id 
_struct_conn.ptnr1_label_seq_id 
_struct_conn.ptnr1_label_atom_id 
_struct_conn.pdbx_ptnr1_label_alt_id 
_struct_conn.pdbx_ptnr1_PDB_ins_code 
_struct_conn.pdbx_ptnr1_standard_comp_id 
_struct_conn.ptnr1_symmetry 
_struct_conn.ptnr2_label_asym_id 
_struct_conn.ptnr2_label_comp_id 
_struct_conn.ptnr2_label_seq_id 
_struct_conn.ptnr2_label_atom_id 
_struct_conn.pdbx_ptnr2_label_alt_id 
_struct_conn.pdbx_ptnr2_PDB_ins_code 
_struct_conn.ptnr1_auth_asym_id 
_struct_conn.ptnr1_auth_comp_id 
_struct_conn.ptnr1_auth_seq_id 
_struct_conn.ptnr2_auth_asym_id 
_struct_conn.ptnr2_auth_comp_id 
_struct_conn.ptnr2_auth_seq_id 
_struct_conn.ptnr2_symmetry 
_struct_conn.pdbx_ptnr3_label_atom_id 
_struct_conn.pdbx_ptnr3_label_seq_id 
_struct_conn.pdbx_ptnr3_label_comp_id 
_struct_conn.pdbx_ptnr3_label_asym_id 
_struct_conn.pdbx_ptnr3_label_alt_id 
_struct_conn.pdbx_ptnr3_PDB_ins_code 
_struct_conn.details 
_struct_conn.pdbx_dist_value 
_struct_conn.pdbx_value_order 
_struct_conn.pdbx_role 
metalc1  metalc ? ? A SER 19 O   ? ? ? 1_555 B CA  . CA ? ? A SER 18 A CA  92  1_555 ? ? ? ? ? ? ? 2.270 ? ? 
metalc2  metalc ? ? A GLU 22 O   ? ? ? 1_555 B CA  . CA ? ? A GLU 21 A CA  92  1_555 ? ? ? ? ? ? ? 2.265 ? ? 
metalc3  metalc ? ? A ASP 24 O   ? ? ? 1_555 B CA  . CA ? ? A ASP 23 A CA  92  1_555 ? ? ? ? ? ? ? 2.595 ? ? 
metalc4  metalc ? ? A LYS 27 O   ? ? ? 1_555 B CA  . CA ? ? A LYS 26 A CA  92  1_555 ? ? ? ? ? ? ? 2.517 ? ? 
metalc5  metalc ? ? A GLU 32 OE1 ? ? ? 1_555 B CA  . CA ? ? A GLU 31 A CA  92  1_555 ? ? ? ? ? ? ? 2.579 ? ? 
metalc6  metalc ? ? A GLU 32 OE2 ? ? ? 1_555 B CA  . CA ? ? A GLU 31 A CA  92  1_555 ? ? ? ? ? ? ? 2.635 ? ? 
metalc7  metalc ? ? A ASP 62 OD1 ? ? ? 1_555 C CA  . CA ? ? A ASP 61 A CA  93  1_555 ? ? ? ? ? ? ? 2.308 ? ? 
metalc8  metalc ? ? A ASP 64 OD1 ? ? ? 1_555 C CA  . CA ? ? A ASP 63 A CA  93  1_555 ? ? ? ? ? ? ? 2.651 ? ? 
metalc9  metalc ? ? A ASP 66 OD1 ? ? ? 1_555 C CA  . CA ? ? A ASP 65 A CA  93  1_555 ? ? ? ? ? ? ? 2.347 ? ? 
metalc10 metalc ? ? A GLU 68 O   ? ? ? 1_555 C CA  . CA ? ? A GLU 67 A CA  93  1_555 ? ? ? ? ? ? ? 2.275 ? ? 
metalc11 metalc ? ? A GLU 73 OE1 ? ? ? 1_555 C CA  . CA ? ? A GLU 72 A CA  93  1_555 ? ? ? ? ? ? ? 2.544 ? ? 
metalc12 metalc ? ? A GLU 73 OE2 ? ? ? 1_555 C CA  . CA ? ? A GLU 72 A CA  93  1_555 ? ? ? ? ? ? ? 2.580 ? ? 
metalc13 metalc ? ? B CA  .  CA  ? ? ? 1_555 F HOH . O  ? ? A CA  92 A HOH 125 1_555 ? ? ? ? ? ? ? 2.332 ? ? 
metalc14 metalc ? ? C CA  .  CA  ? ? ? 1_555 F HOH . O  ? ? A CA  93 A HOH 117 1_555 ? ? ? ? ? ? ? 2.033 ? ? 
# 
_struct_conn_type.id          metalc 
_struct_conn_type.criteria    ? 
_struct_conn_type.reference   ? 
# 
loop_
_struct_site.id 
_struct_site.pdbx_evidence_code 
_struct_site.pdbx_auth_asym_id 
_struct_site.pdbx_auth_comp_id 
_struct_site.pdbx_auth_seq_id 
_struct_site.pdbx_auth_ins_code 
_struct_site.pdbx_num_residues 
_struct_site.details 
AC1 Software A CA  92 ? 6 'BINDING SITE FOR RESIDUE CA A 92'  
AC2 Software A CA  93 ? 6 'BINDING SITE FOR RESIDUE CA A 93'  
AC3 Software A 32A 94 ? 3 'BINDING SITE FOR RESIDUE 32A A 94' 
AC4 Software A CAC 95 ? 5 'BINDING SITE FOR RESIDUE CAC A 95' 
# 
loop_
_struct_site_gen.id 
_struct_site_gen.site_id 
_struct_site_gen.pdbx_num_res 
_struct_site_gen.label_comp_id 
_struct_site_gen.label_asym_id 
_struct_site_gen.label_seq_id 
_struct_site_gen.pdbx_auth_ins_code 
_struct_site_gen.auth_comp_id 
_struct_site_gen.auth_asym_id 
_struct_site_gen.auth_seq_id 
_struct_site_gen.label_atom_id 
_struct_site_gen.label_alt_id 
_struct_site_gen.symmetry 
_struct_site_gen.details 
1  AC1 6 SER A 19 ? SER A 18  . ? 1_555 ? 
2  AC1 6 GLU A 22 ? GLU A 21  . ? 1_555 ? 
3  AC1 6 ASP A 24 ? ASP A 23  . ? 1_555 ? 
4  AC1 6 LYS A 27 ? LYS A 26  . ? 1_555 ? 
5  AC1 6 GLU A 32 ? GLU A 31  . ? 1_555 ? 
6  AC1 6 HOH F .  ? HOH A 125 . ? 1_555 ? 
7  AC2 6 ASP A 62 ? ASP A 61  . ? 1_555 ? 
8  AC2 6 ASP A 64 ? ASP A 63  . ? 1_555 ? 
9  AC2 6 ASP A 66 ? ASP A 65  . ? 1_555 ? 
10 AC2 6 GLU A 68 ? GLU A 67  . ? 1_555 ? 
11 AC2 6 GLU A 73 ? GLU A 72  . ? 1_555 ? 
12 AC2 6 HOH F .  ? HOH A 117 . ? 1_555 ? 
13 AC3 3 ILE A 81 ? ILE A 80  . ? 1_555 ? 
14 AC3 3 ALA A 84 ? ALA A 83  . ? 1_555 ? 
15 AC3 3 PHE A 88 ? PHE A 87  . ? 1_555 ? 
16 AC4 5 ARG A 21 ? ARG A 20  . ? 3_554 ? 
17 AC4 5 LYS A 25 ? LYS A 24  . ? 3_554 ? 
18 AC4 5 GLU A 52 ? GLU A 51  . ? 8_455 ? 
19 AC4 5 GLU A 52 ? GLU A 51  . ? 6_554 ? 
20 AC4 5 HOH F .  ? HOH A 127 . ? 6_554 ? 
# 
_atom_sites.entry_id                    3GK1 
_atom_sites.fract_transf_matrix[1][1]   -0.01181794 
_atom_sites.fract_transf_matrix[1][2]   -0.02268093 
_atom_sites.fract_transf_matrix[1][3]   0.01334394 
_atom_sites.fract_transf_matrix[2][1]   -0.00142783 
_atom_sites.fract_transf_matrix[2][2]   -0.00497668 
_atom_sites.fract_transf_matrix[2][3]   -0.00972349 
_atom_sites.fract_transf_matrix[3][1]   0.01530634 
_atom_sites.fract_transf_matrix[3][2]   -0.00714596 
_atom_sites.fract_transf_matrix[3][3]   0.00140982 
_atom_sites.fract_transf_vector[1]      0.219349 
_atom_sites.fract_transf_vector[2]      0.122048 
_atom_sites.fract_transf_vector[3]      -0.003412 
# 
loop_
_atom_type.symbol 
AS 
C  
CA 
N  
O  
S  
# 
loop_
_atom_site.group_PDB 
_atom_site.id 
_atom_site.type_symbol 
_atom_site.label_atom_id 
_atom_site.label_alt_id 
_atom_site.label_comp_id 
_atom_site.label_asym_id 
_atom_site.label_entity_id 
_atom_site.label_seq_id 
_atom_site.pdbx_PDB_ins_code 
_atom_site.Cartn_x 
_atom_site.Cartn_y 
_atom_site.Cartn_z 
_atom_site.occupancy 
_atom_site.B_iso_or_equiv 
_atom_site.pdbx_formal_charge 
_atom_site.auth_seq_id 
_atom_site.auth_comp_id 
_atom_site.auth_asym_id 
_atom_site.auth_atom_id 
_atom_site.pdbx_PDB_model_num 
ATOM   1   N  N   . SER A 1 2  ? 4.041   20.815  10.806  1.00 43.23 ? 1   SER A N   1 
ATOM   2   C  CA  . SER A 1 2  ? 5.297   20.086  11.146  1.00 42.40 ? 1   SER A CA  1 
ATOM   3   C  C   . SER A 1 2  ? 5.507   18.988  10.142  1.00 42.54 ? 1   SER A C   1 
ATOM   4   O  O   . SER A 1 2  ? 4.616   18.671  9.374   1.00 42.57 ? 1   SER A O   1 
ATOM   5   C  CB  . SER A 1 2  ? 5.198   19.464  12.535  1.00 42.27 ? 1   SER A CB  1 
ATOM   6   O  OG  . SER A 1 2  ? 4.348   18.311  12.526  1.00 41.67 ? 1   SER A OG  1 
ATOM   7   N  N   . GLU A 1 3  ? 6.688   18.393  10.166  1.00 42.97 ? 2   GLU A N   1 
ATOM   8   C  CA  . GLU A 1 3  ? 6.976   17.235  9.332   1.00 43.38 ? 2   GLU A CA  1 
ATOM   9   C  C   . GLU A 1 3  ? 6.107   16.016  9.632   1.00 42.89 ? 2   GLU A C   1 
ATOM   10  O  O   . GLU A 1 3  ? 5.818   15.249  8.725   1.00 43.21 ? 2   GLU A O   1 
ATOM   11  C  CB  . GLU A 1 3  ? 8.443   16.870  9.482   1.00 44.25 ? 2   GLU A CB  1 
ATOM   12  C  CG  . GLU A 1 3  ? 9.375   17.902  8.856   1.00 48.45 ? 2   GLU A CG  1 
ATOM   13  C  CD  . GLU A 1 3  ? 9.611   17.609  7.399   1.00 54.04 ? 2   GLU A CD  1 
ATOM   14  O  OE1 . GLU A 1 3  ? 10.063  16.481  7.099   1.00 57.23 ? 2   GLU A OE1 1 
ATOM   15  O  OE2 . GLU A 1 3  ? 9.342   18.485  6.551   1.00 58.12 ? 2   GLU A OE2 1 
ATOM   16  N  N   . LEU A 1 4  ? 5.706   15.812  10.891  1.00 41.12 ? 3   LEU A N   1 
ATOM   17  C  CA  . LEU A 1 4  ? 4.818   14.709  11.222  1.00 40.22 ? 3   LEU A CA  1 
ATOM   18  C  C   . LEU A 1 4  ? 3.413   14.904  10.600  1.00 40.27 ? 3   LEU A C   1 
ATOM   19  O  O   . LEU A 1 4  ? 2.842   13.974  9.992   1.00 40.32 ? 3   LEU A O   1 
ATOM   20  C  CB  . LEU A 1 4  ? 4.695   14.540  12.746  1.00 39.50 ? 3   LEU A CB  1 
ATOM   21  C  CG  . LEU A 1 4  ? 4.500   13.182  13.466  1.00 39.89 ? 3   LEU A CG  1 
ATOM   22  C  CD1 . LEU A 1 4  ? 3.940   13.341  14.861  1.00 35.78 ? 3   LEU A CD1 1 
ATOM   23  C  CD2 . LEU A 1 4  ? 3.758   12.070  12.734  1.00 40.22 ? 3   LEU A CD2 1 
ATOM   24  N  N   . GLU A 1 5  ? 2.838   16.092  10.764  1.00 40.13 ? 4   GLU A N   1 
ATOM   25  C  CA  . GLU A 1 5  ? 1.542   16.414  10.142  1.00 40.46 ? 4   GLU A CA  1 
ATOM   26  C  C   . GLU A 1 5  ? 1.620   16.262  8.632   1.00 41.10 ? 4   GLU A C   1 
ATOM   27  O  O   . GLU A 1 5  ? 0.687   15.763  8.007   1.00 40.45 ? 4   GLU A O   1 
ATOM   28  C  CB  . GLU A 1 5  ? 1.036   17.813  10.567  1.00 39.90 ? 4   GLU A CB  1 
ATOM   29  C  CG  . GLU A 1 5  ? 0.596   17.816  12.054  1.00 39.21 ? 4   GLU A CG  1 
ATOM   30  C  CD  . GLU A 1 5  ? 0.509   19.190  12.760  1.00 39.90 ? 4   GLU A CD  1 
ATOM   31  O  OE1 . GLU A 1 5  ? 1.218   20.161  12.429  1.00 40.12 ? 4   GLU A OE1 1 
ATOM   32  O  OE2 . GLU A 1 5  ? -0.285  19.281  13.703  1.00 38.43 ? 4   GLU A OE2 1 
ATOM   33  N  N   . LYS A 1 6  ? 2.751   16.656  8.055   1.00 41.77 ? 5   LYS A N   1 
ATOM   34  C  CA  . LYS A 1 6  ? 2.994   16.437  6.627   1.00 43.50 ? 5   LYS A CA  1 
ATOM   35  C  C   . LYS A 1 6  ? 2.914   14.978  6.197   1.00 43.57 ? 5   LYS A C   1 
ATOM   36  O  O   . LYS A 1 6  ? 2.294   14.660  5.176   1.00 44.51 ? 5   LYS A O   1 
ATOM   37  C  CB  . LYS A 1 6  ? 4.321   17.068  6.196   1.00 43.48 ? 5   LYS A CB  1 
ATOM   38  C  CG  . LYS A 1 6  ? 4.099   18.518  5.781   1.00 46.59 ? 5   LYS A CG  1 
ATOM   39  C  CD  . LYS A 1 6  ? 5.249   19.424  6.157   1.00 50.70 ? 5   LYS A CD  1 
ATOM   40  C  CE  . LYS A 1 6  ? 6.397   19.376  5.150   1.00 52.03 ? 5   LYS A CE  1 
ATOM   41  N  NZ  . LYS A 1 6  ? 7.534   20.251  5.609   1.00 53.13 ? 5   LYS A NZ  1 
ATOM   42  N  N   . ALA A 1 7  ? 3.539   14.106  6.982   1.00 44.04 ? 6   ALA A N   1 
ATOM   43  C  CA  . ALA A 1 7  ? 3.516   12.653  6.777   1.00 43.19 ? 6   ALA A CA  1 
ATOM   44  C  C   . ALA A 1 7  ? 2.106   12.089  6.906   1.00 43.29 ? 6   ALA A C   1 
ATOM   45  O  O   . ALA A 1 7  ? 1.701   11.278  6.093   1.00 43.27 ? 6   ALA A O   1 
ATOM   46  C  CB  . ALA A 1 7  ? 4.441   11.958  7.782   1.00 43.11 ? 6   ALA A CB  1 
ATOM   47  N  N   . VAL A 1 8  ? 1.369   12.493  7.942   1.00 43.28 ? 7   VAL A N   1 
ATOM   48  C  CA  . VAL A 1 8  ? -0.049  12.081  8.061   1.00 43.29 ? 7   VAL A CA  1 
ATOM   49  C  C   . VAL A 1 8  ? -0.860  12.413  6.796   1.00 43.42 ? 7   VAL A C   1 
ATOM   50  O  O   . VAL A 1 8  ? -1.596  11.561  6.313   1.00 43.64 ? 7   VAL A O   1 
ATOM   51  C  CB  . VAL A 1 8  ? -0.761  12.667  9.271   1.00 42.35 ? 7   VAL A CB  1 
ATOM   52  C  CG1 . VAL A 1 8  ? -2.253  12.348  9.199   1.00 42.58 ? 7   VAL A CG1 1 
ATOM   53  C  CG2 . VAL A 1 8  ? -0.163  12.129  10.549  1.00 42.66 ? 7   VAL A CG2 1 
ATOM   54  N  N   . VAL A 1 9  ? -0.739  13.633  6.258   1.00 43.60 ? 8   VAL A N   1 
ATOM   55  C  CA  . VAL A 1 9  ? -1.572  13.978  5.096   1.00 43.64 ? 8   VAL A CA  1 
ATOM   56  C  C   . VAL A 1 9  ? -1.061  13.344  3.820   1.00 43.94 ? 8   VAL A C   1 
ATOM   57  O  O   . VAL A 1 9  ? -1.860  13.062  2.927   1.00 44.10 ? 8   VAL A O   1 
ATOM   58  C  CB  . VAL A 1 9  ? -1.907  15.504  4.879   1.00 44.23 ? 8   VAL A CB  1 
ATOM   59  C  CG1 . VAL A 1 9  ? -2.066  16.267  6.204   1.00 44.39 ? 8   VAL A CG1 1 
ATOM   60  C  CG2 . VAL A 1 9  ? -0.946  16.173  3.895   1.00 44.16 ? 8   VAL A CG2 1 
ATOM   61  N  N   . ALA A 1 10 ? 0.250   13.083  3.745   1.00 43.90 ? 9   ALA A N   1 
ATOM   62  C  CA  . ALA A 1 10 ? 0.795   12.285  2.641   1.00 43.85 ? 9   ALA A CA  1 
ATOM   63  C  C   . ALA A 1 10 ? 0.249   10.833  2.608   1.00 44.12 ? 9   ALA A C   1 
ATOM   64  O  O   . ALA A 1 10 ? -0.054  10.303  1.513   1.00 44.17 ? 9   ALA A O   1 
ATOM   65  C  CB  . ALA A 1 10 ? 2.338   12.321  2.625   1.00 43.52 ? 9   ALA A CB  1 
ATOM   66  N  N   . LEU A 1 11 ? 0.122   10.192  3.769   1.00 42.98 ? 10  LEU A N   1 
ATOM   67  C  CA  . LEU A 1 11 ? -0.441  8.848   3.828   1.00 43.59 ? 10  LEU A CA  1 
ATOM   68  C  C   . LEU A 1 11 ? -1.879  8.812   3.291   1.00 44.03 ? 10  LEU A C   1 
ATOM   69  O  O   . LEU A 1 11 ? -2.234  7.956   2.458   1.00 44.57 ? 10  LEU A O   1 
ATOM   70  C  CB  . LEU A 1 11 ? -0.400  8.305   5.275   1.00 44.59 ? 10  LEU A CB  1 
ATOM   71  C  CG  . LEU A 1 11 ? 0.978   8.173   5.951   1.00 44.73 ? 10  LEU A CG  1 
ATOM   72  C  CD1 . LEU A 1 11 ? 0.784   7.694   7.369   1.00 45.19 ? 10  LEU A CD1 1 
ATOM   73  C  CD2 . LEU A 1 11 ? 1.903   7.263   5.166   1.00 45.96 ? 10  LEU A CD2 1 
ATOM   74  N  N   . ILE A 1 12 ? -2.710  9.738   3.775   1.00 43.89 ? 11  ILE A N   1 
ATOM   75  C  CA  . ILE A 1 12 ? -4.076  9.907   3.278   1.00 43.76 ? 11  ILE A CA  1 
ATOM   76  C  C   . ILE A 1 12 ? -4.056  10.176  1.777   1.00 44.29 ? 11  ILE A C   1 
ATOM   77  O  O   . ILE A 1 12 ? -4.724  9.482   1.008   1.00 44.70 ? 11  ILE A O   1 
ATOM   78  C  CB  . ILE A 1 12 ? -4.840  11.013  4.071   1.00 43.82 ? 11  ILE A CB  1 
ATOM   79  C  CG1 . ILE A 1 12 ? -4.805  10.691  5.576   1.00 43.22 ? 11  ILE A CG1 1 
ATOM   80  C  CG2 . ILE A 1 12 ? -6.289  11.170  3.568   1.00 44.01 ? 11  ILE A CG2 1 
ATOM   81  C  CD1 . ILE A 1 12 ? -5.514  11.679  6.496   1.00 43.24 ? 11  ILE A CD1 1 
ATOM   82  N  N   . ASP A 1 13 ? -3.241  11.125  1.339   1.00 44.89 ? 12  ASP A N   1 
ATOM   83  C  CA  . ASP A 1 13 ? -3.320  11.515  -0.054  1.00 46.48 ? 12  ASP A CA  1 
ATOM   84  C  C   . ASP A 1 13 ? -2.928  10.389  -1.015  1.00 46.04 ? 12  ASP A C   1 
ATOM   85  O  O   . ASP A 1 13 ? -3.624  10.171  -2.010  1.00 46.09 ? 12  ASP A O   1 
ATOM   86  C  CB  . ASP A 1 13 ? -2.550  12.800  -0.343  1.00 47.08 ? 12  ASP A CB  1 
ATOM   87  C  CG  . ASP A 1 13 ? -2.759  13.288  -1.776  1.00 52.17 ? 12  ASP A CG  1 
ATOM   88  O  OD1 . ASP A 1 13 ? -3.869  13.770  -2.120  1.00 55.87 ? 12  ASP A OD1 1 
ATOM   89  O  OD2 . ASP A 1 13 ? -1.805  13.173  -2.580  1.00 57.88 ? 12  ASP A OD2 1 
ATOM   90  N  N   . VAL A 1 14 ? -1.850  9.663   -0.715  1.00 45.87 ? 13  VAL A N   1 
ATOM   91  C  CA  . VAL A 1 14 ? -1.379  8.617   -1.635  1.00 45.48 ? 13  VAL A CA  1 
ATOM   92  C  C   . VAL A 1 14 ? -2.382  7.461   -1.755  1.00 45.51 ? 13  VAL A C   1 
ATOM   93  O  O   . VAL A 1 14 ? -2.622  6.975   -2.855  1.00 45.49 ? 13  VAL A O   1 
ATOM   94  C  CB  . VAL A 1 14 ? 0.077   8.138   -1.360  1.00 44.99 ? 13  VAL A CB  1 
ATOM   95  C  CG1 . VAL A 1 14 ? 0.180   7.317   -0.051  1.00 45.83 ? 13  VAL A CG1 1 
ATOM   96  C  CG2 . VAL A 1 14 ? 0.590   7.309   -2.520  1.00 44.37 ? 13  VAL A CG2 1 
ATOM   97  N  N   . PHE A 1 15 ? -2.953  7.028   -0.630  1.00 45.19 ? 14  PHE A N   1 
ATOM   98  C  CA  . PHE A 1 15 ? -3.986  5.980   -0.650  1.00 45.08 ? 14  PHE A CA  1 
ATOM   99  C  C   . PHE A 1 15 ? -5.115  6.402   -1.575  1.00 45.64 ? 14  PHE A C   1 
ATOM   100 O  O   . PHE A 1 15 ? -5.686  5.586   -2.321  1.00 46.06 ? 14  PHE A O   1 
ATOM   101 C  CB  . PHE A 1 15 ? -4.570  5.723   0.755   1.00 43.41 ? 14  PHE A CB  1 
ATOM   102 C  CG  . PHE A 1 15 ? -5.657  4.666   0.779   1.00 42.10 ? 14  PHE A CG  1 
ATOM   103 C  CD1 . PHE A 1 15 ? -5.329  3.305   0.726   1.00 39.29 ? 14  PHE A CD1 1 
ATOM   104 C  CD2 . PHE A 1 15 ? -7.000  5.034   0.853   1.00 41.04 ? 14  PHE A CD2 1 
ATOM   105 C  CE1 . PHE A 1 15 ? -6.313  2.329   0.722   1.00 40.98 ? 14  PHE A CE1 1 
ATOM   106 C  CE2 . PHE A 1 15 ? -8.016  4.065   0.854   1.00 41.00 ? 14  PHE A CE2 1 
ATOM   107 C  CZ  . PHE A 1 15 ? -7.666  2.705   0.786   1.00 41.15 ? 14  PHE A CZ  1 
ATOM   108 N  N   . HIS A 1 16 ? -5.458  7.680   -1.512  1.00 45.77 ? 15  HIS A N   1 
ATOM   109 C  CA  . HIS A 1 16 ? -6.583  8.130   -2.274  1.00 46.61 ? 15  HIS A CA  1 
ATOM   110 C  C   . HIS A 1 16 ? -6.346  8.320   -3.752  1.00 46.44 ? 15  HIS A C   1 
ATOM   111 O  O   . HIS A 1 16 ? -7.220  8.025   -4.566  1.00 46.15 ? 15  HIS A O   1 
ATOM   112 C  CB  . HIS A 1 16 ? -7.284  9.291   -1.608  1.00 47.20 ? 15  HIS A CB  1 
ATOM   113 C  CG  . HIS A 1 16 ? -8.333  8.819   -0.669  1.00 50.19 ? 15  HIS A CG  1 
ATOM   114 N  ND1 . HIS A 1 16 ? -8.182  8.857   0.700   1.00 54.30 ? 15  HIS A ND1 1 
ATOM   115 C  CD2 . HIS A 1 16 ? -9.495  8.167   -0.909  1.00 51.44 ? 15  HIS A CD2 1 
ATOM   116 C  CE1 . HIS A 1 16 ? -9.250  8.319   1.262   1.00 55.36 ? 15  HIS A CE1 1 
ATOM   117 N  NE2 . HIS A 1 16 ? -10.055 7.880   0.309   1.00 52.73 ? 15  HIS A NE2 1 
ATOM   118 N  N   . GLN A 1 17 ? -5.145  8.724   -4.122  1.00 46.49 ? 16  GLN A N   1 
ATOM   119 C  CA  . GLN A 1 17 ? -4.892  8.813   -5.528  1.00 46.66 ? 16  GLN A CA  1 
ATOM   120 C  C   . GLN A 1 17 ? -4.932  7.430   -6.162  1.00 46.09 ? 16  GLN A C   1 
ATOM   121 O  O   . GLN A 1 17 ? -5.395  7.279   -7.285  1.00 46.52 ? 16  GLN A O   1 
ATOM   122 C  CB  . GLN A 1 17 ? -3.628  9.605   -5.847  1.00 47.11 ? 16  GLN A CB  1 
ATOM   123 C  CG  . GLN A 1 17 ? -2.345  9.079   -5.334  1.00 50.94 ? 16  GLN A CG  1 
ATOM   124 C  CD  . GLN A 1 17 ? -1.306  10.191  -5.236  1.00 57.06 ? 16  GLN A CD  1 
ATOM   125 O  OE1 . GLN A 1 17 ? -1.659  11.378  -5.108  1.00 61.32 ? 16  GLN A OE1 1 
ATOM   126 N  NE2 . GLN A 1 17 ? -0.025  9.822   -5.291  1.00 56.87 ? 16  GLN A NE2 1 
ATOM   127 N  N   . TYR A 1 18 ? -4.510  6.415   -5.425  1.00 45.01 ? 17  TYR A N   1 
ATOM   128 C  CA  . TYR A 1 18 ? -4.498  5.072   -5.974  1.00 43.51 ? 17  TYR A CA  1 
ATOM   129 C  C   . TYR A 1 18 ? -5.849  4.349   -5.847  1.00 43.31 ? 17  TYR A C   1 
ATOM   130 O  O   . TYR A 1 18 ? -6.282  3.719   -6.804  1.00 43.22 ? 17  TYR A O   1 
ATOM   131 C  CB  . TYR A 1 18 ? -3.305  4.273   -5.410  1.00 43.26 ? 17  TYR A CB  1 
ATOM   132 C  CG  . TYR A 1 18 ? -2.009  4.698   -6.082  1.00 41.43 ? 17  TYR A CG  1 
ATOM   133 C  CD1 . TYR A 1 18 ? -1.246  5.731   -5.580  1.00 41.45 ? 17  TYR A CD1 1 
ATOM   134 C  CD2 . TYR A 1 18 ? -1.607  4.117   -7.245  1.00 40.43 ? 17  TYR A CD2 1 
ATOM   135 C  CE1 . TYR A 1 18 ? -0.095  6.165   -6.226  1.00 42.32 ? 17  TYR A CE1 1 
ATOM   136 C  CE2 . TYR A 1 18 ? -0.461  4.539   -7.896  1.00 42.95 ? 17  TYR A CE2 1 
ATOM   137 C  CZ  . TYR A 1 18 ? 0.290   5.553   -7.376  1.00 41.74 ? 17  TYR A CZ  1 
ATOM   138 O  OH  . TYR A 1 18 ? 1.420   5.944   -8.049  1.00 43.39 ? 17  TYR A OH  1 
ATOM   139 N  N   . SER A 1 19 ? -6.519  4.457   -4.700  1.00 42.81 ? 18  SER A N   1 
ATOM   140 C  CA  . SER A 1 19 ? -7.764  3.696   -4.444  1.00 42.75 ? 18  SER A CA  1 
ATOM   141 C  C   . SER A 1 19 ? -8.923  4.125   -5.327  1.00 42.92 ? 18  SER A C   1 
ATOM   142 O  O   . SER A 1 19 ? -9.745  3.283   -5.771  1.00 43.39 ? 18  SER A O   1 
ATOM   143 C  CB  . SER A 1 19 ? -8.178  3.769   -2.975  1.00 41.81 ? 18  SER A CB  1 
ATOM   144 O  OG  . SER A 1 19 ? -8.606  5.062   -2.639  1.00 44.17 ? 18  SER A OG  1 
ATOM   145 N  N   . GLY A 1 20 ? -8.979  5.422   -5.603  1.00 42.46 ? 19  GLY A N   1 
ATOM   146 C  CA  . GLY A 1 20 ? -10.055 5.979   -6.412  1.00 43.22 ? 19  GLY A CA  1 
ATOM   147 C  C   . GLY A 1 20 ? -10.003 5.744   -7.916  1.00 43.70 ? 19  GLY A C   1 
ATOM   148 O  O   . GLY A 1 20 ? -10.918 6.159   -8.640  1.00 43.73 ? 19  GLY A O   1 
ATOM   149 N  N   . ARG A 1 21 ? -8.949  5.084   -8.398  1.00 43.20 ? 20  ARG A N   1 
ATOM   150 C  CA  . ARG A 1 21 ? -8.812  4.843   -9.833  1.00 43.73 ? 20  ARG A CA  1 
ATOM   151 C  C   . ARG A 1 21 ? -9.956  4.012   -10.432 1.00 43.89 ? 20  ARG A C   1 
ATOM   152 O  O   . ARG A 1 21 ? -10.506 4.375   -11.455 1.00 44.10 ? 20  ARG A O   1 
ATOM   153 C  CB  . ARG A 1 21 ? -7.452  4.191   -10.155 1.00 43.51 ? 20  ARG A CB  1 
ATOM   154 C  CG  . ARG A 1 21 ? -6.233  5.117   -9.951  1.00 42.93 ? 20  ARG A CG  1 
ATOM   155 C  CD  . ARG A 1 21 ? -4.917  4.327   -10.122 1.00 43.65 ? 20  ARG A CD  1 
ATOM   156 N  NE  . ARG A 1 21 ? -3.771  5.229   -10.174 1.00 45.06 ? 20  ARG A NE  1 
ATOM   157 C  CZ  . ARG A 1 21 ? -2.577  4.924   -10.678 1.00 46.16 ? 20  ARG A CZ  1 
ATOM   158 N  NH1 . ARG A 1 21 ? -2.327  3.713   -11.183 1.00 44.48 ? 20  ARG A NH1 1 
ATOM   159 N  NH2 . ARG A 1 21 ? -1.630  5.853   -10.682 1.00 45.76 ? 20  ARG A NH2 1 
ATOM   160 N  N   . GLU A 1 22 ? -10.280 2.880   -9.816  1.00 44.66 ? 21  GLU A N   1 
ATOM   161 C  CA  . GLU A 1 22 ? -11.269 1.938   -10.370 1.00 46.09 ? 21  GLU A CA  1 
ATOM   162 C  C   . GLU A 1 22 ? -12.067 1.269   -9.258  1.00 45.86 ? 21  GLU A C   1 
ATOM   163 O  O   . GLU A 1 22 ? -11.573 1.127   -8.123  1.00 46.74 ? 21  GLU A O   1 
ATOM   164 C  CB  . GLU A 1 22 ? -10.619 0.831   -11.234 1.00 46.17 ? 21  GLU A CB  1 
ATOM   165 C  CG  . GLU A 1 22 ? -9.370  1.226   -12.056 1.00 48.73 ? 21  GLU A CG  1 
ATOM   166 C  CD  . GLU A 1 22 ? -8.899  0.131   -13.007 1.00 48.56 ? 21  GLU A CD  1 
ATOM   167 O  OE1 . GLU A 1 22 ? -8.544  -0.981  -12.543 1.00 53.36 ? 21  GLU A OE1 1 
ATOM   168 O  OE2 . GLU A 1 22 ? -8.868  0.394   -14.227 1.00 51.72 ? 21  GLU A OE2 1 
ATOM   169 N  N   . GLY A 1 23 ? -13.282 0.835   -9.598  1.00 45.80 ? 22  GLY A N   1 
ATOM   170 C  CA  . GLY A 1 23 ? -14.180 0.194   -8.644  1.00 45.02 ? 22  GLY A CA  1 
ATOM   171 C  C   . GLY A 1 23 ? -14.461 1.048   -7.418  1.00 44.80 ? 22  GLY A C   1 
ATOM   172 O  O   . GLY A 1 23 ? -14.694 2.261   -7.534  1.00 44.55 ? 22  GLY A O   1 
ATOM   173 N  N   . ASP A 1 24 ? -14.429 0.397   -6.252  1.00 44.39 ? 23  ASP A N   1 
ATOM   174 C  CA  . ASP A 1 24 ? -14.564 1.045   -4.953  1.00 44.16 ? 23  ASP A CA  1 
ATOM   175 C  C   . ASP A 1 24 ? -13.499 2.118   -4.755  1.00 44.49 ? 23  ASP A C   1 
ATOM   176 O  O   . ASP A 1 24 ? -12.292 1.823   -4.700  1.00 44.87 ? 23  ASP A O   1 
ATOM   177 C  CB  . ASP A 1 24 ? -14.489 0.004   -3.831  1.00 43.97 ? 23  ASP A CB  1 
ATOM   178 C  CG  . ASP A 1 24 ? -14.871 0.567   -2.489  1.00 44.53 ? 23  ASP A CG  1 
ATOM   179 O  OD1 . ASP A 1 24 ? -14.553 1.741   -2.198  1.00 45.63 ? 23  ASP A OD1 1 
ATOM   180 O  OD2 . ASP A 1 24 ? -15.509 -0.165  -1.712  1.00 47.01 ? 23  ASP A OD2 1 
ATOM   181 N  N   . LYS A 1 25 ? -13.954 3.363   -4.644  1.00 44.49 ? 24  LYS A N   1 
ATOM   182 C  CA  . LYS A 1 25 ? -13.063 4.505   -4.573  1.00 44.72 ? 24  LYS A CA  1 
ATOM   183 C  C   . LYS A 1 25 ? -12.399 4.593   -3.228  1.00 44.97 ? 24  LYS A C   1 
ATOM   184 O  O   . LYS A 1 25 ? -11.512 5.428   -3.015  1.00 46.01 ? 24  LYS A O   1 
ATOM   185 C  CB  . LYS A 1 25 ? -13.801 5.798   -4.886  1.00 45.02 ? 24  LYS A CB  1 
ATOM   186 C  CG  . LYS A 1 25 ? -14.017 5.989   -6.348  1.00 46.19 ? 24  LYS A CG  1 
ATOM   187 C  CD  . LYS A 1 25 ? -14.499 7.384   -6.666  1.00 49.34 ? 24  LYS A CD  1 
ATOM   188 C  CE  . LYS A 1 25 ? -14.029 7.741   -8.050  1.00 51.40 ? 24  LYS A CE  1 
ATOM   189 N  NZ  . LYS A 1 25 ? -14.007 6.518   -8.910  1.00 52.68 ? 24  LYS A NZ  1 
ATOM   190 N  N   . HIS A 1 26 ? -12.812 3.718   -2.321  1.00 44.80 ? 25  HIS A N   1 
ATOM   191 C  CA  . HIS A 1 26 ? -12.234 3.690   -0.994  1.00 44.98 ? 25  HIS A CA  1 
ATOM   192 C  C   . HIS A 1 26 ? -11.336 2.466   -0.744  1.00 44.77 ? 25  HIS A C   1 
ATOM   193 O  O   . HIS A 1 26 ? -10.862 2.252   0.368   1.00 45.48 ? 25  HIS A O   1 
ATOM   194 C  CB  . HIS A 1 26 ? -13.344 3.809   0.053   1.00 45.57 ? 25  HIS A CB  1 
ATOM   195 C  CG  . HIS A 1 26 ? -14.189 5.032   -0.117  1.00 47.18 ? 25  HIS A CG  1 
ATOM   196 N  ND1 . HIS A 1 26 ? -13.827 6.261   0.396   1.00 49.82 ? 25  HIS A ND1 1 
ATOM   197 C  CD2 . HIS A 1 26 ? -15.359 5.227   -0.775  1.00 47.53 ? 25  HIS A CD2 1 
ATOM   198 C  CE1 . HIS A 1 26 ? -14.748 7.154   0.076   1.00 48.54 ? 25  HIS A CE1 1 
ATOM   199 N  NE2 . HIS A 1 26 ? -15.685 6.553   -0.638  1.00 49.01 ? 25  HIS A NE2 1 
ATOM   200 N  N   . LYS A 1 27 ? -11.090 1.662   -1.769  1.00 44.31 ? 26  LYS A N   1 
ATOM   201 C  CA  . LYS A 1 27 ? -10.283 0.460   -1.576  1.00 44.29 ? 26  LYS A CA  1 
ATOM   202 C  C   . LYS A 1 27 ? -9.341  0.276   -2.737  1.00 44.05 ? 26  LYS A C   1 
ATOM   203 O  O   . LYS A 1 27 ? -9.641  0.703   -3.853  1.00 44.57 ? 26  LYS A O   1 
ATOM   204 C  CB  . LYS A 1 27 ? -11.169 -0.787  -1.407  1.00 44.46 ? 26  LYS A CB  1 
ATOM   205 C  CG  . LYS A 1 27 ? -12.009 -0.773  -0.116  1.00 44.17 ? 26  LYS A CG  1 
ATOM   206 C  CD  . LYS A 1 27 ? -12.881 -1.999  -0.009  1.00 45.15 ? 26  LYS A CD  1 
ATOM   207 C  CE  . LYS A 1 27 ? -14.077 -1.749  0.877   1.00 46.99 ? 26  LYS A CE  1 
ATOM   208 N  NZ  . LYS A 1 27 ? -14.971 -2.923  0.776   1.00 50.60 ? 26  LYS A NZ  1 
ATOM   209 N  N   . LEU A 1 28 ? -8.210  -0.369  -2.455  1.00 43.50 ? 27  LEU A N   1 
ATOM   210 C  CA  . LEU A 1 28 ? -7.197  -0.661  -3.423  1.00 43.62 ? 27  LEU A CA  1 
ATOM   211 C  C   . LEU A 1 28 ? -7.425  -2.076  -3.974  1.00 43.79 ? 27  LEU A C   1 
ATOM   212 O  O   . LEU A 1 28 ? -7.309  -3.044  -3.213  1.00 44.61 ? 27  LEU A O   1 
ATOM   213 C  CB  . LEU A 1 28 ? -5.819  -0.587  -2.749  1.00 42.91 ? 27  LEU A CB  1 
ATOM   214 C  CG  . LEU A 1 28 ? -5.274  0.777   -2.312  1.00 42.93 ? 27  LEU A CG  1 
ATOM   215 C  CD1 . LEU A 1 28 ? -4.039  0.595   -1.473  1.00 43.97 ? 27  LEU A CD1 1 
ATOM   216 C  CD2 . LEU A 1 28 ? -4.933  1.623   -3.489  1.00 41.65 ? 27  LEU A CD2 1 
ATOM   217 N  N   . LYS A 1 29 ? -7.749  -2.222  -5.265  1.00 43.43 ? 28  LYS A N   1 
ATOM   218 C  CA  . LYS A 1 29 ? -7.785  -3.565  -5.869  1.00 44.03 ? 28  LYS A CA  1 
ATOM   219 C  C   . LYS A 1 29 ? -6.360  -3.947  -6.229  1.00 44.02 ? 28  LYS A C   1 
ATOM   220 O  O   . LYS A 1 29 ? -5.438  -3.146  -6.054  1.00 44.15 ? 28  LYS A O   1 
ATOM   221 C  CB  . LYS A 1 29 ? -8.707  -3.652  -7.089  1.00 44.07 ? 28  LYS A CB  1 
ATOM   222 C  CG  . LYS A 1 29 ? -8.362  -2.764  -8.273  1.00 43.91 ? 28  LYS A CG  1 
ATOM   223 C  CD  . LYS A 1 29 ? -9.046  -3.277  -9.569  1.00 46.41 ? 28  LYS A CD  1 
ATOM   224 C  CE  . LYS A 1 29 ? -10.278 -2.478  -9.990  1.00 49.08 ? 28  LYS A CE  1 
ATOM   225 N  NZ  . LYS A 1 29 ? -11.533 -2.730  -9.194  1.00 53.27 ? 28  LYS A NZ  1 
ATOM   226 N  N   . LYS A 1 30 ? -6.158  -5.155  -6.719  1.00 44.34 ? 29  LYS A N   1 
ATOM   227 C  CA  . LYS A 1 30 ? -4.790  -5.648  -6.949  1.00 44.30 ? 29  LYS A CA  1 
ATOM   228 C  C   . LYS A 1 30 ? -3.923  -4.767  -7.874  1.00 44.74 ? 29  LYS A C   1 
ATOM   229 O  O   . LYS A 1 30 ? -2.736  -4.547  -7.581  1.00 45.27 ? 29  LYS A O   1 
ATOM   230 C  CB  . LYS A 1 30 ? -4.828  -7.054  -7.510  1.00 44.12 ? 29  LYS A CB  1 
ATOM   231 C  CG  . LYS A 1 30 ? -5.058  -8.165  -6.541  1.00 43.86 ? 29  LYS A CG  1 
ATOM   232 C  CD  . LYS A 1 30 ? -5.082  -9.405  -7.411  1.00 46.49 ? 29  LYS A CD  1 
ATOM   233 C  CE  . LYS A 1 30 ? -5.668  -10.597 -6.736  1.00 49.06 ? 29  LYS A CE  1 
ATOM   234 N  NZ  . LYS A 1 30 ? -5.901  -11.657 -7.785  1.00 49.79 ? 29  LYS A NZ  1 
ATOM   235 N  N   . SER A 1 31 ? -4.505  -4.293  -8.988  1.00 44.91 ? 30  SER A N   1 
ATOM   236 C  CA  . SER A 1 31 ? -3.772  -3.467  -9.961  1.00 45.36 ? 30  SER A CA  1 
ATOM   237 C  C   . SER A 1 31 ? -3.385  -2.066  -9.418  1.00 45.12 ? 30  SER A C   1 
ATOM   238 O  O   . SER A 1 31 ? -2.302  -1.561  -9.700  1.00 45.61 ? 30  SER A O   1 
ATOM   239 C  CB  . SER A 1 31 ? -4.548  -3.362  -11.261 1.00 45.39 ? 30  SER A CB  1 
ATOM   240 O  OG  . SER A 1 31 ? -5.646  -2.504  -11.081 1.00 47.79 ? 30  SER A OG  1 
ATOM   241 N  N   . GLU A 1 32 ? -4.261  -1.479  -8.612  1.00 44.54 ? 31  GLU A N   1 
ATOM   242 C  CA  . GLU A 1 32 ? -3.988  -0.235  -7.885  1.00 43.73 ? 31  GLU A CA  1 
ATOM   243 C  C   . GLU A 1 32 ? -2.919  -0.380  -6.781  1.00 44.10 ? 31  GLU A C   1 
ATOM   244 O  O   . GLU A 1 32 ? -2.022  0.464   -6.675  1.00 44.50 ? 31  GLU A O   1 
ATOM   245 C  CB  . GLU A 1 32 ? -5.280  0.296   -7.266  1.00 43.90 ? 31  GLU A CB  1 
ATOM   246 C  CG  . GLU A 1 32 ? -6.365  0.650   -8.248  1.00 41.02 ? 31  GLU A CG  1 
ATOM   247 C  CD  . GLU A 1 32 ? -7.669  0.884   -7.551  1.00 39.05 ? 31  GLU A CD  1 
ATOM   248 O  OE1 . GLU A 1 32 ? -7.880  0.324   -6.452  1.00 40.05 ? 31  GLU A OE1 1 
ATOM   249 O  OE2 . GLU A 1 32 ? -8.500  1.631   -8.080  1.00 39.61 ? 31  GLU A OE2 1 
ATOM   250 N  N   . LEU A 1 33 ? -3.011  -1.432  -5.957  1.00 43.48 ? 32  LEU A N   1 
ATOM   251 C  CA  . LEU A 1 33 ? -1.927  -1.775  -5.022  1.00 42.54 ? 32  LEU A CA  1 
ATOM   252 C  C   . LEU A 1 33 ? -0.599  -1.932  -5.766  1.00 42.19 ? 32  LEU A C   1 
ATOM   253 O  O   . LEU A 1 33 ? 0.425   -1.455  -5.306  1.00 41.37 ? 32  LEU A O   1 
ATOM   254 C  CB  . LEU A 1 33 ? -2.212  -3.097  -4.324  1.00 41.97 ? 32  LEU A CB  1 
ATOM   255 C  CG  . LEU A 1 33 ? -1.906  -3.398  -2.851  1.00 44.49 ? 32  LEU A CG  1 
ATOM   256 C  CD1 . LEU A 1 33 ? -1.534  -4.879  -2.661  1.00 42.76 ? 32  LEU A CD1 1 
ATOM   257 C  CD2 . LEU A 1 33 ? -0.927  -2.444  -2.118  1.00 40.18 ? 32  LEU A CD2 1 
ATOM   258 N  N   . LYS A 1 34 ? -0.607  -2.636  -6.888  1.00 41.88 ? 33  LYS A N   1 
ATOM   259 C  CA  . LYS A 1 34 ? 0.642   -2.905  -7.611  1.00 42.68 ? 33  LYS A CA  1 
ATOM   260 C  C   . LYS A 1 34 ? 1.306   -1.599  -8.100  1.00 42.23 ? 33  LYS A C   1 
ATOM   261 O  O   . LYS A 1 34 ? 2.516   -1.403  -7.971  1.00 41.40 ? 33  LYS A O   1 
ATOM   262 C  CB  . LYS A 1 34 ? 0.378   -3.868  -8.762  1.00 42.86 ? 33  LYS A CB  1 
ATOM   263 C  CG  . LYS A 1 34 ? 1.560   -4.047  -9.704  1.00 45.86 ? 33  LYS A CG  1 
ATOM   264 C  CD  . LYS A 1 34 ? 1.069   -4.449  -11.085 1.00 50.31 ? 33  LYS A CD  1 
ATOM   265 C  CE  . LYS A 1 34 ? 2.157   -4.307  -12.141 1.00 54.54 ? 33  LYS A CE  1 
ATOM   266 N  NZ  . LYS A 1 34 ? 1.580   -4.528  -13.516 1.00 58.50 ? 33  LYS A NZ  1 
ATOM   267 N  N   . GLU A 1 35 ? 0.489   -0.697  -8.634  1.00 42.30 ? 34  GLU A N   1 
ATOM   268 C  CA  . GLU A 1 35 ? 0.973   0.570   -9.129  1.00 41.86 ? 34  GLU A CA  1 
ATOM   269 C  C   . GLU A 1 35 ? 1.501   1.454   -8.011  1.00 41.78 ? 34  GLU A C   1 
ATOM   270 O  O   . GLU A 1 35 ? 2.526   2.100   -8.192  1.00 41.28 ? 34  GLU A O   1 
ATOM   271 C  CB  . GLU A 1 35 ? -0.117  1.292   -9.918  1.00 42.21 ? 34  GLU A CB  1 
ATOM   272 C  CG  . GLU A 1 35 ? -0.646  0.536   -11.177 1.00 44.29 ? 34  GLU A CG  1 
ATOM   273 C  CD  . GLU A 1 35 ? 0.412   0.240   -12.254 1.00 48.35 ? 34  GLU A CD  1 
ATOM   274 O  OE1 . GLU A 1 35 ? 1.626   0.419   -12.029 1.00 49.97 ? 34  GLU A OE1 1 
ATOM   275 O  OE2 . GLU A 1 35 ? 0.028   -0.183  -13.369 1.00 50.77 ? 34  GLU A OE2 1 
ATOM   276 N  N   . LEU A 1 36 ? 0.808   1.481   -6.861  1.00 42.14 ? 35  LEU A N   1 
ATOM   277 C  CA  . LEU A 1 36 ? 1.279   2.220   -5.673  1.00 41.89 ? 35  LEU A CA  1 
ATOM   278 C  C   . LEU A 1 36 ? 2.675   1.750   -5.283  1.00 43.23 ? 35  LEU A C   1 
ATOM   279 O  O   . LEU A 1 36 ? 3.575   2.572   -5.164  1.00 44.42 ? 35  LEU A O   1 
ATOM   280 C  CB  . LEU A 1 36 ? 0.318   2.076   -4.482  1.00 41.09 ? 35  LEU A CB  1 
ATOM   281 C  CG  . LEU A 1 36 ? 0.548   2.983   -3.275  1.00 40.34 ? 35  LEU A CG  1 
ATOM   282 C  CD1 . LEU A 1 36 ? -0.798  3.401   -2.630  1.00 41.47 ? 35  LEU A CD1 1 
ATOM   283 C  CD2 . LEU A 1 36 ? 1.449   2.340   -2.228  1.00 39.88 ? 35  LEU A CD2 1 
ATOM   284 N  N   . ILE A 1 37 ? 2.859   0.443   -5.094  1.00 42.95 ? 36  ILE A N   1 
ATOM   285 C  CA  . ILE A 1 37 ? 4.159   -0.098  -4.704  1.00 43.19 ? 36  ILE A CA  1 
ATOM   286 C  C   . ILE A 1 37 ? 5.248   0.205   -5.729  1.00 43.11 ? 36  ILE A C   1 
ATOM   287 O  O   . ILE A 1 37 ? 6.340   0.630   -5.353  1.00 44.06 ? 36  ILE A O   1 
ATOM   288 C  CB  . ILE A 1 37 ? 4.072   -1.623  -4.448  1.00 43.68 ? 36  ILE A CB  1 
ATOM   289 C  CG1 . ILE A 1 37 ? 3.329   -1.901  -3.127  1.00 44.94 ? 36  ILE A CG1 1 
ATOM   290 C  CG2 . ILE A 1 37 ? 5.498   -2.321  -4.465  1.00 44.11 ? 36  ILE A CG2 1 
ATOM   291 C  CD1 . ILE A 1 37 ? 2.889   -3.368  -2.997  1.00 45.25 ? 36  ILE A CD1 1 
ATOM   292 N  N   . ASN A 1 38 ? 4.957   -0.001  -7.013  1.00 42.55 ? 37  ASN A N   1 
ATOM   293 C  CA  . ASN A 1 38 ? 5.911   0.256   -8.076  1.00 42.37 ? 37  ASN A CA  1 
ATOM   294 C  C   . ASN A 1 38 ? 6.290   1.713   -8.284  1.00 42.44 ? 37  ASN A C   1 
ATOM   295 O  O   . ASN A 1 38 ? 7.463   2.003   -8.565  1.00 43.06 ? 37  ASN A O   1 
ATOM   296 C  CB  . ASN A 1 38 ? 5.429   -0.354  -9.405  1.00 42.74 ? 37  ASN A CB  1 
ATOM   297 C  CG  . ASN A 1 38 ? 5.598   -1.865  -9.444  1.00 42.93 ? 37  ASN A CG  1 
ATOM   298 O  OD1 . ASN A 1 38 ? 5.189   -2.552  -10.404 1.00 45.52 ? 37  ASN A OD1 1 
ATOM   299 N  ND2 . ASN A 1 38 ? 6.180   -2.394  -8.398  1.00 39.20 ? 37  ASN A ND2 1 
ATOM   300 N  N   . ASN A 1 39 ? 5.321   2.622   -8.166  1.00 42.31 ? 38  ASN A N   1 
ATOM   301 C  CA  . ASN A 1 39 ? 5.573   4.041   -8.419  1.00 42.03 ? 38  ASN A CA  1 
ATOM   302 C  C   . ASN A 1 39 ? 6.022   4.791   -7.185  1.00 41.97 ? 38  ASN A C   1 
ATOM   303 O  O   . ASN A 1 39 ? 6.779   5.743   -7.298  1.00 41.36 ? 38  ASN A O   1 
ATOM   304 C  CB  . ASN A 1 39 ? 4.341   4.773   -8.971  1.00 42.33 ? 38  ASN A CB  1 
ATOM   305 C  CG  . ASN A 1 39 ? 3.813   4.182   -10.255 1.00 42.40 ? 38  ASN A CG  1 
ATOM   306 O  OD1 . ASN A 1 39 ? 4.543   3.583   -11.052 1.00 43.34 ? 38  ASN A OD1 1 
ATOM   307 N  ND2 . ASN A 1 39 ? 2.526   4.358   -10.467 1.00 42.36 ? 38  ASN A ND2 1 
ATOM   308 N  N   . GLU A 1 40 ? 5.529   4.379   -6.018  1.00 42.01 ? 39  GLU A N   1 
ATOM   309 C  CA  . GLU A 1 40 ? 5.688   5.152   -4.810  1.00 42.88 ? 39  GLU A CA  1 
ATOM   310 C  C   . GLU A 1 40 ? 6.599   4.504   -3.757  1.00 43.19 ? 39  GLU A C   1 
ATOM   311 O  O   . GLU A 1 40 ? 6.920   5.140   -2.736  1.00 43.68 ? 39  GLU A O   1 
ATOM   312 C  CB  . GLU A 1 40 ? 4.305   5.445   -4.163  1.00 43.39 ? 39  GLU A CB  1 
ATOM   313 C  CG  . GLU A 1 40 ? 3.223   6.004   -5.117  1.00 43.83 ? 39  GLU A CG  1 
ATOM   314 C  CD  . GLU A 1 40 ? 3.606   7.265   -5.907  1.00 44.70 ? 39  GLU A CD  1 
ATOM   315 O  OE1 . GLU A 1 40 ? 4.374   8.129   -5.423  1.00 45.22 ? 39  GLU A OE1 1 
ATOM   316 O  OE2 . GLU A 1 40 ? 3.084   7.417   -7.036  1.00 45.27 ? 39  GLU A OE2 1 
ATOM   317 N  N   . LEU A 1 41 ? 7.003   3.258   -3.964  1.00 42.75 ? 40  LEU A N   1 
ATOM   318 C  CA  . LEU A 1 41 ? 7.882   2.589   -2.981  1.00 43.06 ? 40  LEU A CA  1 
ATOM   319 C  C   . LEU A 1 41 ? 9.116   1.952   -3.624  1.00 42.68 ? 40  LEU A C   1 
ATOM   320 O  O   . LEU A 1 41 ? 9.635   0.954   -3.127  1.00 42.64 ? 40  LEU A O   1 
ATOM   321 C  CB  . LEU A 1 41 ? 7.113   1.559   -2.113  1.00 42.04 ? 40  LEU A CB  1 
ATOM   322 C  CG  . LEU A 1 41 ? 6.057   2.056   -1.115  1.00 42.21 ? 40  LEU A CG  1 
ATOM   323 C  CD1 . LEU A 1 41 ? 5.042   0.952   -0.761  1.00 38.77 ? 40  LEU A CD1 1 
ATOM   324 C  CD2 . LEU A 1 41 ? 6.721   2.615   0.154   1.00 42.84 ? 40  LEU A CD2 1 
ATOM   325 N  N   . SER A 1 42 ? 9.616   2.569   -4.695  1.00 43.70 ? 41  SER A N   1 
ATOM   326 C  CA  . SER A 1 42 ? 10.703  1.974   -5.487  1.00 44.12 ? 41  SER A CA  1 
ATOM   327 C  C   . SER A 1 42 ? 12.045  1.908   -4.781  1.00 44.53 ? 41  SER A C   1 
ATOM   328 O  O   . SER A 1 42 ? 12.962  1.284   -5.285  1.00 44.82 ? 41  SER A O   1 
ATOM   329 C  CB  . SER A 1 42 ? 10.891  2.706   -6.811  1.00 44.31 ? 41  SER A CB  1 
ATOM   330 O  OG  . SER A 1 42 ? 11.057  4.086   -6.583  1.00 45.94 ? 41  SER A OG  1 
ATOM   331 N  N   . HIS A 1 43 ? 12.187  2.572   -3.635  1.00 44.94 ? 42  HIS A N   1 
ATOM   332 C  CA  . HIS A 1 43 ? 13.453  2.467   -2.896  1.00 45.55 ? 42  HIS A CA  1 
ATOM   333 C  C   . HIS A 1 43 ? 13.387  1.469   -1.748  1.00 45.20 ? 42  HIS A C   1 
ATOM   334 O  O   . HIS A 1 43 ? 14.424  1.004   -1.268  1.00 45.50 ? 42  HIS A O   1 
ATOM   335 C  CB  . HIS A 1 43 ? 13.933  3.822   -2.363  1.00 45.91 ? 42  HIS A CB  1 
ATOM   336 C  CG  . HIS A 1 43 ? 14.107  4.860   -3.423  1.00 47.51 ? 42  HIS A CG  1 
ATOM   337 N  ND1 . HIS A 1 43 ? 13.236  5.917   -3.572  1.00 48.95 ? 42  HIS A ND1 1 
ATOM   338 C  CD2 . HIS A 1 43 ? 15.033  4.993   -4.403  1.00 48.92 ? 42  HIS A CD2 1 
ATOM   339 C  CE1 . HIS A 1 43 ? 13.626  6.667   -4.587  1.00 50.73 ? 42  HIS A CE1 1 
ATOM   340 N  NE2 . HIS A 1 43 ? 14.713  6.125   -5.111  1.00 50.86 ? 42  HIS A NE2 1 
ATOM   341 N  N   . PHE A 1 44 ? 12.184  1.155   -1.302  1.00 45.21 ? 43  PHE A N   1 
ATOM   342 C  CA  . PHE A 1 44 ? 11.992  0.251   -0.163  1.00 45.68 ? 43  PHE A CA  1 
ATOM   343 C  C   . PHE A 1 44 ? 11.655  -1.165  -0.608  1.00 45.47 ? 43  PHE A C   1 
ATOM   344 O  O   . PHE A 1 44 ? 12.020  -2.130  0.065   1.00 46.33 ? 43  PHE A O   1 
ATOM   345 C  CB  . PHE A 1 44 ? 10.896  0.781   0.787   1.00 46.38 ? 43  PHE A CB  1 
ATOM   346 C  CG  . PHE A 1 44 ? 11.302  2.036   1.575   1.00 47.26 ? 43  PHE A CG  1 
ATOM   347 C  CD1 . PHE A 1 44 ? 12.622  2.376   1.753   1.00 48.58 ? 43  PHE A CD1 1 
ATOM   348 C  CD2 . PHE A 1 44 ? 10.355  2.832   2.170   1.00 49.82 ? 43  PHE A CD2 1 
ATOM   349 C  CE1 . PHE A 1 44 ? 12.980  3.516   2.478   1.00 50.48 ? 43  PHE A CE1 1 
ATOM   350 C  CE2 . PHE A 1 44 ? 10.723  3.975   2.898   1.00 50.31 ? 43  PHE A CE2 1 
ATOM   351 C  CZ  . PHE A 1 44 ? 12.022  4.305   3.040   1.00 47.86 ? 43  PHE A CZ  1 
ATOM   352 N  N   . LEU A 1 45 ? 10.955  -1.294  -1.732  1.00 44.81 ? 44  LEU A N   1 
ATOM   353 C  CA  . LEU A 1 45 ? 10.458  -2.613  -2.173  1.00 44.27 ? 44  LEU A CA  1 
ATOM   354 C  C   . LEU A 1 45 ? 10.878  -2.918  -3.586  1.00 44.46 ? 44  LEU A C   1 
ATOM   355 O  O   . LEU A 1 45 ? 10.986  -2.012  -4.396  1.00 43.87 ? 44  LEU A O   1 
ATOM   356 C  CB  . LEU A 1 45 ? 8.925   -2.680  -2.077  1.00 44.13 ? 44  LEU A CB  1 
ATOM   357 C  CG  . LEU A 1 45 ? 8.297   -2.552  -0.681  1.00 44.45 ? 44  LEU A CG  1 
ATOM   358 C  CD1 . LEU A 1 45 ? 6.796   -2.611  -0.785  1.00 46.18 ? 44  LEU A CD1 1 
ATOM   359 C  CD2 . LEU A 1 45 ? 8.792   -3.607  0.277   1.00 44.82 ? 44  LEU A CD2 1 
ATOM   360 N  N   . GLU A 1 46 ? 11.087  -4.203  -3.887  1.00 44.88 ? 45  GLU A N   1 
ATOM   361 C  CA  . GLU A 1 46 ? 11.407  -4.666  -5.244  1.00 45.52 ? 45  GLU A CA  1 
ATOM   362 C  C   . GLU A 1 46 ? 10.201  -4.445  -6.164  1.00 45.18 ? 45  GLU A C   1 
ATOM   363 O  O   . GLU A 1 46 ? 9.075   -4.735  -5.788  1.00 45.53 ? 45  GLU A O   1 
ATOM   364 C  CB  . GLU A 1 46 ? 11.752  -6.155  -5.188  1.00 45.64 ? 45  GLU A CB  1 
ATOM   365 C  CG  . GLU A 1 46 ? 12.594  -6.670  -6.311  1.00 50.00 ? 45  GLU A CG  1 
ATOM   366 C  CD  . GLU A 1 46 ? 13.331  -7.965  -5.932  1.00 54.58 ? 45  GLU A CD  1 
ATOM   367 O  OE1 . GLU A 1 46 ? 12.658  -8.915  -5.444  1.00 56.25 ? 45  GLU A OE1 1 
ATOM   368 O  OE2 . GLU A 1 46 ? 14.574  -8.024  -6.128  1.00 55.85 ? 45  GLU A OE2 1 
ATOM   369 N  N   . GLU A 1 47 ? 10.440  -3.918  -7.363  1.00 44.86 ? 46  GLU A N   1 
ATOM   370 C  CA  . GLU A 1 47 ? 9.404   -3.770  -8.385  1.00 43.92 ? 46  GLU A CA  1 
ATOM   371 C  C   . GLU A 1 47 ? 8.642   -5.074  -8.610  1.00 43.08 ? 46  GLU A C   1 
ATOM   372 O  O   . GLU A 1 47 ? 9.260   -6.103  -8.802  1.00 43.20 ? 46  GLU A O   1 
ATOM   373 C  CB  . GLU A 1 47 ? 10.057  -3.392  -9.712  1.00 44.21 ? 46  GLU A CB  1 
ATOM   374 C  CG  . GLU A 1 47 ? 9.103   -2.688  -10.645 1.00 45.35 ? 46  GLU A CG  1 
ATOM   375 C  CD  . GLU A 1 47 ? 9.660   -2.532  -12.034 1.00 48.27 ? 46  GLU A CD  1 
ATOM   376 O  OE1 . GLU A 1 47 ? 10.889  -2.301  -12.157 1.00 50.05 ? 46  GLU A OE1 1 
ATOM   377 O  OE2 . GLU A 1 47 ? 8.872   -2.650  -13.003 1.00 49.33 ? 46  GLU A OE2 1 
ATOM   378 N  N   . ILE A 1 48 ? 7.308   -5.019  -8.596  1.00 42.03 ? 47  ILE A N   1 
ATOM   379 C  CA  . ILE A 1 48 ? 6.476   -6.201  -8.797  1.00 41.44 ? 47  ILE A CA  1 
ATOM   380 C  C   . ILE A 1 48 ? 6.227   -6.378  -10.292 1.00 41.79 ? 47  ILE A C   1 
ATOM   381 O  O   . ILE A 1 48 ? 5.598   -5.512  -10.917 1.00 41.36 ? 47  ILE A O   1 
ATOM   382 C  CB  . ILE A 1 48 ? 5.105   -6.077  -8.093  1.00 41.63 ? 47  ILE A CB  1 
ATOM   383 C  CG1 . ILE A 1 48 ? 5.277   -5.863  -6.573  1.00 41.22 ? 47  ILE A CG1 1 
ATOM   384 C  CG2 . ILE A 1 48 ? 4.267   -7.320  -8.394  1.00 40.20 ? 47  ILE A CG2 1 
ATOM   385 C  CD1 . ILE A 1 48 ? 3.991   -5.627  -5.820  1.00 41.86 ? 47  ILE A CD1 1 
ATOM   386 N  N   . LYS A 1 49 ? 6.705   -7.484  -10.847 1.00 40.70 ? 48  LYS A N   1 
ATOM   387 C  CA  . LYS A 1 49 ? 6.547   -7.765  -12.275 1.00 42.66 ? 48  LYS A CA  1 
ATOM   388 C  C   . LYS A 1 49 ? 5.745   -9.040  -12.573 1.00 42.96 ? 48  LYS A C   1 
ATOM   389 O  O   . LYS A 1 49 ? 5.560   -9.385  -13.731 1.00 43.74 ? 48  LYS A O   1 
ATOM   390 C  CB  . LYS A 1 49 ? 7.912   -7.941  -12.978 1.00 41.54 ? 48  LYS A CB  1 
ATOM   391 C  CG  . LYS A 1 49 ? 8.971   -6.923  -12.667 1.00 43.16 ? 48  LYS A CG  1 
ATOM   392 C  CD  . LYS A 1 49 ? 10.106  -6.976  -13.716 1.00 43.00 ? 48  LYS A CD  1 
ATOM   393 C  CE  . LYS A 1 49 ? 10.995  -5.729  -13.625 1.00 45.12 ? 48  LYS A CE  1 
ATOM   394 N  NZ  . LYS A 1 49 ? 12.014  -5.589  -14.743 1.00 44.28 ? 48  LYS A NZ  1 
ATOM   395 N  N   . GLU A 1 50 ? 5.353   -9.777  -11.546 1.00 43.65 ? 49  GLU A N   1 
ATOM   396 C  CA  . GLU A 1 50 ? 4.737   -11.082 -11.736 1.00 44.67 ? 49  GLU A CA  1 
ATOM   397 C  C   . GLU A 1 50 ? 3.385   -11.080 -11.044 1.00 44.26 ? 49  GLU A C   1 
ATOM   398 O  O   . GLU A 1 50 ? 3.249   -10.523 -9.961  1.00 44.91 ? 49  GLU A O   1 
ATOM   399 C  CB  . GLU A 1 50 ? 5.587   -12.198 -11.112 1.00 45.34 ? 49  GLU A CB  1 
ATOM   400 C  CG  . GLU A 1 50 ? 6.999   -12.408 -11.646 1.00 48.81 ? 49  GLU A CG  1 
ATOM   401 C  CD  . GLU A 1 50 ? 7.015   -13.118 -12.972 1.00 55.82 ? 49  GLU A CD  1 
ATOM   402 O  OE1 . GLU A 1 50 ? 6.044   -13.863 -13.278 1.00 59.93 ? 49  GLU A OE1 1 
ATOM   403 O  OE2 . GLU A 1 50 ? 8.010   -12.934 -13.720 1.00 58.19 ? 49  GLU A OE2 1 
ATOM   404 N  N   . GLN A 1 51 ? 2.406   -11.730 -11.661 1.00 44.23 ? 50  GLN A N   1 
ATOM   405 C  CA  . GLN A 1 51 ? 1.041   -11.774 -11.142 1.00 44.05 ? 50  GLN A CA  1 
ATOM   406 C  C   . GLN A 1 51 ? 1.012   -12.514 -9.821  1.00 43.33 ? 50  GLN A C   1 
ATOM   407 O  O   . GLN A 1 51 ? 0.268   -12.144 -8.922  1.00 43.52 ? 50  GLN A O   1 
ATOM   408 C  CB  . GLN A 1 51 ? 0.126   -12.478 -12.161 1.00 44.38 ? 50  GLN A CB  1 
ATOM   409 C  CG  . GLN A 1 51 ? -1.345  -12.551 -11.800 1.00 44.52 ? 50  GLN A CG  1 
ATOM   410 C  CD  . GLN A 1 51 ? -1.992  -11.184 -11.705 1.00 46.25 ? 50  GLN A CD  1 
ATOM   411 O  OE1 . GLN A 1 51 ? -2.165  -10.486 -12.709 1.00 48.45 ? 50  GLN A OE1 1 
ATOM   412 N  NE2 . GLN A 1 51 ? -2.388  -10.810 -10.503 1.00 45.16 ? 50  GLN A NE2 1 
ATOM   413 N  N   . GLU A 1 52 ? 1.828   -13.559 -9.689  1.00 43.18 ? 51  GLU A N   1 
ATOM   414 C  CA  . GLU A 1 52 ? 1.837   -14.311 -8.445  1.00 42.70 ? 51  GLU A CA  1 
ATOM   415 C  C   . GLU A 1 52 ? 2.315   -13.491 -7.253  1.00 42.02 ? 51  GLU A C   1 
ATOM   416 O  O   . GLU A 1 52 ? 1.952   -13.789 -6.128  1.00 41.80 ? 51  GLU A O   1 
ATOM   417 C  CB  . GLU A 1 52 ? 2.567   -15.657 -8.581  1.00 43.19 ? 51  GLU A CB  1 
ATOM   418 C  CG  . GLU A 1 52 ? 4.087   -15.651 -8.688  1.00 43.69 ? 51  GLU A CG  1 
ATOM   419 C  CD  . GLU A 1 52 ? 4.658   -17.069 -8.629  1.00 44.43 ? 51  GLU A CD  1 
ATOM   420 O  OE1 . GLU A 1 52 ? 4.873   -17.693 -9.681  1.00 46.17 ? 51  GLU A OE1 1 
ATOM   421 O  OE2 . GLU A 1 52 ? 4.865   -17.580 -7.517  1.00 48.94 ? 51  GLU A OE2 1 
ATOM   422 N  N   . VAL A 1 53 ? 3.101   -12.449 -7.505  1.00 42.19 ? 52  VAL A N   1 
ATOM   423 C  CA  . VAL A 1 53 ? 3.598   -11.580 -6.417  1.00 42.16 ? 52  VAL A CA  1 
ATOM   424 C  C   . VAL A 1 53 ? 2.531   -10.559 -6.023  1.00 42.76 ? 52  VAL A C   1 
ATOM   425 O  O   . VAL A 1 53 ? 2.301   -10.330 -4.840  1.00 43.60 ? 52  VAL A O   1 
ATOM   426 C  CB  . VAL A 1 53 ? 4.947   -10.890 -6.785  1.00 42.24 ? 52  VAL A CB  1 
ATOM   427 C  CG1 . VAL A 1 53 ? 5.402   -9.846  -5.693  1.00 40.17 ? 52  VAL A CG1 1 
ATOM   428 C  CG2 . VAL A 1 53 ? 6.019   -11.930 -6.997  1.00 41.07 ? 52  VAL A CG2 1 
ATOM   429 N  N   . VAL A 1 54 ? 1.866   -9.970  -7.022  1.00 43.68 ? 53  VAL A N   1 
ATOM   430 C  CA  . VAL A 1 54 ? 0.650   -9.157  -6.824  1.00 43.99 ? 53  VAL A CA  1 
ATOM   431 C  C   . VAL A 1 54 ? -0.362  -9.920  -5.937  1.00 44.31 ? 53  VAL A C   1 
ATOM   432 O  O   . VAL A 1 54 ? -0.848  -9.382  -4.916  1.00 44.40 ? 53  VAL A O   1 
ATOM   433 C  CB  . VAL A 1 54 ? -0.034  -8.815  -8.215  1.00 44.43 ? 53  VAL A CB  1 
ATOM   434 C  CG1 . VAL A 1 54 ? -1.375  -8.075  -8.047  1.00 44.96 ? 53  VAL A CG1 1 
ATOM   435 C  CG2 . VAL A 1 54 ? 0.895   -8.024  -9.142  1.00 45.56 ? 53  VAL A CG2 1 
ATOM   436 N  N   . ASP A 1 55 ? -0.674  -11.161 -6.346  1.00 43.43 ? 54  ASP A N   1 
ATOM   437 C  CA  . ASP A 1 55 ? -1.610  -12.048 -5.658  1.00 42.98 ? 54  ASP A CA  1 
ATOM   438 C  C   . ASP A 1 55 ? -1.195  -12.331 -4.218  1.00 43.19 ? 54  ASP A C   1 
ATOM   439 O  O   . ASP A 1 55 ? -2.027  -12.274 -3.322  1.00 43.56 ? 54  ASP A O   1 
ATOM   440 C  CB  . ASP A 1 55 ? -1.733  -13.388 -6.406  1.00 42.22 ? 54  ASP A CB  1 
ATOM   441 C  CG  . ASP A 1 55 ? -2.439  -13.251 -7.737  1.00 41.43 ? 54  ASP A CG  1 
ATOM   442 O  OD1 . ASP A 1 55 ? -2.905  -12.146 -8.055  1.00 42.58 ? 54  ASP A OD1 1 
ATOM   443 O  OD2 . ASP A 1 55 ? -2.559  -14.247 -8.459  1.00 37.56 ? 54  ASP A OD2 1 
ATOM   444 N  N   . LYS A 1 56 ? 0.080   -12.664 -4.006  1.00 43.28 ? 55  LYS A N   1 
ATOM   445 C  CA  . LYS A 1 56 ? 0.597   -12.933 -2.658  1.00 43.61 ? 55  LYS A CA  1 
ATOM   446 C  C   . LYS A 1 56 ? 0.644   -11.701 -1.747  1.00 43.71 ? 55  LYS A C   1 
ATOM   447 O  O   . LYS A 1 56 ? 0.445   -11.813 -0.539  1.00 43.51 ? 55  LYS A O   1 
ATOM   448 C  CB  . LYS A 1 56 ? 2.004   -13.527 -2.754  1.00 44.14 ? 55  LYS A CB  1 
ATOM   449 C  CG  . LYS A 1 56 ? 2.645   -13.874 -1.406  1.00 45.68 ? 55  LYS A CG  1 
ATOM   450 C  CD  . LYS A 1 56 ? 2.278   -15.288 -0.966  1.00 51.49 ? 55  LYS A CD  1 
ATOM   451 C  CE  . LYS A 1 56 ? 1.155   -15.299 0.096   1.00 53.35 ? 55  LYS A CE  1 
ATOM   452 N  NZ  . LYS A 1 56 ? 0.750   -16.695 0.501   1.00 55.41 ? 55  LYS A NZ  1 
ATOM   453 N  N   . VAL A 1 57 ? 0.971   -10.538 -2.319  1.00 43.91 ? 56  VAL A N   1 
ATOM   454 C  CA  . VAL A 1 57 ? 1.083   -9.295  -1.550  1.00 44.04 ? 56  VAL A CA  1 
ATOM   455 C  C   . VAL A 1 57 ? -0.282  -8.925  -1.028  1.00 44.49 ? 56  VAL A C   1 
ATOM   456 O  O   . VAL A 1 57 ? -0.418  -8.636  0.153   1.00 44.82 ? 56  VAL A O   1 
ATOM   457 C  CB  . VAL A 1 57 ? 1.703   -8.138  -2.395  1.00 44.03 ? 56  VAL A CB  1 
ATOM   458 C  CG1 . VAL A 1 57 ? 1.491   -6.773  -1.733  1.00 44.84 ? 56  VAL A CG1 1 
ATOM   459 C  CG2 . VAL A 1 57 ? 3.204   -8.398  -2.591  1.00 43.06 ? 56  VAL A CG2 1 
ATOM   460 N  N   . MET A 1 58 ? -1.296  -8.946  -1.898  1.00 44.72 ? 57  MET A N   1 
ATOM   461 C  CA  . MET A 1 58 ? -2.678  -8.675  -1.471  1.00 44.33 ? 57  MET A CA  1 
ATOM   462 C  C   . MET A 1 58 ? -3.164  -9.694  -0.449  1.00 44.61 ? 57  MET A C   1 
ATOM   463 O  O   . MET A 1 58 ? -3.870  -9.336  0.482   1.00 44.63 ? 57  MET A O   1 
ATOM   464 C  CB  . MET A 1 58 ? -3.634  -8.698  -2.664  1.00 44.20 ? 57  MET A CB  1 
ATOM   465 C  CG  . MET A 1 58 ? -5.101  -8.533  -2.251  1.00 45.37 ? 57  MET A CG  1 
ATOM   466 S  SD  . MET A 1 58 ? -5.480  -6.852  -1.685  1.00 46.90 ? 57  MET A SD  1 
ATOM   467 C  CE  . MET A 1 58 ? -5.538  -6.064  -3.315  1.00 43.08 ? 57  MET A CE  1 
ATOM   468 N  N   . GLU A 1 59 ? -2.818  -10.969 -0.641  1.00 45.02 ? 58  GLU A N   1 
ATOM   469 C  CA  . GLU A 1 59 ? -3.239  -12.053 0.271   1.00 45.64 ? 58  GLU A CA  1 
ATOM   470 C  C   . GLU A 1 59 ? -2.737  -11.752 1.679   1.00 45.03 ? 58  GLU A C   1 
ATOM   471 O  O   . GLU A 1 59 ? -3.436  -11.955 2.665   1.00 44.65 ? 58  GLU A O   1 
ATOM   472 C  CB  . GLU A 1 59 ? -2.713  -13.413 -0.258  1.00 45.92 ? 58  GLU A CB  1 
ATOM   473 C  CG  . GLU A 1 59 ? -3.056  -14.659 0.575   1.00 47.68 ? 58  GLU A CG  1 
ATOM   474 C  CD  . GLU A 1 59 ? -2.378  -15.983 0.075   1.00 48.42 ? 58  GLU A CD  1 
ATOM   475 O  OE1 . GLU A 1 59 ? -1.971  -16.800 0.931   1.00 51.15 ? 58  GLU A OE1 1 
ATOM   476 O  OE2 . GLU A 1 59 ? -2.257  -16.224 -1.159  1.00 52.88 ? 58  GLU A OE2 1 
ATOM   477 N  N   . THR A 1 60 ? -1.526  -11.221 1.747   1.00 45.34 ? 59  THR A N   1 
ATOM   478 C  CA  . THR A 1 60 ? -0.882  -10.839 2.999   1.00 45.82 ? 59  THR A CA  1 
ATOM   479 C  C   . THR A 1 60 ? -1.519  -9.614  3.662   1.00 45.66 ? 59  THR A C   1 
ATOM   480 O  O   . THR A 1 60 ? -1.702  -9.597  4.883   1.00 45.45 ? 59  THR A O   1 
ATOM   481 C  CB  . THR A 1 60 ? 0.609   -10.575 2.739   1.00 46.15 ? 59  THR A CB  1 
ATOM   482 O  OG1 . THR A 1 60 ? 1.180   -11.776 2.187   1.00 48.52 ? 59  THR A OG1 1 
ATOM   483 C  CG2 . THR A 1 60 ? 1.343   -10.205 4.027   1.00 46.54 ? 59  THR A CG2 1 
ATOM   484 N  N   . LEU A 1 61 ? -1.865  -8.604  2.864   1.00 45.00 ? 60  LEU A N   1 
ATOM   485 C  CA  . LEU A 1 61 ? -2.399  -7.359  3.401   1.00 45.30 ? 60  LEU A CA  1 
ATOM   486 C  C   . LEU A 1 61 ? -3.901  -7.429  3.748   1.00 45.26 ? 60  LEU A C   1 
ATOM   487 O  O   . LEU A 1 61 ? -4.407  -6.639  4.566   1.00 45.72 ? 60  LEU A O   1 
ATOM   488 C  CB  . LEU A 1 61 ? -2.130  -6.213  2.416   1.00 45.43 ? 60  LEU A CB  1 
ATOM   489 C  CG  . LEU A 1 61 ? -0.666  -5.882  2.124   1.00 46.77 ? 60  LEU A CG  1 
ATOM   490 C  CD1 . LEU A 1 61 ? -0.553  -4.562  1.375   1.00 45.47 ? 60  LEU A CD1 1 
ATOM   491 C  CD2 . LEU A 1 61 ? 0.147   -5.835  3.407   1.00 49.25 ? 60  LEU A CD2 1 
ATOM   492 N  N   . ASP A 1 62 ? -4.588  -8.392  3.131   1.00 44.07 ? 61  ASP A N   1 
ATOM   493 C  CA  . ASP A 1 62 ? -6.033  -8.502  3.139   1.00 44.04 ? 61  ASP A CA  1 
ATOM   494 C  C   . ASP A 1 62 ? -6.541  -9.214  4.376   1.00 44.37 ? 61  ASP A C   1 
ATOM   495 O  O   . ASP A 1 62 ? -6.900  -10.393 4.297   1.00 45.14 ? 61  ASP A O   1 
ATOM   496 C  CB  . ASP A 1 62 ? -6.476  -9.309  1.908   1.00 44.11 ? 61  ASP A CB  1 
ATOM   497 C  CG  . ASP A 1 62 ? -7.977  -9.312  1.713   1.00 43.40 ? 61  ASP A CG  1 
ATOM   498 O  OD1 . ASP A 1 62 ? -8.657  -8.475  2.355   1.00 44.97 ? 61  ASP A OD1 1 
ATOM   499 O  OD2 . ASP A 1 62 ? -8.464  -10.128 0.900   1.00 42.48 ? 61  ASP A OD2 1 
ATOM   500 N  N   . SER A 1 63 ? -6.598  -8.493  5.496   1.00 44.23 ? 62  SER A N   1 
ATOM   501 C  CA  . SER A 1 63 ? -6.939  -9.065  6.812   1.00 44.43 ? 62  SER A CA  1 
ATOM   502 C  C   . SER A 1 63 ? -8.370  -9.570  6.968   1.00 44.34 ? 62  SER A C   1 
ATOM   503 O  O   . SER A 1 63 ? -8.592  -10.583 7.629   1.00 44.21 ? 62  SER A O   1 
ATOM   504 C  CB  . SER A 1 63 ? -6.694  -8.037  7.909   1.00 43.65 ? 62  SER A CB  1 
ATOM   505 O  OG  . SER A 1 63 ? -5.358  -7.638  7.885   1.00 46.47 ? 62  SER A OG  1 
ATOM   506 N  N   . ASP A 1 64 ? -9.325  -8.844  6.395   1.00 44.70 ? 63  ASP A N   1 
ATOM   507 C  CA  . ASP A 1 64 ? -10.730 -9.177  6.550   1.00 46.10 ? 63  ASP A CA  1 
ATOM   508 C  C   . ASP A 1 64 ? -11.250 -10.068 5.404   1.00 46.16 ? 63  ASP A C   1 
ATOM   509 O  O   . ASP A 1 64 ? -12.408 -10.490 5.399   1.00 47.31 ? 63  ASP A O   1 
ATOM   510 C  CB  . ASP A 1 64 ? -11.570 -7.898  6.736   1.00 46.10 ? 63  ASP A CB  1 
ATOM   511 C  CG  . ASP A 1 64 ? -11.584 -6.999  5.502   1.00 47.61 ? 63  ASP A CG  1 
ATOM   512 O  OD1 . ASP A 1 64 ? -11.183 -7.432  4.405   1.00 50.37 ? 63  ASP A OD1 1 
ATOM   513 O  OD2 . ASP A 1 64 ? -12.004 -5.836  5.628   1.00 50.57 ? 63  ASP A OD2 1 
ATOM   514 N  N   . GLY A 1 65 ? -10.391 -10.342 4.431   1.00 46.66 ? 64  GLY A N   1 
ATOM   515 C  CA  . GLY A 1 65 ? -10.702 -11.336 3.415   1.00 46.42 ? 64  GLY A CA  1 
ATOM   516 C  C   . GLY A 1 65 ? -11.603 -10.955 2.253   1.00 46.53 ? 64  GLY A C   1 
ATOM   517 O  O   . GLY A 1 65 ? -12.094 -11.855 1.576   1.00 47.13 ? 64  GLY A O   1 
ATOM   518 N  N   . ASP A 1 66 ? -11.797 -9.660  1.975   1.00 46.27 ? 65  ASP A N   1 
ATOM   519 C  CA  . ASP A 1 66 ? -12.665 -9.226  0.846   1.00 45.56 ? 65  ASP A CA  1 
ATOM   520 C  C   . ASP A 1 66 ? -11.973 -9.074  -0.514  1.00 45.71 ? 65  ASP A C   1 
ATOM   521 O  O   . ASP A 1 66 ? -12.559 -8.568  -1.475  1.00 45.94 ? 65  ASP A O   1 
ATOM   522 C  CB  . ASP A 1 66 ? -13.426 -7.932  1.175   1.00 45.66 ? 65  ASP A CB  1 
ATOM   523 C  CG  . ASP A 1 66 ? -12.506 -6.714  1.352   1.00 45.81 ? 65  ASP A CG  1 
ATOM   524 O  OD1 . ASP A 1 66 ? -11.256 -6.851  1.323   1.00 45.24 ? 65  ASP A OD1 1 
ATOM   525 O  OD2 . ASP A 1 66 ? -13.042 -5.593  1.521   1.00 45.36 ? 65  ASP A OD2 1 
ATOM   526 N  N   . GLY A 1 67 ? -10.715 -9.479  -0.602  1.00 45.81 ? 66  GLY A N   1 
ATOM   527 C  CA  . GLY A 1 67 ? -10.012 -9.376  -1.869  1.00 45.66 ? 66  GLY A CA  1 
ATOM   528 C  C   . GLY A 1 67 ? -9.382  -8.024  -2.174  1.00 46.06 ? 66  GLY A C   1 
ATOM   529 O  O   . GLY A 1 67 ? -8.658  -7.902  -3.167  1.00 47.38 ? 66  GLY A O   1 
ATOM   530 N  N   . GLU A 1 68 ? -9.625  -6.999  -1.352  1.00 45.54 ? 67  GLU A N   1 
ATOM   531 C  CA  . GLU A 1 68 ? -9.013  -5.676  -1.596  1.00 45.21 ? 67  GLU A CA  1 
ATOM   532 C  C   . GLU A 1 68 ? -8.380  -5.132  -0.350  1.00 44.18 ? 67  GLU A C   1 
ATOM   533 O  O   . GLU A 1 68 ? -8.601  -5.666  0.724   1.00 44.06 ? 67  GLU A O   1 
ATOM   534 C  CB  . GLU A 1 68 ? -10.037 -4.675  -2.144  1.00 45.43 ? 67  GLU A CB  1 
ATOM   535 C  CG  . GLU A 1 68 ? -10.667 -5.139  -3.463  1.00 47.14 ? 67  GLU A CG  1 
ATOM   536 C  CD  . GLU A 1 68 ? -11.513 -4.094  -4.169  1.00 47.26 ? 67  GLU A CD  1 
ATOM   537 O  OE1 . GLU A 1 68 ? -11.289 -2.872  -4.002  1.00 49.66 ? 67  GLU A OE1 1 
ATOM   538 O  OE2 . GLU A 1 68 ? -12.400 -4.524  -4.933  1.00 50.56 ? 67  GLU A OE2 1 
ATOM   539 N  N   . CYS A 1 69 ? -7.588  -4.074  -0.507  1.00 44.09 ? 68  CYS A N   1 
ATOM   540 C  CA  . CYS A 1 69 ? -6.909  -3.402  0.601   1.00 44.04 ? 68  CYS A CA  1 
ATOM   541 C  C   . CYS A 1 69 ? -7.644  -2.109  0.971   1.00 44.07 ? 68  CYS A C   1 
ATOM   542 O  O   . CYS A 1 69 ? -7.590  -1.142  0.205   1.00 44.22 ? 68  CYS A O   1 
ATOM   543 C  CB  . CYS A 1 69 ? -5.422  -3.103  0.226   1.00 43.89 ? 68  CYS A CB  1 
ATOM   544 S  SG  . CYS A 1 69 ? -4.416  -2.391  1.606   1.00 44.48 ? 68  CYS A SG  1 
ATOM   545 N  N   . ASP A 1 70 ? -8.335  -2.083  2.120   1.00 43.88 ? 69  ASP A N   1 
ATOM   546 C  CA  . ASP A 1 70 ? -8.940  -0.834  2.612   1.00 44.00 ? 69  ASP A CA  1 
ATOM   547 C  C   . ASP A 1 70 ? -7.941  0.050   3.410   1.00 43.93 ? 69  ASP A C   1 
ATOM   548 O  O   . ASP A 1 70 ? -6.756  -0.292  3.522   1.00 43.51 ? 69  ASP A O   1 
ATOM   549 C  CB  . ASP A 1 70 ? -10.244 -1.090  3.397   1.00 44.32 ? 69  ASP A CB  1 
ATOM   550 C  CG  . ASP A 1 70 ? -10.014 -1.772  4.732   1.00 45.64 ? 69  ASP A CG  1 
ATOM   551 O  OD1 . ASP A 1 70 ? -8.880  -1.764  5.264   1.00 47.47 ? 69  ASP A OD1 1 
ATOM   552 O  OD2 . ASP A 1 70 ? -10.986 -2.332  5.251   1.00 47.46 ? 69  ASP A OD2 1 
ATOM   553 N  N   . PHE A 1 71 ? -8.407  1.180   3.942   1.00 43.65 ? 70  PHE A N   1 
ATOM   554 C  CA  . PHE A 1 71 ? -7.499  2.141   4.551   1.00 44.11 ? 70  PHE A CA  1 
ATOM   555 C  C   . PHE A 1 71 ? -6.768  1.640   5.782   1.00 45.02 ? 70  PHE A C   1 
ATOM   556 O  O   . PHE A 1 71 ? -5.580  1.919   5.928   1.00 46.45 ? 70  PHE A O   1 
ATOM   557 C  CB  . PHE A 1 71 ? -8.152  3.487   4.883   1.00 44.39 ? 70  PHE A CB  1 
ATOM   558 C  CG  . PHE A 1 71 ? -7.153  4.539   5.267   1.00 44.28 ? 70  PHE A CG  1 
ATOM   559 C  CD1 . PHE A 1 71 ? -6.246  5.024   4.331   1.00 45.47 ? 70  PHE A CD1 1 
ATOM   560 C  CD2 . PHE A 1 71 ? -7.082  5.023   6.572   1.00 46.38 ? 70  PHE A CD2 1 
ATOM   561 C  CE1 . PHE A 1 71 ? -5.271  5.979   4.684   1.00 46.37 ? 70  PHE A CE1 1 
ATOM   562 C  CE2 . PHE A 1 71 ? -6.105  5.985   6.919   1.00 42.49 ? 70  PHE A CE2 1 
ATOM   563 C  CZ  . PHE A 1 71 ? -5.224  6.462   5.972   1.00 43.78 ? 70  PHE A CZ  1 
ATOM   564 N  N   . GLN A 1 72 ? -7.467  0.936   6.664   1.00 45.21 ? 71  GLN A N   1 
ATOM   565 C  CA  . GLN A 1 72 ? -6.849  0.365   7.850   1.00 45.72 ? 71  GLN A CA  1 
ATOM   566 C  C   . GLN A 1 72 ? -5.772  -0.632  7.509   1.00 45.01 ? 71  GLN A C   1 
ATOM   567 O  O   . GLN A 1 72 ? -4.775  -0.701  8.186   1.00 45.12 ? 71  GLN A O   1 
ATOM   568 C  CB  . GLN A 1 72 ? -7.892  -0.299  8.734   1.00 46.18 ? 71  GLN A CB  1 
ATOM   569 C  CG  . GLN A 1 72 ? -8.800  0.706   9.472   1.00 51.44 ? 71  GLN A CG  1 
ATOM   570 C  CD  . GLN A 1 72 ? -8.021  1.842   10.174  1.00 55.94 ? 71  GLN A CD  1 
ATOM   571 O  OE1 . GLN A 1 72 ? -7.582  1.699   11.326  1.00 59.41 ? 71  GLN A OE1 1 
ATOM   572 N  NE2 . GLN A 1 72 ? -7.875  2.971   9.491   1.00 53.91 ? 71  GLN A NE2 1 
ATOM   573 N  N   . GLU A 1 73 ? -6.013  -1.425  6.469   1.00 45.06 ? 72  GLU A N   1 
ATOM   574 C  CA  . GLU A 1 73 ? -5.075  -2.424  5.962   1.00 44.28 ? 72  GLU A CA  1 
ATOM   575 C  C   . GLU A 1 73 ? -3.879  -1.744  5.311   1.00 44.35 ? 72  GLU A C   1 
ATOM   576 O  O   . GLU A 1 73 ? -2.744  -2.207  5.452   1.00 45.15 ? 72  GLU A O   1 
ATOM   577 C  CB  . GLU A 1 73 ? -5.789  -3.378  4.973   1.00 44.06 ? 72  GLU A CB  1 
ATOM   578 C  CG  . GLU A 1 73 ? -6.872  -4.225  5.655   1.00 41.89 ? 72  GLU A CG  1 
ATOM   579 C  CD  . GLU A 1 73 ? -7.781  -4.933  4.670   1.00 43.60 ? 72  GLU A CD  1 
ATOM   580 O  OE1 . GLU A 1 73 ? -7.842  -4.519  3.492   1.00 42.64 ? 72  GLU A OE1 1 
ATOM   581 O  OE2 . GLU A 1 73 ? -8.436  -5.918  5.062   1.00 43.26 ? 72  GLU A OE2 1 
ATOM   582 N  N   . PHE A 1 74 ? -4.124  -0.657  4.585   1.00 44.08 ? 73  PHE A N   1 
ATOM   583 C  CA  . PHE A 1 74 ? -3.023  0.135   4.036   1.00 43.79 ? 73  PHE A CA  1 
ATOM   584 C  C   . PHE A 1 74 ? -2.143  0.649   5.149   1.00 44.00 ? 73  PHE A C   1 
ATOM   585 O  O   . PHE A 1 74 ? -0.921  0.592   5.044   1.00 44.16 ? 73  PHE A O   1 
ATOM   586 C  CB  . PHE A 1 74 ? -3.547  1.266   3.169   1.00 44.18 ? 73  PHE A CB  1 
ATOM   587 C  CG  . PHE A 1 74 ? -2.468  2.159   2.625   1.00 45.51 ? 73  PHE A CG  1 
ATOM   588 C  CD1 . PHE A 1 74 ? -1.558  1.686   1.674   1.00 45.46 ? 73  PHE A CD1 1 
ATOM   589 C  CD2 . PHE A 1 74 ? -2.351  3.479   3.081   1.00 45.69 ? 73  PHE A CD2 1 
ATOM   590 C  CE1 . PHE A 1 74 ? -0.551  2.511   1.183   1.00 47.44 ? 73  PHE A CE1 1 
ATOM   591 C  CE2 . PHE A 1 74 ? -1.349  4.324   2.581   1.00 44.44 ? 73  PHE A CE2 1 
ATOM   592 C  CZ  . PHE A 1 74 ? -0.461  3.839   1.631   1.00 44.65 ? 73  PHE A CZ  1 
ATOM   593 N  N   . MET A 1 75 ? -2.767  1.133   6.222   1.00 44.22 ? 74  MET A N   1 
ATOM   594 C  CA  . MET A 1 75 ? -2.058  1.628   7.427   1.00 44.97 ? 74  MET A CA  1 
ATOM   595 C  C   . MET A 1 75 ? -1.168  0.561   8.121   1.00 44.53 ? 74  MET A C   1 
ATOM   596 O  O   . MET A 1 75 ? -0.059  0.870   8.598   1.00 44.47 ? 74  MET A O   1 
ATOM   597 C  CB  . MET A 1 75 ? -3.037  2.216   8.462   1.00 45.74 ? 74  MET A CB  1 
ATOM   598 C  CG  . MET A 1 75 ? -3.479  3.681   8.304   1.00 47.48 ? 74  MET A CG  1 
ATOM   599 S  SD  . MET A 1 75 ? -2.227  4.869   7.869   1.00 58.44 ? 74  MET A SD  1 
ATOM   600 C  CE  . MET A 1 75 ? -0.995  4.806   9.198   1.00 56.63 ? 74  MET A CE  1 
ATOM   601 N  N   . ALA A 1 76 ? -1.650  -0.682  8.183   1.00 43.64 ? 75  ALA A N   1 
ATOM   602 C  CA  . ALA A 1 76 ? -0.840  -1.804  8.695   1.00 42.44 ? 75  ALA A CA  1 
ATOM   603 C  C   . ALA A 1 76 ? 0.327   -2.133  7.802   1.00 42.58 ? 75  ALA A C   1 
ATOM   604 O  O   . ALA A 1 76 ? 1.380   -2.518  8.293   1.00 42.97 ? 75  ALA A O   1 
ATOM   605 C  CB  . ALA A 1 76 ? -1.694  -3.028  8.855   1.00 43.01 ? 75  ALA A CB  1 
ATOM   606 N  N   . PHE A 1 77 ? 0.118   -2.033  6.488   1.00 41.81 ? 76  PHE A N   1 
ATOM   607 C  CA  . PHE A 1 77 ? 1.186   -2.182  5.502   1.00 42.56 ? 76  PHE A CA  1 
ATOM   608 C  C   . PHE A 1 77 ? 2.254   -1.098  5.690   1.00 42.59 ? 76  PHE A C   1 
ATOM   609 O  O   . PHE A 1 77 ? 3.449   -1.388  5.745   1.00 44.05 ? 76  PHE A O   1 
ATOM   610 C  CB  . PHE A 1 77 ? 0.555   -2.126  4.108   1.00 42.73 ? 76  PHE A CB  1 
ATOM   611 C  CG  . PHE A 1 77 ? 1.523   -2.213  2.973   1.00 44.06 ? 76  PHE A CG  1 
ATOM   612 C  CD1 . PHE A 1 77 ? 2.545   -3.146  2.967   1.00 46.74 ? 76  PHE A CD1 1 
ATOM   613 C  CD2 . PHE A 1 77 ? 1.357   -1.397  1.867   1.00 45.51 ? 76  PHE A CD2 1 
ATOM   614 C  CE1 . PHE A 1 77 ? 3.457   -3.232  1.876   1.00 48.27 ? 76  PHE A CE1 1 
ATOM   615 C  CE2 . PHE A 1 77 ? 2.247   -1.476  0.757   1.00 48.01 ? 76  PHE A CE2 1 
ATOM   616 C  CZ  . PHE A 1 77 ? 3.287   -2.410  0.772   1.00 46.89 ? 76  PHE A CZ  1 
ATOM   617 N  N   . VAL A 1 78 ? 1.829   0.154   5.810   1.00 42.71 ? 77  VAL A N   1 
ATOM   618 C  CA  . VAL A 1 78 ? 2.757   1.248   6.148   1.00 43.17 ? 77  VAL A CA  1 
ATOM   619 C  C   . VAL A 1 78 ? 3.543   0.941   7.436   1.00 43.50 ? 77  VAL A C   1 
ATOM   620 O  O   . VAL A 1 78 ? 4.787   1.077   7.447   1.00 44.19 ? 77  VAL A O   1 
ATOM   621 C  CB  . VAL A 1 78 ? 2.028   2.627   6.186   1.00 43.58 ? 77  VAL A CB  1 
ATOM   622 C  CG1 . VAL A 1 78 ? 2.912   3.769   6.784   1.00 44.84 ? 77  VAL A CG1 1 
ATOM   623 C  CG2 . VAL A 1 78 ? 1.538   2.985   4.796   1.00 43.70 ? 77  VAL A CG2 1 
ATOM   624 N  N   . ALA A 1 79 ? 2.855   0.526   8.511   1.00 42.55 ? 78  ALA A N   1 
ATOM   625 C  CA  . ALA A 1 79 ? 3.550   0.193   9.759   1.00 43.00 ? 78  ALA A CA  1 
ATOM   626 C  C   . ALA A 1 79 ? 4.609   -0.898  9.571   1.00 43.79 ? 78  ALA A C   1 
ATOM   627 O  O   . ALA A 1 79 ? 5.638   -0.861  10.238  1.00 44.52 ? 78  ALA A O   1 
ATOM   628 C  CB  . ALA A 1 79 ? 2.578   -0.212  10.858  1.00 42.63 ? 78  ALA A CB  1 
ATOM   629 N  N   . MET A 1 80 ? 4.348   -1.879  8.708   1.00 44.35 ? 79  MET A N   1 
ATOM   630 C  CA  . MET A 1 80 ? 5.322   -2.948  8.441   1.00 46.12 ? 79  MET A CA  1 
ATOM   631 C  C   . MET A 1 80 ? 6.601   -2.433  7.767   1.00 43.82 ? 79  MET A C   1 
ATOM   632 O  O   . MET A 1 80 ? 7.690   -2.832  8.097   1.00 43.56 ? 79  MET A O   1 
ATOM   633 C  CB  . MET A 1 80 ? 4.719   -3.994  7.511   1.00 46.18 ? 79  MET A CB  1 
ATOM   634 C  CG  . MET A 1 80 ? 3.721   -4.958  8.093   1.00 49.62 ? 79  MET A CG  1 
ATOM   635 S  SD  . MET A 1 80 ? 3.038   -5.862  6.641   1.00 54.64 ? 79  MET A SD  1 
ATOM   636 C  CE  . MET A 1 80 ? 1.376   -6.408  7.187   1.00 53.85 ? 79  MET A CE  1 
ATOM   637 N  N   . ILE A 1 81 ? 6.449   -1.561  6.782   1.00 44.22 ? 80  ILE A N   1 
ATOM   638 C  CA  . ILE A 1 81 ? 7.590   -1.043  6.027   1.00 44.43 ? 80  ILE A CA  1 
ATOM   639 C  C   . ILE A 1 81 ? 8.434   -0.132  6.922   1.00 44.23 ? 80  ILE A C   1 
ATOM   640 O  O   . ILE A 1 81 ? 9.673   -0.167  6.887   1.00 44.07 ? 80  ILE A O   1 
ATOM   641 C  CB  . ILE A 1 81 ? 7.101   -0.253  4.800   1.00 44.55 ? 80  ILE A CB  1 
ATOM   642 C  CG1 . ILE A 1 81 ? 6.395   -1.182  3.828   1.00 45.93 ? 80  ILE A CG1 1 
ATOM   643 C  CG2 . ILE A 1 81 ? 8.276   0.497   4.106   1.00 45.06 ? 80  ILE A CG2 1 
ATOM   644 C  CD1 . ILE A 1 81 ? 5.493   -0.406  2.898   1.00 49.94 ? 80  ILE A CD1 1 
ATOM   645 N  N   . THR A 1 82 ? 7.742   0.706   7.685   1.00 43.23 ? 81  THR A N   1 
ATOM   646 C  CA  . THR A 1 82 ? 8.405   1.613   8.642   1.00 44.04 ? 81  THR A CA  1 
ATOM   647 C  C   . THR A 1 82 ? 9.201   0.856   9.703   1.00 43.52 ? 81  THR A C   1 
ATOM   648 O  O   . THR A 1 82 ? 10.342  1.231   10.049  1.00 44.13 ? 81  THR A O   1 
ATOM   649 C  CB  . THR A 1 82 ? 7.379   2.554   9.290   1.00 43.56 ? 81  THR A CB  1 
ATOM   650 O  OG1 . THR A 1 82 ? 6.559   3.081   8.256   1.00 44.73 ? 81  THR A OG1 1 
ATOM   651 C  CG2 . THR A 1 82 ? 8.072   3.740   9.950   1.00 44.35 ? 81  THR A CG2 1 
ATOM   652 N  N   . THR A 1 83 ? 8.617   -0.218  10.215  1.00 43.43 ? 82  THR A N   1 
ATOM   653 C  CA  . THR A 1 83 ? 9.315   -1.024  11.205  1.00 43.26 ? 82  THR A CA  1 
ATOM   654 C  C   . THR A 1 83 ? 10.524  -1.689  10.561  1.00 43.66 ? 82  THR A C   1 
ATOM   655 O  O   . THR A 1 83 ? 11.582  -1.714  11.174  1.00 44.23 ? 82  THR A O   1 
ATOM   656 C  CB  . THR A 1 83 ? 8.408   -2.100  11.857  1.00 43.28 ? 82  THR A CB  1 
ATOM   657 O  OG1 . THR A 1 83 ? 7.194   -1.487  12.299  1.00 43.37 ? 82  THR A OG1 1 
ATOM   658 C  CG2 . THR A 1 83 ? 9.116   -2.783  13.042  1.00 42.48 ? 82  THR A CG2 1 
ATOM   659 N  N   . ALA A 1 84 ? 10.363  -2.220  9.343   1.00 43.94 ? 83  ALA A N   1 
ATOM   660 C  CA  . ALA A 1 84 ? 11.466  -2.865  8.607   1.00 44.91 ? 83  ALA A CA  1 
ATOM   661 C  C   . ALA A 1 84 ? 12.595  -1.866  8.330   1.00 45.47 ? 83  ALA A C   1 
ATOM   662 O  O   . ALA A 1 84 ? 13.767  -2.159  8.532   1.00 45.04 ? 83  ALA A O   1 
ATOM   663 C  CB  . ALA A 1 84 ? 10.952  -3.467  7.303   1.00 44.74 ? 83  ALA A CB  1 
ATOM   664 N  N   . CYS A 1 85 ? 12.220  -0.673  7.875   1.00 47.26 ? 84  CYS A N   1 
ATOM   665 C  CA  . CYS A 1 85 ? 13.188  0.397   7.679   1.00 47.24 ? 84  CYS A CA  1 
ATOM   666 C  C   . CYS A 1 85 ? 13.786  0.871   9.027   1.00 47.30 ? 84  CYS A C   1 
ATOM   667 O  O   . CYS A 1 85 ? 15.023  1.059   9.149   1.00 47.66 ? 84  CYS A O   1 
ATOM   668 C  CB  . CYS A 1 85 ? 12.557  1.537   6.866   1.00 47.07 ? 84  CYS A CB  1 
ATOM   669 S  SG  . CYS A 1 85 ? 13.724  2.838   6.513   1.00 51.51 ? 84  CYS A SG  1 
ATOM   670 N  N   . HIS A 1 86 ? 12.935  1.005   10.050  1.00 47.12 ? 85  HIS A N   1 
ATOM   671 C  CA  . HIS A 1 86 ? 13.384  1.433   11.384  1.00 46.93 ? 85  HIS A CA  1 
ATOM   672 C  C   . HIS A 1 86 ? 14.498  0.581   11.969  1.00 47.35 ? 85  HIS A C   1 
ATOM   673 O  O   . HIS A 1 86 ? 15.387  1.077   12.702  1.00 47.94 ? 85  HIS A O   1 
ATOM   674 C  CB  . HIS A 1 86 ? 12.211  1.448   12.365  1.00 47.12 ? 85  HIS A CB  1 
ATOM   675 C  CG  . HIS A 1 86 ? 12.610  1.708   13.786  1.00 46.62 ? 85  HIS A CG  1 
ATOM   676 N  ND1 . HIS A 1 86 ? 12.448  0.774   14.789  1.00 48.06 ? 85  HIS A ND1 1 
ATOM   677 C  CD2 . HIS A 1 86 ? 13.171  2.793   14.371  1.00 47.92 ? 85  HIS A CD2 1 
ATOM   678 C  CE1 . HIS A 1 86 ? 12.884  1.275   15.932  1.00 48.49 ? 85  HIS A CE1 1 
ATOM   679 N  NE2 . HIS A 1 86 ? 13.329  2.497   15.706  1.00 48.30 ? 85  HIS A NE2 1 
ATOM   680 N  N   . GLU A 1 87 ? 14.462  -0.709  11.685  1.00 47.59 ? 86  GLU A N   1 
ATOM   681 C  CA  . GLU A 1 87 ? 15.438  -1.570  12.318  1.00 48.32 ? 86  GLU A CA  1 
ATOM   682 C  C   . GLU A 1 87 ? 16.532  -2.090  11.409  1.00 47.81 ? 86  GLU A C   1 
ATOM   683 O  O   . GLU A 1 87 ? 17.428  -2.796  11.874  1.00 47.87 ? 86  GLU A O   1 
ATOM   684 C  CB  . GLU A 1 87 ? 14.770  -2.701  13.100  1.00 49.16 ? 86  GLU A CB  1 
ATOM   685 C  CG  . GLU A 1 87 ? 13.736  -3.494  12.354  1.00 52.83 ? 86  GLU A CG  1 
ATOM   686 C  CD  . GLU A 1 87 ? 12.920  -4.360  13.309  1.00 58.96 ? 86  GLU A CD  1 
ATOM   687 O  OE1 . GLU A 1 87 ? 12.569  -3.863  14.416  1.00 60.76 ? 86  GLU A OE1 1 
ATOM   688 O  OE2 . GLU A 1 87 ? 12.646  -5.538  12.959  1.00 60.78 ? 86  GLU A OE2 1 
ATOM   689 N  N   . PHE A 1 88 ? 16.454  -1.752  10.124  1.00 47.89 ? 87  PHE A N   1 
ATOM   690 C  CA  . PHE A 1 88 ? 17.596  -1.903  9.234   1.00 47.94 ? 87  PHE A CA  1 
ATOM   691 C  C   . PHE A 1 88 ? 18.750  -1.060  9.797   1.00 47.71 ? 87  PHE A C   1 
ATOM   692 O  O   . PHE A 1 88 ? 19.925  -1.420  9.660   1.00 48.07 ? 87  PHE A O   1 
ATOM   693 C  CB  . PHE A 1 88 ? 17.244  -1.454  7.806   1.00 48.48 ? 87  PHE A CB  1 
ATOM   694 C  CG  . PHE A 1 88 ? 18.354  -1.696  6.808   1.00 49.88 ? 87  PHE A CG  1 
ATOM   695 C  CD1 . PHE A 1 88 ? 18.438  -2.915  6.122   1.00 50.70 ? 87  PHE A CD1 1 
ATOM   696 C  CD2 . PHE A 1 88 ? 19.334  -0.721  6.581   1.00 49.86 ? 87  PHE A CD2 1 
ATOM   697 C  CE1 . PHE A 1 88 ? 19.464  -3.153  5.208   1.00 51.71 ? 87  PHE A CE1 1 
ATOM   698 C  CE2 . PHE A 1 88 ? 20.365  -0.942  5.672   1.00 51.43 ? 87  PHE A CE2 1 
ATOM   699 C  CZ  . PHE A 1 88 ? 20.440  -2.165  4.983   1.00 51.70 ? 87  PHE A CZ  1 
ATOM   700 N  N   . PHE A 1 89 ? 18.394  0.030   10.479  1.00 48.00 ? 88  PHE A N   1 
ATOM   701 C  CA  . PHE A 1 89 ? 19.350  1.048   10.945  1.00 48.43 ? 88  PHE A CA  1 
ATOM   702 C  C   . PHE A 1 89 ? 19.572  1.052   12.452  1.00 48.81 ? 88  PHE A C   1 
ATOM   703 O  O   . PHE A 1 89 ? 18.743  0.541   13.204  1.00 49.50 ? 88  PHE A O   1 
ATOM   704 C  CB  . PHE A 1 89 ? 18.895  2.434   10.450  1.00 48.90 ? 88  PHE A CB  1 
ATOM   705 C  CG  . PHE A 1 89 ? 18.947  2.553   8.967   1.00 49.17 ? 88  PHE A CG  1 
ATOM   706 C  CD1 . PHE A 1 89 ? 20.092  3.044   8.346   1.00 50.23 ? 88  PHE A CD1 1 
ATOM   707 C  CD2 . PHE A 1 89 ? 17.906  2.086   8.189   1.00 49.73 ? 88  PHE A CD2 1 
ATOM   708 C  CE1 . PHE A 1 89 ? 20.174  3.103   6.970   1.00 50.03 ? 88  PHE A CE1 1 
ATOM   709 C  CE2 . PHE A 1 89 ? 17.973  2.147   6.808   1.00 51.52 ? 88  PHE A CE2 1 
ATOM   710 C  CZ  . PHE A 1 89 ? 19.122  2.658   6.195   1.00 50.66 ? 88  PHE A CZ  1 
HETATM 711 CA CA  . CA  B 2 .  ? -10.318 1.136   -6.238  1.00 50.76 ? 92  CA  A CA  1 
HETATM 712 CA CA  . CA  C 2 .  ? -9.447  -6.338  2.726   1.00 51.68 ? 93  CA  A CA  1 
HETATM 713 C  C1  . 32A D 3 .  ? 13.492  -2.396  4.142   1.00 64.50 ? 94  32A A C1  1 
HETATM 714 C  C2  . 32A D 3 .  ? 12.027  -2.519  3.917   1.00 65.16 ? 94  32A A C2  1 
HETATM 715 C  C3  . 32A D 3 .  ? 9.668   -5.171  3.832   1.00 72.13 ? 94  32A A C3  1 
HETATM 716 C  C4  . 32A D 3 .  ? 15.320  -1.356  3.973   0.50 62.42 ? 94  32A A C4  1 
HETATM 717 C  C5  . 32A D 3 .  ? 14.450  -3.210  4.756   1.00 64.86 ? 94  32A A C5  1 
HETATM 718 C  C6  . 32A D 3 .  ? 16.149  -0.400  3.609   0.50 60.88 ? 94  32A A C6  1 
HETATM 719 C  C7  . 32A D 3 .  ? 16.982  0.369   3.187   0.50 57.94 ? 94  32A A C7  1 
HETATM 720 N  N1  . 32A D 3 .  ? 11.510  -3.710  3.634   1.00 67.97 ? 94  32A A N1  1 
HETATM 721 N  N2  . 32A D 3 .  ? 10.126  -3.924  3.805   1.00 70.42 ? 94  32A A N2  1 
HETATM 722 N  N3  . 32A D 3 .  ? 8.341   -5.419  3.761   1.00 71.95 ? 94  32A A N3  1 
HETATM 723 C  C9  . 32A D 3 .  ? 17.848  1.285   2.468   0.50 55.80 ? 94  32A A C9  1 
HETATM 724 C  C8  . 32A D 3 .  ? 15.649  -2.527  4.641   1.00 64.78 ? 94  32A A C8  1 
HETATM 725 O  O2  . 32A D 3 .  ? 11.335  -1.513  4.000   1.00 68.81 ? 94  32A A O2  1 
HETATM 726 C  C10 . 32A D 3 .  ? 7.345   -5.102  4.777   1.00 70.34 ? 94  32A A C10 1 
HETATM 727 S  S1  . 32A D 3 .  ? 10.748  -6.322  3.904   1.00 77.86 ? 94  32A A S1  1 
HETATM 728 O  O1  . 32A D 3 .  ? 14.003  -1.235  3.633   0.50 63.17 ? 94  32A A O1  1 
HETATM 729 C  C11 . 32A D 3 .  ? 17.184  1.800   1.209   0.50 53.67 ? 94  32A A C11 1 
HETATM 730 C  C12 . 32A D 3 .  ? 16.788  3.258   1.394   0.50 53.55 ? 94  32A A C12 1 
HETATM 731 C  C13 . 32A D 3 .  ? 17.122  4.102   0.177   0.50 52.32 ? 94  32A A C13 1 
HETATM 732 AS AS  . CAC E 4 .  ? -10.850 8.250   -12.239 0.30 68.71 ? 95  CAC A AS  1 
HETATM 733 O  O1  . CAC E 4 .  ? -10.335 6.615   -12.555 0.30 64.01 ? 95  CAC A O1  1 
HETATM 734 O  O2  . CAC E 4 .  ? -10.901 8.625   -10.527 0.30 63.86 ? 95  CAC A O2  1 
HETATM 735 C  C1  . CAC E 4 .  ? -9.696  9.486   -13.217 0.30 64.39 ? 95  CAC A C1  1 
HETATM 736 C  C2  . CAC E 4 .  ? -12.630 8.383   -13.046 0.30 64.61 ? 95  CAC A C2  1 
HETATM 737 O  O   . HOH F 5 .  ? 7.676   16.893  13.232  1.00 43.31 ? 96  HOH A O   1 
HETATM 738 O  O   . HOH F 5 .  ? -3.990  1.157   -11.709 1.00 53.92 ? 97  HOH A O   1 
HETATM 739 O  O   . HOH F 5 .  ? -11.161 -4.010  7.215   1.00 48.16 ? 98  HOH A O   1 
HETATM 740 O  O   . HOH F 5 .  ? -2.858  -5.009  5.978   1.00 51.98 ? 99  HOH A O   1 
HETATM 741 O  O   . HOH F 5 .  ? 7.854   -9.292  -9.309  1.00 43.71 ? 100 HOH A O   1 
HETATM 742 O  O   . HOH F 5 .  ? -4.059  -5.593  8.677   1.00 49.92 ? 101 HOH A O   1 
HETATM 743 O  O   . HOH F 5 .  ? 3.334   -14.886 -11.794 1.00 53.17 ? 102 HOH A O   1 
HETATM 744 O  O   . HOH F 5 .  ? 4.021   -3.532  11.733  1.00 43.88 ? 103 HOH A O   1 
HETATM 745 O  O   . HOH F 5 .  ? 9.612   5.407   -5.141  1.00 47.26 ? 104 HOH A O   1 
HETATM 746 O  O   . HOH F 5 .  ? 8.126   -6.349  -3.703  1.00 48.51 ? 105 HOH A O   1 
HETATM 747 O  O   . HOH F 5 .  ? 9.683   0.087   -8.318  1.00 42.41 ? 106 HOH A O   1 
HETATM 748 O  O   . HOH F 5 .  ? 9.097   -8.365  -7.119  1.00 47.29 ? 107 HOH A O   1 
HETATM 749 O  O   . HOH F 5 .  ? 2.715   -12.671 -14.740 1.00 46.30 ? 108 HOH A O   1 
HETATM 750 O  O   . HOH F 5 .  ? -10.714 0.870   6.669   1.00 47.34 ? 109 HOH A O   1 
HETATM 751 O  O   . HOH F 5 .  ? 3.696   -0.874  -12.668 1.00 53.22 ? 110 HOH A O   1 
HETATM 752 O  O   . HOH F 5 .  ? -6.963  -5.962  -10.184 1.00 48.03 ? 111 HOH A O   1 
HETATM 753 O  O   . HOH F 5 .  ? -13.275 -2.363  -6.850  1.00 50.49 ? 112 HOH A O   1 
HETATM 754 O  O   . HOH F 5 .  ? 5.799   -5.489  11.310  1.00 44.36 ? 113 HOH A O   1 
HETATM 755 O  O   . HOH F 5 .  ? 7.958   -5.195  9.260   1.00 51.85 ? 114 HOH A O   1 
HETATM 756 O  O   . HOH F 5 .  ? 6.863   9.184   -7.053  1.00 55.80 ? 115 HOH A O   1 
HETATM 757 O  O   . HOH F 5 .  ? 10.693  -6.364  -1.584  1.00 57.91 ? 116 HOH A O   1 
HETATM 758 O  O   . HOH F 5 .  ? -10.720 -4.753  2.733   1.00 49.67 ? 117 HOH A O   1 
HETATM 759 O  O   . HOH F 5 .  ? 1.530   -3.623  10.731  1.00 49.31 ? 118 HOH A O   1 
HETATM 760 O  O   . HOH F 5 .  ? 2.285   16.128  2.776   1.00 44.48 ? 119 HOH A O   1 
HETATM 761 O  O   . HOH F 5 .  ? -4.711  -12.268 -3.660  1.00 41.09 ? 120 HOH A O   1 
HETATM 762 O  O   . HOH F 5 .  ? -10.586 8.074   -3.557  1.00 46.83 ? 121 HOH A O   1 
HETATM 763 O  O   . HOH F 5 .  ? 9.161   4.359   -10.041 1.00 56.16 ? 122 HOH A O   1 
HETATM 764 O  O   . HOH F 5 .  ? -11.072 2.225   3.239   1.00 46.19 ? 123 HOH A O   1 
HETATM 765 O  O   . HOH F 5 .  ? -1.666  8.415   -9.427  1.00 48.34 ? 124 HOH A O   1 
HETATM 766 O  O   . HOH F 5 .  ? -11.025 -1.074  -6.011  1.00 48.58 ? 125 HOH A O   1 
HETATM 767 O  O   . HOH F 5 .  ? 8.798   -0.867  -6.107  1.00 49.22 ? 126 HOH A O   1 
HETATM 768 O  O   . HOH F 5 .  ? 4.345   -18.479 -5.386  1.00 54.87 ? 127 HOH A O   1 
HETATM 769 O  O   . HOH F 5 .  ? -7.711  9.569   -8.105  1.00 57.67 ? 128 HOH A O   1 
HETATM 770 O  O   . HOH F 5 .  ? 17.067  1.445   15.751  1.00 67.18 ? 129 HOH A O   1 
HETATM 771 O  O   . HOH F 5 .  ? -16.842 4.713   -4.424  1.00 54.63 ? 130 HOH A O   1 
HETATM 772 O  O   . HOH F 5 .  ? 18.904  -0.465  15.095  1.00 40.99 ? 131 HOH A O   1 
HETATM 773 O  O   . HOH F 5 .  ? 0.540   2.851   11.006  0.50 61.69 ? 132 HOH A O   1 
# 
loop_
_pdbx_poly_seq_scheme.asym_id 
_pdbx_poly_seq_scheme.entity_id 
_pdbx_poly_seq_scheme.seq_id 
_pdbx_poly_seq_scheme.mon_id 
_pdbx_poly_seq_scheme.ndb_seq_num 
_pdbx_poly_seq_scheme.pdb_seq_num 
_pdbx_poly_seq_scheme.auth_seq_num 
_pdbx_poly_seq_scheme.pdb_mon_id 
_pdbx_poly_seq_scheme.auth_mon_id 
_pdbx_poly_seq_scheme.pdb_strand_id 
_pdbx_poly_seq_scheme.pdb_ins_code 
_pdbx_poly_seq_scheme.hetero 
A 1 1  MET 1  0  ?  ?   ?   A . n 
A 1 2  SER 2  1  1  SER SER A . n 
A 1 3  GLU 3  2  2  GLU GLU A . n 
A 1 4  LEU 4  3  3  LEU LEU A . n 
A 1 5  GLU 5  4  4  GLU GLU A . n 
A 1 6  LYS 6  5  5  LYS LYS A . n 
A 1 7  ALA 7  6  6  ALA ALA A . n 
A 1 8  VAL 8  7  7  VAL VAL A . n 
A 1 9  VAL 9  8  8  VAL VAL A . n 
A 1 10 ALA 10 9  9  ALA ALA A . n 
A 1 11 LEU 11 10 10 LEU LEU A . n 
A 1 12 ILE 12 11 11 ILE ILE A . n 
A 1 13 ASP 13 12 12 ASP ASP A . n 
A 1 14 VAL 14 13 13 VAL VAL A . n 
A 1 15 PHE 15 14 14 PHE PHE A . n 
A 1 16 HIS 16 15 15 HIS HIS A . n 
A 1 17 GLN 17 16 16 GLN GLN A . n 
A 1 18 TYR 18 17 17 TYR TYR A . n 
A 1 19 SER 19 18 18 SER SER A . n 
A 1 20 GLY 20 19 19 GLY GLY A . n 
A 1 21 ARG 21 20 20 ARG ARG A . n 
A 1 22 GLU 22 21 21 GLU GLU A . n 
A 1 23 GLY 23 22 22 GLY GLY A . n 
A 1 24 ASP 24 23 23 ASP ASP A . n 
A 1 25 LYS 25 24 24 LYS LYS A . n 
A 1 26 HIS 26 25 25 HIS HIS A . n 
A 1 27 LYS 27 26 26 LYS LYS A . n 
A 1 28 LEU 28 27 27 LEU LEU A . n 
A 1 29 LYS 29 28 28 LYS LYS A . n 
A 1 30 LYS 30 29 29 LYS LYS A . n 
A 1 31 SER 31 30 30 SER SER A . n 
A 1 32 GLU 32 31 31 GLU GLU A . n 
A 1 33 LEU 33 32 32 LEU LEU A . n 
A 1 34 LYS 34 33 33 LYS LYS A . n 
A 1 35 GLU 35 34 34 GLU GLU A . n 
A 1 36 LEU 36 35 35 LEU LEU A . n 
A 1 37 ILE 37 36 36 ILE ILE A . n 
A 1 38 ASN 38 37 37 ASN ASN A . n 
A 1 39 ASN 39 38 38 ASN ASN A . n 
A 1 40 GLU 40 39 39 GLU GLU A . n 
A 1 41 LEU 41 40 40 LEU LEU A . n 
A 1 42 SER 42 41 41 SER SER A . n 
A 1 43 HIS 43 42 42 HIS HIS A . n 
A 1 44 PHE 44 43 43 PHE PHE A . n 
A 1 45 LEU 45 44 44 LEU LEU A . n 
A 1 46 GLU 46 45 45 GLU GLU A . n 
A 1 47 GLU 47 46 46 GLU GLU A . n 
A 1 48 ILE 48 47 47 ILE ILE A . n 
A 1 49 LYS 49 48 48 LYS LYS A . n 
A 1 50 GLU 50 49 49 GLU GLU A . n 
A 1 51 GLN 51 50 50 GLN GLN A . n 
A 1 52 GLU 52 51 51 GLU GLU A . n 
A 1 53 VAL 53 52 52 VAL VAL A . n 
A 1 54 VAL 54 53 53 VAL VAL A . n 
A 1 55 ASP 55 54 54 ASP ASP A . n 
A 1 56 LYS 56 55 55 LYS LYS A . n 
A 1 57 VAL 57 56 56 VAL VAL A . n 
A 1 58 MET 58 57 57 MET MET A . n 
A 1 59 GLU 59 58 58 GLU GLU A . n 
A 1 60 THR 60 59 59 THR THR A . n 
A 1 61 LEU 61 60 60 LEU LEU A . n 
A 1 62 ASP 62 61 61 ASP ASP A . n 
A 1 63 SER 63 62 62 SER SER A . n 
A 1 64 ASP 64 63 63 ASP ASP A . n 
A 1 65 GLY 65 64 64 GLY GLY A . n 
A 1 66 ASP 66 65 65 ASP ASP A . n 
A 1 67 GLY 67 66 66 GLY GLY A . n 
A 1 68 GLU 68 67 67 GLU GLU A . n 
A 1 69 CYS 69 68 68 CYS CYS A . n 
A 1 70 ASP 70 69 69 ASP ASP A . n 
A 1 71 PHE 71 70 70 PHE PHE A . n 
A 1 72 GLN 72 71 71 GLN GLN A . n 
A 1 73 GLU 73 72 72 GLU GLU A . n 
A 1 74 PHE 74 73 73 PHE PHE A . n 
A 1 75 MET 75 74 74 MET MET A . n 
A 1 76 ALA 76 75 75 ALA ALA A . n 
A 1 77 PHE 77 76 76 PHE PHE A . n 
A 1 78 VAL 78 77 77 VAL VAL A . n 
A 1 79 ALA 79 78 78 ALA ALA A . n 
A 1 80 MET 80 79 79 MET MET A . n 
A 1 81 ILE 81 80 80 ILE ILE A . n 
A 1 82 THR 82 81 81 THR THR A . n 
A 1 83 THR 83 82 82 THR THR A . n 
A 1 84 ALA 84 83 83 ALA ALA A . n 
A 1 85 CYS 85 84 84 CYS CYS A . n 
A 1 86 HIS 86 85 85 HIS HIS A . n 
A 1 87 GLU 87 86 86 GLU GLU A . n 
A 1 88 PHE 88 87 87 PHE PHE A . n 
A 1 89 PHE 89 88 88 PHE PHE A . n 
A 1 90 GLU 90 89 ?  ?   ?   A . n 
A 1 91 HIS 91 90 ?  ?   ?   A . n 
A 1 92 GLU 92 91 ?  ?   ?   A . n 
# 
loop_
_pdbx_nonpoly_scheme.asym_id 
_pdbx_nonpoly_scheme.entity_id 
_pdbx_nonpoly_scheme.mon_id 
_pdbx_nonpoly_scheme.ndb_seq_num 
_pdbx_nonpoly_scheme.pdb_seq_num 
_pdbx_nonpoly_scheme.auth_seq_num 
_pdbx_nonpoly_scheme.pdb_mon_id 
_pdbx_nonpoly_scheme.auth_mon_id 
_pdbx_nonpoly_scheme.pdb_strand_id 
_pdbx_nonpoly_scheme.pdb_ins_code 
B 2 CA  1  92  90 CA  CA  A . 
C 2 CA  1  93  91 CA  CA  A . 
D 3 32A 1  94  1  32A 32A A . 
E 4 CAC 1  95  1  CAC CAC A . 
F 5 HOH 1  96  1  HOH HOH A . 
F 5 HOH 2  97  2  HOH HOH A . 
F 5 HOH 3  98  3  HOH HOH A . 
F 5 HOH 4  99  4  HOH HOH A . 
F 5 HOH 5  100 5  HOH HOH A . 
F 5 HOH 6  101 6  HOH HOH A . 
F 5 HOH 7  102 7  HOH HOH A . 
F 5 HOH 8  103 8  HOH HOH A . 
F 5 HOH 9  104 9  HOH HOH A . 
F 5 HOH 10 105 10 HOH HOH A . 
F 5 HOH 11 106 11 HOH HOH A . 
F 5 HOH 12 107 12 HOH HOH A . 
F 5 HOH 13 108 13 HOH HOH A . 
F 5 HOH 14 109 14 HOH HOH A . 
F 5 HOH 15 110 15 HOH HOH A . 
F 5 HOH 16 111 16 HOH HOH A . 
F 5 HOH 17 112 17 HOH HOH A . 
F 5 HOH 18 113 18 HOH HOH A . 
F 5 HOH 19 114 19 HOH HOH A . 
F 5 HOH 20 115 20 HOH HOH A . 
F 5 HOH 21 116 21 HOH HOH A . 
F 5 HOH 22 117 22 HOH HOH A . 
F 5 HOH 23 118 23 HOH HOH A . 
F 5 HOH 24 119 24 HOH HOH A . 
F 5 HOH 25 120 25 HOH HOH A . 
F 5 HOH 26 121 26 HOH HOH A . 
F 5 HOH 27 122 27 HOH HOH A . 
F 5 HOH 28 123 28 HOH HOH A . 
F 5 HOH 29 124 29 HOH HOH A . 
F 5 HOH 30 125 30 HOH HOH A . 
F 5 HOH 31 126 31 HOH HOH A . 
F 5 HOH 32 127 32 HOH HOH A . 
F 5 HOH 33 128 33 HOH HOH A . 
F 5 HOH 34 129 34 HOH HOH A . 
F 5 HOH 35 130 35 HOH HOH A . 
F 5 HOH 36 131 36 HOH HOH A . 
F 5 HOH 37 132 37 HOH HOH A . 
# 
_pdbx_struct_assembly.id                   1 
_pdbx_struct_assembly.details              author_and_software_defined_assembly 
_pdbx_struct_assembly.method_details       PISA 
_pdbx_struct_assembly.oligomeric_details   dimeric 
_pdbx_struct_assembly.oligomeric_count     2 
# 
_pdbx_struct_assembly_gen.assembly_id       1 
_pdbx_struct_assembly_gen.oper_expression   1,2 
_pdbx_struct_assembly_gen.asym_id_list      A,B,C,D,E,F 
# 
loop_
_pdbx_struct_assembly_prop.biol_id 
_pdbx_struct_assembly_prop.type 
_pdbx_struct_assembly_prop.value 
_pdbx_struct_assembly_prop.details 
1 'ABSA (A^2)' 3010 ? 
1 MORE         -75  ? 
1 'SSA (A^2)'  9900 ? 
# 
loop_
_pdbx_struct_oper_list.id 
_pdbx_struct_oper_list.type 
_pdbx_struct_oper_list.name 
_pdbx_struct_oper_list.symmetry_operation 
_pdbx_struct_oper_list.matrix[1][1] 
_pdbx_struct_oper_list.matrix[1][2] 
_pdbx_struct_oper_list.matrix[1][3] 
_pdbx_struct_oper_list.vector[1] 
_pdbx_struct_oper_list.matrix[2][1] 
_pdbx_struct_oper_list.matrix[2][2] 
_pdbx_struct_oper_list.matrix[2][3] 
_pdbx_struct_oper_list.vector[2] 
_pdbx_struct_oper_list.matrix[3][1] 
_pdbx_struct_oper_list.matrix[3][2] 
_pdbx_struct_oper_list.matrix[3][3] 
_pdbx_struct_oper_list.vector[3] 
1 'identity operation'         1_555 x,y,z   1.0000000000  0.0000000000 0.0000000000  0.0000000000 0.0000000000 1.0000000000 0.0000000000  0.0000000000 0.0000000000  0.0000000000  1.0000000000  0.0000000000  
2 'crystal symmetry operation' 4_555 x,-y,-z -0.6643299393 0.6442161075 -0.3790136389 3.2354894822 0.6442161075 0.2363759592 -0.7274008611 9.8407239762 -0.3790136389 -0.7274008611 -0.5720460199 19.5919330703 
# 
_pdbx_struct_special_symmetry.id              1 
_pdbx_struct_special_symmetry.PDB_model_num   1 
_pdbx_struct_special_symmetry.auth_asym_id    A 
_pdbx_struct_special_symmetry.auth_comp_id    HOH 
_pdbx_struct_special_symmetry.auth_seq_id     132 
_pdbx_struct_special_symmetry.PDB_ins_code    ? 
_pdbx_struct_special_symmetry.label_asym_id   F 
_pdbx_struct_special_symmetry.label_comp_id   HOH 
_pdbx_struct_special_symmetry.label_seq_id    . 
# 
loop_
_pdbx_struct_conn_angle.id 
_pdbx_struct_conn_angle.ptnr1_label_atom_id 
_pdbx_struct_conn_angle.ptnr1_label_alt_id 
_pdbx_struct_conn_angle.ptnr1_label_asym_id 
_pdbx_struct_conn_angle.ptnr1_label_comp_id 
_pdbx_struct_conn_angle.ptnr1_label_seq_id 
_pdbx_struct_conn_angle.ptnr1_auth_atom_id 
_pdbx_struct_conn_angle.ptnr1_auth_asym_id 
_pdbx_struct_conn_angle.ptnr1_auth_comp_id 
_pdbx_struct_conn_angle.ptnr1_auth_seq_id 
_pdbx_struct_conn_angle.ptnr1_PDB_ins_code 
_pdbx_struct_conn_angle.ptnr1_symmetry 
_pdbx_struct_conn_angle.ptnr2_label_atom_id 
_pdbx_struct_conn_angle.ptnr2_label_alt_id 
_pdbx_struct_conn_angle.ptnr2_label_asym_id 
_pdbx_struct_conn_angle.ptnr2_label_comp_id 
_pdbx_struct_conn_angle.ptnr2_label_seq_id 
_pdbx_struct_conn_angle.ptnr2_auth_atom_id 
_pdbx_struct_conn_angle.ptnr2_auth_asym_id 
_pdbx_struct_conn_angle.ptnr2_auth_comp_id 
_pdbx_struct_conn_angle.ptnr2_auth_seq_id 
_pdbx_struct_conn_angle.ptnr2_PDB_ins_code 
_pdbx_struct_conn_angle.ptnr2_symmetry 
_pdbx_struct_conn_angle.ptnr3_label_atom_id 
_pdbx_struct_conn_angle.ptnr3_label_alt_id 
_pdbx_struct_conn_angle.ptnr3_label_asym_id 
_pdbx_struct_conn_angle.ptnr3_label_comp_id 
_pdbx_struct_conn_angle.ptnr3_label_seq_id 
_pdbx_struct_conn_angle.ptnr3_auth_atom_id 
_pdbx_struct_conn_angle.ptnr3_auth_asym_id 
_pdbx_struct_conn_angle.ptnr3_auth_comp_id 
_pdbx_struct_conn_angle.ptnr3_auth_seq_id 
_pdbx_struct_conn_angle.ptnr3_PDB_ins_code 
_pdbx_struct_conn_angle.ptnr3_symmetry 
_pdbx_struct_conn_angle.value 
_pdbx_struct_conn_angle.value_esd 
1  O   ? A SER 19 ? A SER 18 ? 1_555 CA ? B CA . ? A CA 92 ? 1_555 O   ? A GLU 22 ? A GLU 21  ? 1_555 108.3 ? 
2  O   ? A SER 19 ? A SER 18 ? 1_555 CA ? B CA . ? A CA 92 ? 1_555 O   ? A ASP 24 ? A ASP 23  ? 1_555 79.6  ? 
3  O   ? A GLU 22 ? A GLU 21 ? 1_555 CA ? B CA . ? A CA 92 ? 1_555 O   ? A ASP 24 ? A ASP 23  ? 1_555 94.2  ? 
4  O   ? A SER 19 ? A SER 18 ? 1_555 CA ? B CA . ? A CA 92 ? 1_555 O   ? A LYS 27 ? A LYS 26  ? 1_555 84.3  ? 
5  O   ? A GLU 22 ? A GLU 21 ? 1_555 CA ? B CA . ? A CA 92 ? 1_555 O   ? A LYS 27 ? A LYS 26  ? 1_555 159.6 ? 
6  O   ? A ASP 24 ? A ASP 23 ? 1_555 CA ? B CA . ? A CA 92 ? 1_555 O   ? A LYS 27 ? A LYS 26  ? 1_555 71.8  ? 
7  O   ? A SER 19 ? A SER 18 ? 1_555 CA ? B CA . ? A CA 92 ? 1_555 OE1 ? A GLU 32 ? A GLU 31  ? 1_555 94.4  ? 
8  O   ? A GLU 22 ? A GLU 21 ? 1_555 CA ? B CA . ? A CA 92 ? 1_555 OE1 ? A GLU 32 ? A GLU 31  ? 1_555 117.0 ? 
9  O   ? A ASP 24 ? A ASP 23 ? 1_555 CA ? B CA . ? A CA 92 ? 1_555 OE1 ? A GLU 32 ? A GLU 31  ? 1_555 148.4 ? 
10 O   ? A LYS 27 ? A LYS 26 ? 1_555 CA ? B CA . ? A CA 92 ? 1_555 OE1 ? A GLU 32 ? A GLU 31  ? 1_555 76.7  ? 
11 O   ? A SER 19 ? A SER 18 ? 1_555 CA ? B CA . ? A CA 92 ? 1_555 OE2 ? A GLU 32 ? A GLU 31  ? 1_555 78.0  ? 
12 O   ? A GLU 22 ? A GLU 21 ? 1_555 CA ? B CA . ? A CA 92 ? 1_555 OE2 ? A GLU 32 ? A GLU 31  ? 1_555 78.5  ? 
13 O   ? A ASP 24 ? A ASP 23 ? 1_555 CA ? B CA . ? A CA 92 ? 1_555 OE2 ? A GLU 32 ? A GLU 31  ? 1_555 152.8 ? 
14 O   ? A LYS 27 ? A LYS 26 ? 1_555 CA ? B CA . ? A CA 92 ? 1_555 OE2 ? A GLU 32 ? A GLU 31  ? 1_555 120.6 ? 
15 OE1 ? A GLU 32 ? A GLU 31 ? 1_555 CA ? B CA . ? A CA 92 ? 1_555 OE2 ? A GLU 32 ? A GLU 31  ? 1_555 49.4  ? 
16 O   ? A SER 19 ? A SER 18 ? 1_555 CA ? B CA . ? A CA 92 ? 1_555 O   ? F HOH .  ? A HOH 125 ? 1_555 162.3 ? 
17 O   ? A GLU 22 ? A GLU 21 ? 1_555 CA ? B CA . ? A CA 92 ? 1_555 O   ? F HOH .  ? A HOH 125 ? 1_555 84.8  ? 
18 O   ? A ASP 24 ? A ASP 23 ? 1_555 CA ? B CA . ? A CA 92 ? 1_555 O   ? F HOH .  ? A HOH 125 ? 1_555 87.8  ? 
19 O   ? A LYS 27 ? A LYS 26 ? 1_555 CA ? B CA . ? A CA 92 ? 1_555 O   ? F HOH .  ? A HOH 125 ? 1_555 80.0  ? 
20 OE1 ? A GLU 32 ? A GLU 31 ? 1_555 CA ? B CA . ? A CA 92 ? 1_555 O   ? F HOH .  ? A HOH 125 ? 1_555 89.8  ? 
21 OE2 ? A GLU 32 ? A GLU 31 ? 1_555 CA ? B CA . ? A CA 92 ? 1_555 O   ? F HOH .  ? A HOH 125 ? 1_555 117.1 ? 
22 OD1 ? A ASP 62 ? A ASP 61 ? 1_555 CA ? C CA . ? A CA 93 ? 1_555 OD1 ? A ASP 64 ? A ASP 63  ? 1_555 86.8  ? 
23 OD1 ? A ASP 62 ? A ASP 61 ? 1_555 CA ? C CA . ? A CA 93 ? 1_555 OD1 ? A ASP 66 ? A ASP 65  ? 1_555 88.0  ? 
24 OD1 ? A ASP 64 ? A ASP 63 ? 1_555 CA ? C CA . ? A CA 93 ? 1_555 OD1 ? A ASP 66 ? A ASP 65  ? 1_555 77.5  ? 
25 OD1 ? A ASP 62 ? A ASP 61 ? 1_555 CA ? C CA . ? A CA 93 ? 1_555 O   ? A GLU 68 ? A GLU 67  ? 1_555 90.3  ? 
26 OD1 ? A ASP 64 ? A ASP 63 ? 1_555 CA ? C CA . ? A CA 93 ? 1_555 O   ? A GLU 68 ? A GLU 67  ? 1_555 157.3 ? 
27 OD1 ? A ASP 66 ? A ASP 65 ? 1_555 CA ? C CA . ? A CA 93 ? 1_555 O   ? A GLU 68 ? A GLU 67  ? 1_555 79.9  ? 
28 OD1 ? A ASP 62 ? A ASP 61 ? 1_555 CA ? C CA . ? A CA 93 ? 1_555 OE1 ? A GLU 73 ? A GLU 72  ? 1_555 119.6 ? 
29 OD1 ? A ASP 64 ? A ASP 63 ? 1_555 CA ? C CA . ? A CA 93 ? 1_555 OE1 ? A GLU 73 ? A GLU 72  ? 1_555 121.1 ? 
30 OD1 ? A ASP 66 ? A ASP 65 ? 1_555 CA ? C CA . ? A CA 93 ? 1_555 OE1 ? A GLU 73 ? A GLU 72  ? 1_555 145.4 ? 
31 O   ? A GLU 68 ? A GLU 67 ? 1_555 CA ? C CA . ? A CA 93 ? 1_555 OE1 ? A GLU 73 ? A GLU 72  ? 1_555 79.6  ? 
32 OD1 ? A ASP 62 ? A ASP 61 ? 1_555 CA ? C CA . ? A CA 93 ? 1_555 OE2 ? A GLU 73 ? A GLU 72  ? 1_555 99.3  ? 
33 OD1 ? A ASP 64 ? A ASP 63 ? 1_555 CA ? C CA . ? A CA 93 ? 1_555 OE2 ? A GLU 73 ? A GLU 72  ? 1_555 75.5  ? 
34 OD1 ? A ASP 66 ? A ASP 65 ? 1_555 CA ? C CA . ? A CA 93 ? 1_555 OE2 ? A GLU 73 ? A GLU 72  ? 1_555 151.5 ? 
35 O   ? A GLU 68 ? A GLU 67 ? 1_555 CA ? C CA . ? A CA 93 ? 1_555 OE2 ? A GLU 73 ? A GLU 72  ? 1_555 127.1 ? 
36 OE1 ? A GLU 73 ? A GLU 72 ? 1_555 CA ? C CA . ? A CA 93 ? 1_555 OE2 ? A GLU 73 ? A GLU 72  ? 1_555 50.5  ? 
37 OD1 ? A ASP 62 ? A ASP 61 ? 1_555 CA ? C CA . ? A CA 93 ? 1_555 O   ? F HOH .  ? A HOH 117 ? 1_555 159.5 ? 
38 OD1 ? A ASP 64 ? A ASP 63 ? 1_555 CA ? C CA . ? A CA 93 ? 1_555 O   ? F HOH .  ? A HOH 117 ? 1_555 84.8  ? 
39 OD1 ? A ASP 66 ? A ASP 65 ? 1_555 CA ? C CA . ? A CA 93 ? 1_555 O   ? F HOH .  ? A HOH 117 ? 1_555 71.9  ? 
40 O   ? A GLU 68 ? A GLU 67 ? 1_555 CA ? C CA . ? A CA 93 ? 1_555 O   ? F HOH .  ? A HOH 117 ? 1_555 90.3  ? 
41 OE1 ? A GLU 73 ? A GLU 72 ? 1_555 CA ? C CA . ? A CA 93 ? 1_555 O   ? F HOH .  ? A HOH 117 ? 1_555 80.6  ? 
42 OE2 ? A GLU 73 ? A GLU 72 ? 1_555 CA ? C CA . ? A CA 93 ? 1_555 O   ? F HOH .  ? A HOH 117 ? 1_555 96.6  ? 
# 
loop_
_pdbx_audit_revision_history.ordinal 
_pdbx_audit_revision_history.data_content_type 
_pdbx_audit_revision_history.major_revision 
_pdbx_audit_revision_history.minor_revision 
_pdbx_audit_revision_history.revision_date 
1 'Structure model' 1 0 2009-06-09 
2 'Structure model' 1 1 2011-07-13 
3 'Structure model' 1 2 2017-11-01 
4 'Structure model' 1 3 2023-09-06 
# 
_pdbx_audit_revision_details.ordinal             1 
_pdbx_audit_revision_details.revision_ordinal    1 
_pdbx_audit_revision_details.data_content_type   'Structure model' 
_pdbx_audit_revision_details.provider            repository 
_pdbx_audit_revision_details.type                'Initial release' 
_pdbx_audit_revision_details.description         ? 
_pdbx_audit_revision_details.details             ? 
# 
loop_
_pdbx_audit_revision_group.ordinal 
_pdbx_audit_revision_group.revision_ordinal 
_pdbx_audit_revision_group.data_content_type 
_pdbx_audit_revision_group.group 
1 2 'Structure model' Advisory                    
2 2 'Structure model' 'Version format compliance' 
3 3 'Structure model' 'Refinement description'    
4 4 'Structure model' 'Data collection'           
5 4 'Structure model' 'Database references'       
6 4 'Structure model' 'Derived calculations'      
7 4 'Structure model' 'Refinement description'    
# 
loop_
_pdbx_audit_revision_category.ordinal 
_pdbx_audit_revision_category.revision_ordinal 
_pdbx_audit_revision_category.data_content_type 
_pdbx_audit_revision_category.category 
1 3 'Structure model' software                      
2 4 'Structure model' chem_comp_atom                
3 4 'Structure model' chem_comp_bond                
4 4 'Structure model' database_2                    
5 4 'Structure model' pdbx_initial_refinement_model 
6 4 'Structure model' struct_site                   
# 
loop_
_pdbx_audit_revision_item.ordinal 
_pdbx_audit_revision_item.revision_ordinal 
_pdbx_audit_revision_item.data_content_type 
_pdbx_audit_revision_item.item 
1 4 'Structure model' '_database_2.pdbx_DOI'                
2 4 'Structure model' '_database_2.pdbx_database_accession' 
3 4 'Structure model' '_struct_site.pdbx_auth_asym_id'      
4 4 'Structure model' '_struct_site.pdbx_auth_comp_id'      
5 4 'Structure model' '_struct_site.pdbx_auth_seq_id'       
# 
_pdbx_refine_tls.id               1 
_pdbx_refine_tls.details          ? 
_pdbx_refine_tls.method           refined 
_pdbx_refine_tls.origin_x         0.2852 
_pdbx_refine_tls.origin_y         0.0553 
_pdbx_refine_tls.origin_z         -0.2863 
_pdbx_refine_tls.T[1][1]          -0.1284 
_pdbx_refine_tls.T[2][2]          -0.0443 
_pdbx_refine_tls.T[3][3]          -0.1191 
_pdbx_refine_tls.T[1][2]          0.0234 
_pdbx_refine_tls.T[1][3]          0.0393 
_pdbx_refine_tls.T[2][3]          0.0271 
_pdbx_refine_tls.L[1][1]          1.8331 
_pdbx_refine_tls.L[2][2]          5.6594 
_pdbx_refine_tls.L[3][3]          5.8517 
_pdbx_refine_tls.L[1][2]          1.0410 
_pdbx_refine_tls.L[1][3]          0.4077 
_pdbx_refine_tls.L[2][3]          2.9693 
_pdbx_refine_tls.S[1][1]          0.1170 
_pdbx_refine_tls.S[2][2]          -0.1978 
_pdbx_refine_tls.S[3][3]          0.0808 
_pdbx_refine_tls.S[1][2]          0.1323 
_pdbx_refine_tls.S[1][3]          -0.0702 
_pdbx_refine_tls.S[2][3]          0.0146 
_pdbx_refine_tls.S[2][1]          -0.0496 
_pdbx_refine_tls.S[3][1]          0.0117 
_pdbx_refine_tls.S[3][2]          -0.3167 
_pdbx_refine_tls.pdbx_refine_id   'X-RAY DIFFRACTION' 
# 
loop_
_pdbx_refine_tls_group.id 
_pdbx_refine_tls_group.refine_tls_id 
_pdbx_refine_tls_group.beg_auth_asym_id 
_pdbx_refine_tls_group.beg_auth_seq_id 
_pdbx_refine_tls_group.end_auth_asym_id 
_pdbx_refine_tls_group.end_auth_seq_id 
_pdbx_refine_tls_group.selection 
_pdbx_refine_tls_group.pdbx_refine_id 
_pdbx_refine_tls_group.beg_label_asym_id 
_pdbx_refine_tls_group.beg_label_seq_id 
_pdbx_refine_tls_group.end_label_asym_id 
_pdbx_refine_tls_group.end_label_seq_id 
_pdbx_refine_tls_group.selection_details 
1 1 A 1  A 88  ? 'X-RAY DIFFRACTION' . . . . ? 
2 1 A 96 A 132 ? 'X-RAY DIFFRACTION' . . . . ? 
# 
_pdbx_phasing_MR.entry_id                     3GK1 
_pdbx_phasing_MR.method_rotation              ? 
_pdbx_phasing_MR.method_translation           ? 
_pdbx_phasing_MR.model_details                'Phaser MODE: MR_AUTO' 
_pdbx_phasing_MR.R_factor                     ? 
_pdbx_phasing_MR.R_rigid_body                 ? 
_pdbx_phasing_MR.correlation_coeff_Fo_to_Fc   ? 
_pdbx_phasing_MR.correlation_coeff_Io_to_Ic   ? 
_pdbx_phasing_MR.d_res_high_rotation          2.500 
_pdbx_phasing_MR.d_res_low_rotation           22.800 
_pdbx_phasing_MR.d_res_high_translation       2.500 
_pdbx_phasing_MR.d_res_low_translation        22.800 
_pdbx_phasing_MR.packing                      ? 
_pdbx_phasing_MR.reflns_percent_rotation      ? 
_pdbx_phasing_MR.reflns_percent_translation   ? 
_pdbx_phasing_MR.sigma_F_rotation             ? 
_pdbx_phasing_MR.sigma_F_translation          ? 
_pdbx_phasing_MR.sigma_I_rotation             ? 
_pdbx_phasing_MR.sigma_I_translation          ? 
# 
_phasing.method   MR 
# 
loop_
_software.name 
_software.version 
_software.date 
_software.type 
_software.contact_author 
_software.contact_author_email 
_software.classification 
_software.location 
_software.language 
_software.citation_id 
_software.pdbx_ordinal 
DENZO       .     ?               package 'Zbyszek Otwinowski' hkl@hkl-xray.com            'data reduction'  
http://www.hkl-xray.com/                     ?          ? 1 
SCALEPACK   .     ?               package 'Zbyszek Otwinowski' hkl@hkl-xray.com            'data scaling'    
http://www.hkl-xray.com/                     ?          ? 2 
PHASER      .     ?               program 'Randy J. Read'      cimr-phaser@lists.cam.ac.uk phasing           
http://www-structmed.cimr.cam.ac.uk/phaser/  ?          ? 3 
REFMAC      .     ?               program 'Garib N. Murshudov' garib@ysbl.york.ac.uk       refinement        
http://www.ccp4.ac.uk/dist/html/refmac5.html Fortran_77 ? 4 
PDB_EXTRACT 3.006 'June 11, 2008' package PDB                  help@deposit.rcsb.org       'data extraction' 
http://sw-tools.pdb.org/apps/PDB_EXTRACT/    C++        ? 5 
HKL-2000    .     ?               ?       ?                    ?                           'data reduction'  ? ?          ? 6 
HKL-2000    .     ?               ?       ?                    ?                           'data scaling'    ? ?          ? 7 
# 
_pdbx_validate_close_contact.id               1 
_pdbx_validate_close_contact.PDB_model_num    1 
_pdbx_validate_close_contact.auth_atom_id_1   O 
_pdbx_validate_close_contact.auth_asym_id_1   A 
_pdbx_validate_close_contact.auth_comp_id_1   PHE 
_pdbx_validate_close_contact.auth_seq_id_1    88 
_pdbx_validate_close_contact.PDB_ins_code_1   ? 
_pdbx_validate_close_contact.label_alt_id_1   ? 
_pdbx_validate_close_contact.auth_atom_id_2   O 
_pdbx_validate_close_contact.auth_asym_id_2   A 
_pdbx_validate_close_contact.auth_comp_id_2   HOH 
_pdbx_validate_close_contact.auth_seq_id_2    131 
_pdbx_validate_close_contact.PDB_ins_code_2   ? 
_pdbx_validate_close_contact.label_alt_id_2   ? 
_pdbx_validate_close_contact.dist             2.15 
# 
loop_
_pdbx_unobs_or_zero_occ_residues.id 
_pdbx_unobs_or_zero_occ_residues.PDB_model_num 
_pdbx_unobs_or_zero_occ_residues.polymer_flag 
_pdbx_unobs_or_zero_occ_residues.occupancy_flag 
_pdbx_unobs_or_zero_occ_residues.auth_asym_id 
_pdbx_unobs_or_zero_occ_residues.auth_comp_id 
_pdbx_unobs_or_zero_occ_residues.auth_seq_id 
_pdbx_unobs_or_zero_occ_residues.PDB_ins_code 
_pdbx_unobs_or_zero_occ_residues.label_asym_id 
_pdbx_unobs_or_zero_occ_residues.label_comp_id 
_pdbx_unobs_or_zero_occ_residues.label_seq_id 
1 1 Y 1 A MET 0  ? A MET 1  
2 1 Y 1 A GLU 89 ? A GLU 90 
3 1 Y 1 A HIS 90 ? A HIS 91 
4 1 Y 1 A GLU 91 ? A GLU 92 
# 
loop_
_chem_comp_atom.comp_id 
_chem_comp_atom.atom_id 
_chem_comp_atom.type_symbol 
_chem_comp_atom.pdbx_aromatic_flag 
_chem_comp_atom.pdbx_stereo_config 
_chem_comp_atom.pdbx_ordinal 
32A C1   C  Y N 1   
32A C2   C  N N 2   
32A C3   C  N N 3   
32A C4   C  Y N 4   
32A C5   C  Y N 5   
32A C6   C  N N 6   
32A C7   C  N N 7   
32A N1   N  N N 8   
32A N2   N  N N 9   
32A N3   N  N N 10  
32A C9   C  N N 11  
32A C8   C  Y N 12  
32A O2   O  N N 13  
32A C10  C  N N 14  
32A S1   S  N N 15  
32A O1   O  Y N 16  
32A C11  C  N N 17  
32A C12  C  N N 18  
32A C13  C  N N 19  
32A H5   H  N N 20  
32A HN1  H  N N 21  
32A HN2  H  N N 22  
32A HN3  H  N N 23  
32A H9   H  N N 24  
32A H9A  H  N N 25  
32A H8   H  N N 26  
32A H10  H  N N 27  
32A H10A H  N N 28  
32A H10B H  N N 29  
32A H11  H  N N 30  
32A H11A H  N N 31  
32A H12  H  N N 32  
32A H12A H  N N 33  
32A H13  H  N N 34  
32A H13A H  N N 35  
32A H13B H  N N 36  
ALA N    N  N N 37  
ALA CA   C  N S 38  
ALA C    C  N N 39  
ALA O    O  N N 40  
ALA CB   C  N N 41  
ALA OXT  O  N N 42  
ALA H    H  N N 43  
ALA H2   H  N N 44  
ALA HA   H  N N 45  
ALA HB1  H  N N 46  
ALA HB2  H  N N 47  
ALA HB3  H  N N 48  
ALA HXT  H  N N 49  
ARG N    N  N N 50  
ARG CA   C  N S 51  
ARG C    C  N N 52  
ARG O    O  N N 53  
ARG CB   C  N N 54  
ARG CG   C  N N 55  
ARG CD   C  N N 56  
ARG NE   N  N N 57  
ARG CZ   C  N N 58  
ARG NH1  N  N N 59  
ARG NH2  N  N N 60  
ARG OXT  O  N N 61  
ARG H    H  N N 62  
ARG H2   H  N N 63  
ARG HA   H  N N 64  
ARG HB2  H  N N 65  
ARG HB3  H  N N 66  
ARG HG2  H  N N 67  
ARG HG3  H  N N 68  
ARG HD2  H  N N 69  
ARG HD3  H  N N 70  
ARG HE   H  N N 71  
ARG HH11 H  N N 72  
ARG HH12 H  N N 73  
ARG HH21 H  N N 74  
ARG HH22 H  N N 75  
ARG HXT  H  N N 76  
ASN N    N  N N 77  
ASN CA   C  N S 78  
ASN C    C  N N 79  
ASN O    O  N N 80  
ASN CB   C  N N 81  
ASN CG   C  N N 82  
ASN OD1  O  N N 83  
ASN ND2  N  N N 84  
ASN OXT  O  N N 85  
ASN H    H  N N 86  
ASN H2   H  N N 87  
ASN HA   H  N N 88  
ASN HB2  H  N N 89  
ASN HB3  H  N N 90  
ASN HD21 H  N N 91  
ASN HD22 H  N N 92  
ASN HXT  H  N N 93  
ASP N    N  N N 94  
ASP CA   C  N S 95  
ASP C    C  N N 96  
ASP O    O  N N 97  
ASP CB   C  N N 98  
ASP CG   C  N N 99  
ASP OD1  O  N N 100 
ASP OD2  O  N N 101 
ASP OXT  O  N N 102 
ASP H    H  N N 103 
ASP H2   H  N N 104 
ASP HA   H  N N 105 
ASP HB2  H  N N 106 
ASP HB3  H  N N 107 
ASP HD2  H  N N 108 
ASP HXT  H  N N 109 
CA  CA   CA N N 110 
CAC AS   AS N N 111 
CAC O1   O  N N 112 
CAC O2   O  N N 113 
CAC C1   C  N N 114 
CAC C2   C  N N 115 
CAC H11  H  N N 116 
CAC H12  H  N N 117 
CAC H13  H  N N 118 
CAC H21  H  N N 119 
CAC H22  H  N N 120 
CAC H23  H  N N 121 
CYS N    N  N N 122 
CYS CA   C  N R 123 
CYS C    C  N N 124 
CYS O    O  N N 125 
CYS CB   C  N N 126 
CYS SG   S  N N 127 
CYS OXT  O  N N 128 
CYS H    H  N N 129 
CYS H2   H  N N 130 
CYS HA   H  N N 131 
CYS HB2  H  N N 132 
CYS HB3  H  N N 133 
CYS HG   H  N N 134 
CYS HXT  H  N N 135 
GLN N    N  N N 136 
GLN CA   C  N S 137 
GLN C    C  N N 138 
GLN O    O  N N 139 
GLN CB   C  N N 140 
GLN CG   C  N N 141 
GLN CD   C  N N 142 
GLN OE1  O  N N 143 
GLN NE2  N  N N 144 
GLN OXT  O  N N 145 
GLN H    H  N N 146 
GLN H2   H  N N 147 
GLN HA   H  N N 148 
GLN HB2  H  N N 149 
GLN HB3  H  N N 150 
GLN HG2  H  N N 151 
GLN HG3  H  N N 152 
GLN HE21 H  N N 153 
GLN HE22 H  N N 154 
GLN HXT  H  N N 155 
GLU N    N  N N 156 
GLU CA   C  N S 157 
GLU C    C  N N 158 
GLU O    O  N N 159 
GLU CB   C  N N 160 
GLU CG   C  N N 161 
GLU CD   C  N N 162 
GLU OE1  O  N N 163 
GLU OE2  O  N N 164 
GLU OXT  O  N N 165 
GLU H    H  N N 166 
GLU H2   H  N N 167 
GLU HA   H  N N 168 
GLU HB2  H  N N 169 
GLU HB3  H  N N 170 
GLU HG2  H  N N 171 
GLU HG3  H  N N 172 
GLU HE2  H  N N 173 
GLU HXT  H  N N 174 
GLY N    N  N N 175 
GLY CA   C  N N 176 
GLY C    C  N N 177 
GLY O    O  N N 178 
GLY OXT  O  N N 179 
GLY H    H  N N 180 
GLY H2   H  N N 181 
GLY HA2  H  N N 182 
GLY HA3  H  N N 183 
GLY HXT  H  N N 184 
HIS N    N  N N 185 
HIS CA   C  N S 186 
HIS C    C  N N 187 
HIS O    O  N N 188 
HIS CB   C  N N 189 
HIS CG   C  Y N 190 
HIS ND1  N  Y N 191 
HIS CD2  C  Y N 192 
HIS CE1  C  Y N 193 
HIS NE2  N  Y N 194 
HIS OXT  O  N N 195 
HIS H    H  N N 196 
HIS H2   H  N N 197 
HIS HA   H  N N 198 
HIS HB2  H  N N 199 
HIS HB3  H  N N 200 
HIS HD1  H  N N 201 
HIS HD2  H  N N 202 
HIS HE1  H  N N 203 
HIS HE2  H  N N 204 
HIS HXT  H  N N 205 
HOH O    O  N N 206 
HOH H1   H  N N 207 
HOH H2   H  N N 208 
ILE N    N  N N 209 
ILE CA   C  N S 210 
ILE C    C  N N 211 
ILE O    O  N N 212 
ILE CB   C  N S 213 
ILE CG1  C  N N 214 
ILE CG2  C  N N 215 
ILE CD1  C  N N 216 
ILE OXT  O  N N 217 
ILE H    H  N N 218 
ILE H2   H  N N 219 
ILE HA   H  N N 220 
ILE HB   H  N N 221 
ILE HG12 H  N N 222 
ILE HG13 H  N N 223 
ILE HG21 H  N N 224 
ILE HG22 H  N N 225 
ILE HG23 H  N N 226 
ILE HD11 H  N N 227 
ILE HD12 H  N N 228 
ILE HD13 H  N N 229 
ILE HXT  H  N N 230 
LEU N    N  N N 231 
LEU CA   C  N S 232 
LEU C    C  N N 233 
LEU O    O  N N 234 
LEU CB   C  N N 235 
LEU CG   C  N N 236 
LEU CD1  C  N N 237 
LEU CD2  C  N N 238 
LEU OXT  O  N N 239 
LEU H    H  N N 240 
LEU H2   H  N N 241 
LEU HA   H  N N 242 
LEU HB2  H  N N 243 
LEU HB3  H  N N 244 
LEU HG   H  N N 245 
LEU HD11 H  N N 246 
LEU HD12 H  N N 247 
LEU HD13 H  N N 248 
LEU HD21 H  N N 249 
LEU HD22 H  N N 250 
LEU HD23 H  N N 251 
LEU HXT  H  N N 252 
LYS N    N  N N 253 
LYS CA   C  N S 254 
LYS C    C  N N 255 
LYS O    O  N N 256 
LYS CB   C  N N 257 
LYS CG   C  N N 258 
LYS CD   C  N N 259 
LYS CE   C  N N 260 
LYS NZ   N  N N 261 
LYS OXT  O  N N 262 
LYS H    H  N N 263 
LYS H2   H  N N 264 
LYS HA   H  N N 265 
LYS HB2  H  N N 266 
LYS HB3  H  N N 267 
LYS HG2  H  N N 268 
LYS HG3  H  N N 269 
LYS HD2  H  N N 270 
LYS HD3  H  N N 271 
LYS HE2  H  N N 272 
LYS HE3  H  N N 273 
LYS HZ1  H  N N 274 
LYS HZ2  H  N N 275 
LYS HZ3  H  N N 276 
LYS HXT  H  N N 277 
MET N    N  N N 278 
MET CA   C  N S 279 
MET C    C  N N 280 
MET O    O  N N 281 
MET CB   C  N N 282 
MET CG   C  N N 283 
MET SD   S  N N 284 
MET CE   C  N N 285 
MET OXT  O  N N 286 
MET H    H  N N 287 
MET H2   H  N N 288 
MET HA   H  N N 289 
MET HB2  H  N N 290 
MET HB3  H  N N 291 
MET HG2  H  N N 292 
MET HG3  H  N N 293 
MET HE1  H  N N 294 
MET HE2  H  N N 295 
MET HE3  H  N N 296 
MET HXT  H  N N 297 
PHE N    N  N N 298 
PHE CA   C  N S 299 
PHE C    C  N N 300 
PHE O    O  N N 301 
PHE CB   C  N N 302 
PHE CG   C  Y N 303 
PHE CD1  C  Y N 304 
PHE CD2  C  Y N 305 
PHE CE1  C  Y N 306 
PHE CE2  C  Y N 307 
PHE CZ   C  Y N 308 
PHE OXT  O  N N 309 
PHE H    H  N N 310 
PHE H2   H  N N 311 
PHE HA   H  N N 312 
PHE HB2  H  N N 313 
PHE HB3  H  N N 314 
PHE HD1  H  N N 315 
PHE HD2  H  N N 316 
PHE HE1  H  N N 317 
PHE HE2  H  N N 318 
PHE HZ   H  N N 319 
PHE HXT  H  N N 320 
SER N    N  N N 321 
SER CA   C  N S 322 
SER C    C  N N 323 
SER O    O  N N 324 
SER CB   C  N N 325 
SER OG   O  N N 326 
SER OXT  O  N N 327 
SER H    H  N N 328 
SER H2   H  N N 329 
SER HA   H  N N 330 
SER HB2  H  N N 331 
SER HB3  H  N N 332 
SER HG   H  N N 333 
SER HXT  H  N N 334 
THR N    N  N N 335 
THR CA   C  N S 336 
THR C    C  N N 337 
THR O    O  N N 338 
THR CB   C  N R 339 
THR OG1  O  N N 340 
THR CG2  C  N N 341 
THR OXT  O  N N 342 
THR H    H  N N 343 
THR H2   H  N N 344 
THR HA   H  N N 345 
THR HB   H  N N 346 
THR HG1  H  N N 347 
THR HG21 H  N N 348 
THR HG22 H  N N 349 
THR HG23 H  N N 350 
THR HXT  H  N N 351 
TYR N    N  N N 352 
TYR CA   C  N S 353 
TYR C    C  N N 354 
TYR O    O  N N 355 
TYR CB   C  N N 356 
TYR CG   C  Y N 357 
TYR CD1  C  Y N 358 
TYR CD2  C  Y N 359 
TYR CE1  C  Y N 360 
TYR CE2  C  Y N 361 
TYR CZ   C  Y N 362 
TYR OH   O  N N 363 
TYR OXT  O  N N 364 
TYR H    H  N N 365 
TYR H2   H  N N 366 
TYR HA   H  N N 367 
TYR HB2  H  N N 368 
TYR HB3  H  N N 369 
TYR HD1  H  N N 370 
TYR HD2  H  N N 371 
TYR HE1  H  N N 372 
TYR HE2  H  N N 373 
TYR HH   H  N N 374 
TYR HXT  H  N N 375 
VAL N    N  N N 376 
VAL CA   C  N S 377 
VAL C    C  N N 378 
VAL O    O  N N 379 
VAL CB   C  N N 380 
VAL CG1  C  N N 381 
VAL CG2  C  N N 382 
VAL OXT  O  N N 383 
VAL H    H  N N 384 
VAL H2   H  N N 385 
VAL HA   H  N N 386 
VAL HB   H  N N 387 
VAL HG11 H  N N 388 
VAL HG12 H  N N 389 
VAL HG13 H  N N 390 
VAL HG21 H  N N 391 
VAL HG22 H  N N 392 
VAL HG23 H  N N 393 
VAL HXT  H  N N 394 
# 
loop_
_chem_comp_bond.comp_id 
_chem_comp_bond.atom_id_1 
_chem_comp_bond.atom_id_2 
_chem_comp_bond.value_order 
_chem_comp_bond.pdbx_aromatic_flag 
_chem_comp_bond.pdbx_stereo_config 
_chem_comp_bond.pdbx_ordinal 
32A C1  C2   sing N N 1   
32A C1  C5   doub Y N 2   
32A C1  O1   sing Y N 3   
32A C2  N1   sing N N 4   
32A C2  O2   doub N N 5   
32A C3  N2   sing N N 6   
32A C3  N3   sing N N 7   
32A C3  S1   doub N N 8   
32A C4  C6   sing N N 9   
32A C4  C8   doub Y N 10  
32A C4  O1   sing Y N 11  
32A C5  C8   sing Y N 12  
32A C6  C7   trip N N 13  
32A C7  C9   sing N N 14  
32A N1  N2   sing N N 15  
32A N3  C10  sing N N 16  
32A C9  C11  sing N N 17  
32A C11 C12  sing N N 18  
32A C12 C13  sing N N 19  
32A C5  H5   sing N N 20  
32A N1  HN1  sing N N 21  
32A N2  HN2  sing N N 22  
32A N3  HN3  sing N N 23  
32A C9  H9   sing N N 24  
32A C9  H9A  sing N N 25  
32A C8  H8   sing N N 26  
32A C10 H10  sing N N 27  
32A C10 H10A sing N N 28  
32A C10 H10B sing N N 29  
32A C11 H11  sing N N 30  
32A C11 H11A sing N N 31  
32A C12 H12  sing N N 32  
32A C12 H12A sing N N 33  
32A C13 H13  sing N N 34  
32A C13 H13A sing N N 35  
32A C13 H13B sing N N 36  
ALA N   CA   sing N N 37  
ALA N   H    sing N N 38  
ALA N   H2   sing N N 39  
ALA CA  C    sing N N 40  
ALA CA  CB   sing N N 41  
ALA CA  HA   sing N N 42  
ALA C   O    doub N N 43  
ALA C   OXT  sing N N 44  
ALA CB  HB1  sing N N 45  
ALA CB  HB2  sing N N 46  
ALA CB  HB3  sing N N 47  
ALA OXT HXT  sing N N 48  
ARG N   CA   sing N N 49  
ARG N   H    sing N N 50  
ARG N   H2   sing N N 51  
ARG CA  C    sing N N 52  
ARG CA  CB   sing N N 53  
ARG CA  HA   sing N N 54  
ARG C   O    doub N N 55  
ARG C   OXT  sing N N 56  
ARG CB  CG   sing N N 57  
ARG CB  HB2  sing N N 58  
ARG CB  HB3  sing N N 59  
ARG CG  CD   sing N N 60  
ARG CG  HG2  sing N N 61  
ARG CG  HG3  sing N N 62  
ARG CD  NE   sing N N 63  
ARG CD  HD2  sing N N 64  
ARG CD  HD3  sing N N 65  
ARG NE  CZ   sing N N 66  
ARG NE  HE   sing N N 67  
ARG CZ  NH1  sing N N 68  
ARG CZ  NH2  doub N N 69  
ARG NH1 HH11 sing N N 70  
ARG NH1 HH12 sing N N 71  
ARG NH2 HH21 sing N N 72  
ARG NH2 HH22 sing N N 73  
ARG OXT HXT  sing N N 74  
ASN N   CA   sing N N 75  
ASN N   H    sing N N 76  
ASN N   H2   sing N N 77  
ASN CA  C    sing N N 78  
ASN CA  CB   sing N N 79  
ASN CA  HA   sing N N 80  
ASN C   O    doub N N 81  
ASN C   OXT  sing N N 82  
ASN CB  CG   sing N N 83  
ASN CB  HB2  sing N N 84  
ASN CB  HB3  sing N N 85  
ASN CG  OD1  doub N N 86  
ASN CG  ND2  sing N N 87  
ASN ND2 HD21 sing N N 88  
ASN ND2 HD22 sing N N 89  
ASN OXT HXT  sing N N 90  
ASP N   CA   sing N N 91  
ASP N   H    sing N N 92  
ASP N   H2   sing N N 93  
ASP CA  C    sing N N 94  
ASP CA  CB   sing N N 95  
ASP CA  HA   sing N N 96  
ASP C   O    doub N N 97  
ASP C   OXT  sing N N 98  
ASP CB  CG   sing N N 99  
ASP CB  HB2  sing N N 100 
ASP CB  HB3  sing N N 101 
ASP CG  OD1  doub N N 102 
ASP CG  OD2  sing N N 103 
ASP OD2 HD2  sing N N 104 
ASP OXT HXT  sing N N 105 
CAC AS  O1   doub N N 106 
CAC AS  O2   sing N N 107 
CAC AS  C1   sing N N 108 
CAC AS  C2   sing N N 109 
CAC C1  H11  sing N N 110 
CAC C1  H12  sing N N 111 
CAC C1  H13  sing N N 112 
CAC C2  H21  sing N N 113 
CAC C2  H22  sing N N 114 
CAC C2  H23  sing N N 115 
CYS N   CA   sing N N 116 
CYS N   H    sing N N 117 
CYS N   H2   sing N N 118 
CYS CA  C    sing N N 119 
CYS CA  CB   sing N N 120 
CYS CA  HA   sing N N 121 
CYS C   O    doub N N 122 
CYS C   OXT  sing N N 123 
CYS CB  SG   sing N N 124 
CYS CB  HB2  sing N N 125 
CYS CB  HB3  sing N N 126 
CYS SG  HG   sing N N 127 
CYS OXT HXT  sing N N 128 
GLN N   CA   sing N N 129 
GLN N   H    sing N N 130 
GLN N   H2   sing N N 131 
GLN CA  C    sing N N 132 
GLN CA  CB   sing N N 133 
GLN CA  HA   sing N N 134 
GLN C   O    doub N N 135 
GLN C   OXT  sing N N 136 
GLN CB  CG   sing N N 137 
GLN CB  HB2  sing N N 138 
GLN CB  HB3  sing N N 139 
GLN CG  CD   sing N N 140 
GLN CG  HG2  sing N N 141 
GLN CG  HG3  sing N N 142 
GLN CD  OE1  doub N N 143 
GLN CD  NE2  sing N N 144 
GLN NE2 HE21 sing N N 145 
GLN NE2 HE22 sing N N 146 
GLN OXT HXT  sing N N 147 
GLU N   CA   sing N N 148 
GLU N   H    sing N N 149 
GLU N   H2   sing N N 150 
GLU CA  C    sing N N 151 
GLU CA  CB   sing N N 152 
GLU CA  HA   sing N N 153 
GLU C   O    doub N N 154 
GLU C   OXT  sing N N 155 
GLU CB  CG   sing N N 156 
GLU CB  HB2  sing N N 157 
GLU CB  HB3  sing N N 158 
GLU CG  CD   sing N N 159 
GLU CG  HG2  sing N N 160 
GLU CG  HG3  sing N N 161 
GLU CD  OE1  doub N N 162 
GLU CD  OE2  sing N N 163 
GLU OE2 HE2  sing N N 164 
GLU OXT HXT  sing N N 165 
GLY N   CA   sing N N 166 
GLY N   H    sing N N 167 
GLY N   H2   sing N N 168 
GLY CA  C    sing N N 169 
GLY CA  HA2  sing N N 170 
GLY CA  HA3  sing N N 171 
GLY C   O    doub N N 172 
GLY C   OXT  sing N N 173 
GLY OXT HXT  sing N N 174 
HIS N   CA   sing N N 175 
HIS N   H    sing N N 176 
HIS N   H2   sing N N 177 
HIS CA  C    sing N N 178 
HIS CA  CB   sing N N 179 
HIS CA  HA   sing N N 180 
HIS C   O    doub N N 181 
HIS C   OXT  sing N N 182 
HIS CB  CG   sing N N 183 
HIS CB  HB2  sing N N 184 
HIS CB  HB3  sing N N 185 
HIS CG  ND1  sing Y N 186 
HIS CG  CD2  doub Y N 187 
HIS ND1 CE1  doub Y N 188 
HIS ND1 HD1  sing N N 189 
HIS CD2 NE2  sing Y N 190 
HIS CD2 HD2  sing N N 191 
HIS CE1 NE2  sing Y N 192 
HIS CE1 HE1  sing N N 193 
HIS NE2 HE2  sing N N 194 
HIS OXT HXT  sing N N 195 
HOH O   H1   sing N N 196 
HOH O   H2   sing N N 197 
ILE N   CA   sing N N 198 
ILE N   H    sing N N 199 
ILE N   H2   sing N N 200 
ILE CA  C    sing N N 201 
ILE CA  CB   sing N N 202 
ILE CA  HA   sing N N 203 
ILE C   O    doub N N 204 
ILE C   OXT  sing N N 205 
ILE CB  CG1  sing N N 206 
ILE CB  CG2  sing N N 207 
ILE CB  HB   sing N N 208 
ILE CG1 CD1  sing N N 209 
ILE CG1 HG12 sing N N 210 
ILE CG1 HG13 sing N N 211 
ILE CG2 HG21 sing N N 212 
ILE CG2 HG22 sing N N 213 
ILE CG2 HG23 sing N N 214 
ILE CD1 HD11 sing N N 215 
ILE CD1 HD12 sing N N 216 
ILE CD1 HD13 sing N N 217 
ILE OXT HXT  sing N N 218 
LEU N   CA   sing N N 219 
LEU N   H    sing N N 220 
LEU N   H2   sing N N 221 
LEU CA  C    sing N N 222 
LEU CA  CB   sing N N 223 
LEU CA  HA   sing N N 224 
LEU C   O    doub N N 225 
LEU C   OXT  sing N N 226 
LEU CB  CG   sing N N 227 
LEU CB  HB2  sing N N 228 
LEU CB  HB3  sing N N 229 
LEU CG  CD1  sing N N 230 
LEU CG  CD2  sing N N 231 
LEU CG  HG   sing N N 232 
LEU CD1 HD11 sing N N 233 
LEU CD1 HD12 sing N N 234 
LEU CD1 HD13 sing N N 235 
LEU CD2 HD21 sing N N 236 
LEU CD2 HD22 sing N N 237 
LEU CD2 HD23 sing N N 238 
LEU OXT HXT  sing N N 239 
LYS N   CA   sing N N 240 
LYS N   H    sing N N 241 
LYS N   H2   sing N N 242 
LYS CA  C    sing N N 243 
LYS CA  CB   sing N N 244 
LYS CA  HA   sing N N 245 
LYS C   O    doub N N 246 
LYS C   OXT  sing N N 247 
LYS CB  CG   sing N N 248 
LYS CB  HB2  sing N N 249 
LYS CB  HB3  sing N N 250 
LYS CG  CD   sing N N 251 
LYS CG  HG2  sing N N 252 
LYS CG  HG3  sing N N 253 
LYS CD  CE   sing N N 254 
LYS CD  HD2  sing N N 255 
LYS CD  HD3  sing N N 256 
LYS CE  NZ   sing N N 257 
LYS CE  HE2  sing N N 258 
LYS CE  HE3  sing N N 259 
LYS NZ  HZ1  sing N N 260 
LYS NZ  HZ2  sing N N 261 
LYS NZ  HZ3  sing N N 262 
LYS OXT HXT  sing N N 263 
MET N   CA   sing N N 264 
MET N   H    sing N N 265 
MET N   H2   sing N N 266 
MET CA  C    sing N N 267 
MET CA  CB   sing N N 268 
MET CA  HA   sing N N 269 
MET C   O    doub N N 270 
MET C   OXT  sing N N 271 
MET CB  CG   sing N N 272 
MET CB  HB2  sing N N 273 
MET CB  HB3  sing N N 274 
MET CG  SD   sing N N 275 
MET CG  HG2  sing N N 276 
MET CG  HG3  sing N N 277 
MET SD  CE   sing N N 278 
MET CE  HE1  sing N N 279 
MET CE  HE2  sing N N 280 
MET CE  HE3  sing N N 281 
MET OXT HXT  sing N N 282 
PHE N   CA   sing N N 283 
PHE N   H    sing N N 284 
PHE N   H2   sing N N 285 
PHE CA  C    sing N N 286 
PHE CA  CB   sing N N 287 
PHE CA  HA   sing N N 288 
PHE C   O    doub N N 289 
PHE C   OXT  sing N N 290 
PHE CB  CG   sing N N 291 
PHE CB  HB2  sing N N 292 
PHE CB  HB3  sing N N 293 
PHE CG  CD1  doub Y N 294 
PHE CG  CD2  sing Y N 295 
PHE CD1 CE1  sing Y N 296 
PHE CD1 HD1  sing N N 297 
PHE CD2 CE2  doub Y N 298 
PHE CD2 HD2  sing N N 299 
PHE CE1 CZ   doub Y N 300 
PHE CE1 HE1  sing N N 301 
PHE CE2 CZ   sing Y N 302 
PHE CE2 HE2  sing N N 303 
PHE CZ  HZ   sing N N 304 
PHE OXT HXT  sing N N 305 
SER N   CA   sing N N 306 
SER N   H    sing N N 307 
SER N   H2   sing N N 308 
SER CA  C    sing N N 309 
SER CA  CB   sing N N 310 
SER CA  HA   sing N N 311 
SER C   O    doub N N 312 
SER C   OXT  sing N N 313 
SER CB  OG   sing N N 314 
SER CB  HB2  sing N N 315 
SER CB  HB3  sing N N 316 
SER OG  HG   sing N N 317 
SER OXT HXT  sing N N 318 
THR N   CA   sing N N 319 
THR N   H    sing N N 320 
THR N   H2   sing N N 321 
THR CA  C    sing N N 322 
THR CA  CB   sing N N 323 
THR CA  HA   sing N N 324 
THR C   O    doub N N 325 
THR C   OXT  sing N N 326 
THR CB  OG1  sing N N 327 
THR CB  CG2  sing N N 328 
THR CB  HB   sing N N 329 
THR OG1 HG1  sing N N 330 
THR CG2 HG21 sing N N 331 
THR CG2 HG22 sing N N 332 
THR CG2 HG23 sing N N 333 
THR OXT HXT  sing N N 334 
TYR N   CA   sing N N 335 
TYR N   H    sing N N 336 
TYR N   H2   sing N N 337 
TYR CA  C    sing N N 338 
TYR CA  CB   sing N N 339 
TYR CA  HA   sing N N 340 
TYR C   O    doub N N 341 
TYR C   OXT  sing N N 342 
TYR CB  CG   sing N N 343 
TYR CB  HB2  sing N N 344 
TYR CB  HB3  sing N N 345 
TYR CG  CD1  doub Y N 346 
TYR CG  CD2  sing Y N 347 
TYR CD1 CE1  sing Y N 348 
TYR CD1 HD1  sing N N 349 
TYR CD2 CE2  doub Y N 350 
TYR CD2 HD2  sing N N 351 
TYR CE1 CZ   doub Y N 352 
TYR CE1 HE1  sing N N 353 
TYR CE2 CZ   sing Y N 354 
TYR CE2 HE2  sing N N 355 
TYR CZ  OH   sing N N 356 
TYR OH  HH   sing N N 357 
TYR OXT HXT  sing N N 358 
VAL N   CA   sing N N 359 
VAL N   H    sing N N 360 
VAL N   H2   sing N N 361 
VAL CA  C    sing N N 362 
VAL CA  CB   sing N N 363 
VAL CA  HA   sing N N 364 
VAL C   O    doub N N 365 
VAL C   OXT  sing N N 366 
VAL CB  CG1  sing N N 367 
VAL CB  CG2  sing N N 368 
VAL CB  HB   sing N N 369 
VAL CG1 HG11 sing N N 370 
VAL CG1 HG12 sing N N 371 
VAL CG1 HG13 sing N N 372 
VAL CG2 HG21 sing N N 373 
VAL CG2 HG22 sing N N 374 
VAL CG2 HG23 sing N N 375 
VAL OXT HXT  sing N N 376 
# 
loop_
_pdbx_entity_nonpoly.entity_id 
_pdbx_entity_nonpoly.name 
_pdbx_entity_nonpoly.comp_id 
2 'CALCIUM ION'                                                             CA  
3 '2-[(5-hex-1-yn-1-ylfuran-2-yl)carbonyl]-N-methylhydrazinecarbothioamide' 32A 
4 'CACODYLATE ION'                                                          CAC 
5 water                                                                     HOH 
# 
_pdbx_initial_refinement_model.id               1 
_pdbx_initial_refinement_model.entity_id_list   ? 
_pdbx_initial_refinement_model.type             'experimental model' 
_pdbx_initial_refinement_model.source_name      PDB 
_pdbx_initial_refinement_model.accession_code   1MHO 
_pdbx_initial_refinement_model.details          'PDB ENTRY 1MHO' 
# 
